data_5TUD
#
_entry.id   5TUD
#
_cell.length_a   71.290
_cell.length_b   118.860
_cell.length_c   145.380
_cell.angle_alpha   90.00
_cell.angle_beta   90.37
_cell.angle_gamma   90.00
#
_symmetry.space_group_name_H-M   'P 1 21 1'
#
loop_
_entity.id
_entity.type
_entity.pdbx_description
1 polymer '5-hydroxytryptamine receptor 2B,Soluble cytochrome b562 chimera'
2 polymer 'Anti-5-HT2B Fab light chain'
3 polymer 'Anti-5-HT2B Fab heavy chain'
4 non-polymer Ergotamine
#
loop_
_entity_poly.entity_id
_entity_poly.type
_entity_poly.pdbx_seq_one_letter_code
_entity_poly.pdbx_strand_id
1 'polypeptide(L)'
;MKTIIALSYIFCLVFADYKDDDDGAPTESIPEEMKQIVEEQGNKLHWAALLILMVIIPTIGGNTLVILAVSLEKKLQYAT
NYFLMSLAVADLLVGLFVMPIALLTIMFEAMWPLPLVLCPAWLFLDVLFSTASIWHLCAISVDRYIAIKKPIQANQYNSR
ATAFIKITVVWLISIGIAIPVPIKGIETDVDNPNNITCVLTKERFGDFMLFGSLAAFFTPLAIMIVTYFLTIHALQKKAA
DLEDNWETLNDNLKVIEKADNAAQVKDALTKMRAAALDAQKATPPKLEDKSPDSPEMKDFRHGFDILVGQIDDALKLANE
GKVKEAQAAAEQLKTTRNAYIQKYLQTISNEQRASKVLGIVFFLFLLMWCPFFITNITLVLCDSCNQTTLQMLLEIFVWI
GYVSSGVNPLVYTLFNKTFRDAFGRYITCNYRATKSVGRPLEVLFQGPHHHHHHHHH
;
A,D
2 'polypeptide(L)'
;DIVLIQSPAIMSASPGEKVTITCSASSSVSYMHWFQQKPGTSPKLWIYSTSNLASGVPARFSGSGSGTSYSLTISRMEAE
DAATYYCQQRSSYPLTFGAGTKLEIKRTVAAPSVFIFPPSDEQLKSGTASVVCLLNNFYPREAKVQWKVDNALQSGNSQE
SVTEQDSKDSTYSLSSTLTLSKADYEKHKVYACEVTHQGLSLPVTKSFNRGEC
;
B,E
3 'polypeptide(L)'
;EVQLQQSGPELVKPGASVKLSCKASGYTFTSSWMHWVKQRPGQGLEWIGNIYPSNGGTNYNERFKSKATLTVDRSSNTAY
MQLSSLTSEDSAVYFCARFGSFITTILTTYYNPVDYWGQGTTLTVSSASTKGPSVFPLAPSSKSTSGGTAALGCLVKDYF
PEPVTVSWNSGALTSGVHTFPAVLQSSGLYSLSSVVTVPSSSLGTQTYICNVNHKPSNTKVDKKVEPKSCHHHHHH
;
C,F
#
# COMPACT_ATOMS: atom_id res chain seq x y z
N LEU A 45 -1.40 -30.15 -10.18
CA LEU A 45 -2.13 -29.00 -9.64
C LEU A 45 -3.48 -29.45 -9.10
N HIS A 46 -4.05 -30.48 -9.71
CA HIS A 46 -5.27 -31.10 -9.19
C HIS A 46 -5.00 -31.97 -7.96
N TRP A 47 -3.74 -32.06 -7.52
CA TRP A 47 -3.40 -32.91 -6.38
C TRP A 47 -3.94 -32.34 -5.08
N ALA A 48 -4.00 -31.01 -4.96
CA ALA A 48 -4.54 -30.41 -3.74
C ALA A 48 -5.93 -30.94 -3.44
N ALA A 49 -6.73 -31.21 -4.48
CA ALA A 49 -8.03 -31.83 -4.28
C ALA A 49 -7.92 -33.18 -3.59
N LEU A 50 -6.76 -33.82 -3.63
CA LEU A 50 -6.54 -35.05 -2.89
C LEU A 50 -6.80 -34.83 -1.41
N LEU A 51 -5.99 -33.97 -0.77
CA LEU A 51 -6.13 -33.74 0.66
C LEU A 51 -7.47 -33.10 1.00
N ILE A 52 -7.95 -32.19 0.15
CA ILE A 52 -9.26 -31.58 0.37
C ILE A 52 -10.33 -32.66 0.45
N LEU A 53 -10.20 -33.72 -0.35
CA LEU A 53 -11.16 -34.80 -0.32
C LEU A 53 -10.96 -35.70 0.90
N MET A 54 -9.72 -35.82 1.39
CA MET A 54 -9.49 -36.54 2.62
C MET A 54 -10.00 -35.78 3.84
N VAL A 55 -10.48 -34.56 3.65
CA VAL A 55 -11.19 -33.85 4.71
C VAL A 55 -12.70 -34.10 4.62
N ILE A 56 -13.20 -34.41 3.43
CA ILE A 56 -14.63 -34.65 3.25
C ILE A 56 -15.02 -36.02 3.80
N ILE A 57 -14.17 -37.03 3.58
CA ILE A 57 -14.51 -38.39 4.02
C ILE A 57 -14.72 -38.44 5.54
N PRO A 58 -13.80 -37.94 6.37
CA PRO A 58 -14.07 -37.98 7.82
C PRO A 58 -15.33 -37.23 8.21
N THR A 59 -15.59 -36.07 7.59
CA THR A 59 -16.78 -35.30 7.92
C THR A 59 -18.04 -36.12 7.64
N ILE A 60 -18.12 -36.76 6.48
CA ILE A 60 -19.25 -37.63 6.18
C ILE A 60 -19.23 -38.84 7.10
N GLY A 61 -18.11 -39.54 7.17
CA GLY A 61 -17.99 -40.72 8.00
C GLY A 61 -18.17 -40.44 9.47
N GLY A 62 -17.36 -39.53 10.01
CA GLY A 62 -17.41 -39.24 11.44
C GLY A 62 -18.80 -38.89 11.92
N ASN A 63 -19.45 -37.93 11.25
CA ASN A 63 -20.79 -37.52 11.66
C ASN A 63 -21.83 -38.60 11.42
N THR A 64 -21.58 -39.52 10.48
CA THR A 64 -22.52 -40.62 10.25
C THR A 64 -22.42 -41.67 11.35
N LEU A 65 -21.23 -41.84 11.94
CA LEU A 65 -21.08 -42.79 13.05
C LEU A 65 -21.78 -42.29 14.30
N VAL A 66 -21.79 -40.97 14.52
CA VAL A 66 -22.52 -40.42 15.67
C VAL A 66 -24.01 -40.66 15.52
N ILE A 67 -24.55 -40.45 14.33
CA ILE A 67 -25.97 -40.69 14.09
C ILE A 67 -26.30 -42.16 14.27
N LEU A 68 -25.44 -43.05 13.77
CA LEU A 68 -25.66 -44.48 13.93
C LEU A 68 -25.50 -44.93 15.37
N ALA A 69 -24.70 -44.20 16.16
CA ALA A 69 -24.47 -44.59 17.54
C ALA A 69 -25.67 -44.27 18.43
N VAL A 70 -26.25 -43.08 18.25
CA VAL A 70 -27.35 -42.67 19.12
C VAL A 70 -28.65 -43.35 18.74
N SER A 71 -28.85 -43.65 17.46
CA SER A 71 -30.10 -44.24 16.99
C SER A 71 -30.13 -45.76 17.10
N LEU A 72 -28.98 -46.40 17.35
CA LEU A 72 -28.91 -47.86 17.43
C LEU A 72 -28.49 -48.38 18.80
N GLU A 73 -27.80 -47.57 19.61
CA GLU A 73 -27.33 -48.01 20.92
C GLU A 73 -28.37 -47.62 21.97
N LYS A 74 -28.93 -48.62 22.64
CA LYS A 74 -29.95 -48.37 23.66
C LYS A 74 -29.38 -47.70 24.90
N LYS A 75 -28.07 -47.78 25.11
CA LYS A 75 -27.44 -47.20 26.29
C LYS A 75 -26.97 -45.76 26.06
N LEU A 76 -27.25 -45.18 24.89
CA LEU A 76 -26.80 -43.84 24.57
C LEU A 76 -27.95 -42.88 24.31
N GLN A 77 -29.20 -43.30 24.52
CA GLN A 77 -30.36 -42.47 24.22
C GLN A 77 -30.82 -41.71 25.46
N TYR A 78 -29.93 -40.84 25.95
CA TYR A 78 -30.27 -39.89 26.99
C TYR A 78 -30.31 -38.48 26.40
N ALA A 79 -30.89 -37.56 27.17
CA ALA A 79 -31.26 -36.26 26.65
C ALA A 79 -30.09 -35.54 25.97
N THR A 80 -29.01 -35.32 26.72
CA THR A 80 -27.92 -34.49 26.22
C THR A 80 -27.28 -35.03 24.95
N ASN A 81 -27.56 -36.29 24.59
CA ASN A 81 -27.05 -36.84 23.32
C ASN A 81 -27.95 -36.53 22.14
N TYR A 82 -29.27 -36.43 22.37
CA TYR A 82 -30.16 -36.04 21.28
C TYR A 82 -29.81 -34.67 20.74
N PHE A 83 -29.21 -33.81 21.57
CA PHE A 83 -28.76 -32.50 21.10
C PHE A 83 -27.41 -32.58 20.40
N LEU A 84 -26.54 -33.49 20.85
CA LEU A 84 -25.27 -33.71 20.16
C LEU A 84 -25.47 -34.39 18.82
N MET A 85 -26.51 -35.21 18.70
CA MET A 85 -26.84 -35.82 17.43
C MET A 85 -27.20 -34.78 16.39
N SER A 86 -27.85 -33.69 16.81
CA SER A 86 -28.23 -32.63 15.88
C SER A 86 -27.01 -31.88 15.37
N LEU A 87 -26.00 -31.70 16.22
CA LEU A 87 -24.76 -31.07 15.76
C LEU A 87 -24.10 -31.91 14.68
N ALA A 88 -24.17 -33.24 14.80
CA ALA A 88 -23.59 -34.10 13.77
C ALA A 88 -24.39 -34.03 12.47
N VAL A 89 -25.71 -33.84 12.56
CA VAL A 89 -26.52 -33.69 11.35
C VAL A 89 -26.05 -32.46 10.57
N ALA A 90 -26.02 -31.30 11.23
CA ALA A 90 -25.53 -30.10 10.57
C ALA A 90 -24.12 -30.32 10.02
N ASP A 91 -23.24 -30.87 10.84
CA ASP A 91 -21.87 -31.15 10.39
C ASP A 91 -21.85 -32.17 9.26
N LEU A 92 -22.84 -33.08 9.23
CA LEU A 92 -22.91 -34.04 8.14
C LEU A 92 -23.40 -33.38 6.86
N LEU A 93 -24.52 -32.64 6.95
CA LEU A 93 -25.09 -32.03 5.77
C LEU A 93 -24.14 -31.01 5.15
N VAL A 94 -23.33 -30.34 5.97
CA VAL A 94 -22.36 -29.39 5.43
C VAL A 94 -21.19 -30.10 4.76
N GLY A 95 -20.90 -31.33 5.16
CA GLY A 95 -19.88 -32.13 4.50
C GLY A 95 -20.40 -32.94 3.34
N LEU A 96 -21.72 -33.04 3.19
CA LEU A 96 -22.35 -33.83 2.15
C LEU A 96 -22.96 -32.99 1.04
N PHE A 97 -23.41 -31.77 1.34
CA PHE A 97 -24.00 -30.87 0.36
C PHE A 97 -23.15 -29.64 0.09
N VAL A 98 -22.59 -29.03 1.13
CA VAL A 98 -21.82 -27.80 0.96
C VAL A 98 -20.39 -28.12 0.51
N MET A 99 -19.70 -28.95 1.29
CA MET A 99 -18.28 -29.19 1.04
C MET A 99 -18.01 -29.81 -0.33
N PRO A 100 -18.78 -30.79 -0.79
CA PRO A 100 -18.48 -31.38 -2.12
C PRO A 100 -18.64 -30.38 -3.26
N ILE A 101 -19.74 -29.61 -3.27
CA ILE A 101 -19.94 -28.64 -4.34
C ILE A 101 -18.90 -27.53 -4.27
N ALA A 102 -18.49 -27.15 -3.05
CA ALA A 102 -17.42 -26.18 -2.90
C ALA A 102 -16.11 -26.66 -3.49
N LEU A 103 -15.95 -27.98 -3.65
CA LEU A 103 -14.73 -28.52 -4.25
C LEU A 103 -14.68 -28.25 -5.74
N LEU A 104 -15.84 -28.18 -6.40
CA LEU A 104 -15.86 -27.96 -7.85
C LEU A 104 -15.43 -26.54 -8.20
N THR A 105 -15.79 -25.56 -7.37
CA THR A 105 -15.46 -24.17 -7.68
C THR A 105 -13.95 -23.94 -7.66
N ILE A 106 -13.21 -24.72 -6.87
CA ILE A 106 -11.75 -24.59 -6.86
C ILE A 106 -11.18 -25.13 -8.16
N MET A 107 -11.78 -26.18 -8.70
CA MET A 107 -11.30 -26.77 -9.95
C MET A 107 -11.81 -25.99 -11.16
N PHE A 108 -13.10 -25.65 -11.16
CA PHE A 108 -13.70 -24.89 -12.26
C PHE A 108 -13.76 -23.42 -11.84
N GLU A 109 -12.65 -22.73 -12.02
CA GLU A 109 -12.58 -21.33 -11.65
C GLU A 109 -13.43 -20.49 -12.60
N ALA A 110 -14.19 -19.56 -12.02
CA ALA A 110 -15.08 -18.69 -12.79
C ALA A 110 -16.13 -19.50 -13.55
N MET A 111 -16.56 -20.62 -12.98
CA MET A 111 -17.59 -21.46 -13.59
C MET A 111 -18.50 -21.99 -12.49
N TRP A 112 -19.71 -22.38 -12.90
CA TRP A 112 -20.70 -22.92 -11.98
C TRP A 112 -21.35 -24.13 -12.66
N PRO A 113 -20.90 -25.35 -12.34
CA PRO A 113 -21.40 -26.52 -13.08
C PRO A 113 -22.88 -26.77 -12.92
N LEU A 114 -23.42 -26.57 -11.73
CA LEU A 114 -24.83 -26.81 -11.49
C LEU A 114 -25.67 -25.73 -12.17
N PRO A 115 -26.99 -25.93 -12.25
CA PRO A 115 -27.85 -24.85 -12.76
C PRO A 115 -27.68 -23.58 -11.95
N LEU A 116 -27.85 -22.45 -12.63
CA LEU A 116 -27.69 -21.16 -11.98
C LEU A 116 -28.72 -20.94 -10.87
N VAL A 117 -29.85 -21.63 -10.92
CA VAL A 117 -30.86 -21.49 -9.89
C VAL A 117 -30.36 -22.06 -8.56
N LEU A 118 -29.45 -23.03 -8.62
CA LEU A 118 -28.94 -23.70 -7.43
C LEU A 118 -27.76 -22.97 -6.78
N CYS A 119 -27.24 -21.92 -7.41
CA CYS A 119 -26.19 -21.13 -6.76
C CYS A 119 -26.71 -20.45 -5.49
N PRO A 120 -27.79 -19.68 -5.52
CA PRO A 120 -28.32 -19.13 -4.26
C PRO A 120 -28.79 -20.19 -3.29
N ALA A 121 -29.14 -21.39 -3.78
CA ALA A 121 -29.52 -22.47 -2.89
C ALA A 121 -28.32 -23.05 -2.16
N TRP A 122 -27.22 -23.27 -2.87
CA TRP A 122 -26.01 -23.79 -2.23
C TRP A 122 -25.47 -22.80 -1.20
N LEU A 123 -25.56 -21.51 -1.49
CA LEU A 123 -25.11 -20.50 -0.53
C LEU A 123 -26.02 -20.46 0.69
N PHE A 124 -27.31 -20.74 0.51
CA PHE A 124 -28.23 -20.80 1.65
C PHE A 124 -27.83 -21.89 2.63
N LEU A 125 -27.39 -23.04 2.11
CA LEU A 125 -27.01 -24.15 2.97
C LEU A 125 -25.63 -23.98 3.57
N ASP A 126 -24.75 -23.17 2.94
CA ASP A 126 -23.45 -22.92 3.53
C ASP A 126 -23.57 -22.17 4.85
N VAL A 127 -24.43 -21.15 4.88
CA VAL A 127 -24.62 -20.37 6.11
C VAL A 127 -25.49 -21.14 7.10
N LEU A 128 -26.54 -21.78 6.61
CA LEU A 128 -27.48 -22.50 7.46
C LEU A 128 -26.74 -23.53 8.31
N PHE A 129 -26.20 -24.57 7.67
CA PHE A 129 -25.55 -25.64 8.40
C PHE A 129 -24.34 -25.17 9.20
N SER A 130 -23.72 -24.06 8.78
CA SER A 130 -22.60 -23.52 9.55
C SER A 130 -23.08 -22.80 10.80
N THR A 131 -24.02 -21.87 10.64
CA THR A 131 -24.57 -21.18 11.81
C THR A 131 -25.16 -22.16 12.81
N ALA A 132 -25.83 -23.20 12.32
CA ALA A 132 -26.36 -24.23 13.22
C ALA A 132 -25.24 -24.92 13.95
N SER A 133 -24.18 -25.30 13.24
CA SER A 133 -23.04 -25.95 13.88
C SER A 133 -22.45 -25.06 14.97
N ILE A 134 -22.35 -23.76 14.70
CA ILE A 134 -21.76 -22.84 15.68
C ILE A 134 -22.66 -22.70 16.89
N TRP A 135 -23.96 -22.49 16.68
CA TRP A 135 -24.87 -22.28 17.79
C TRP A 135 -25.05 -23.56 18.61
N HIS A 136 -25.09 -24.73 17.95
CA HIS A 136 -25.09 -25.98 18.69
C HIS A 136 -23.89 -26.06 19.62
N LEU A 137 -22.69 -25.78 19.10
CA LEU A 137 -21.49 -25.76 19.92
C LEU A 137 -21.60 -24.71 21.02
N CYS A 138 -22.25 -23.59 20.74
CA CYS A 138 -22.46 -22.57 21.77
C CYS A 138 -23.44 -23.07 22.83
N ALA A 139 -24.56 -23.65 22.40
CA ALA A 139 -25.54 -24.18 23.35
C ALA A 139 -24.98 -25.34 24.15
N ILE A 140 -23.99 -26.05 23.61
CA ILE A 140 -23.33 -27.11 24.38
C ILE A 140 -22.47 -26.50 25.49
N SER A 141 -21.68 -25.47 25.14
CA SER A 141 -20.80 -24.87 26.13
C SER A 141 -21.58 -24.35 27.34
N VAL A 142 -22.73 -23.72 27.11
CA VAL A 142 -23.50 -23.17 28.21
C VAL A 142 -24.09 -24.29 29.07
N ASP A 143 -24.50 -25.40 28.44
CA ASP A 143 -25.02 -26.53 29.21
C ASP A 143 -23.91 -27.21 30.00
N ARG A 144 -22.71 -27.30 29.42
CA ARG A 144 -21.58 -27.85 30.16
C ARG A 144 -21.32 -27.07 31.44
N TYR A 145 -21.69 -25.79 31.47
CA TYR A 145 -21.47 -24.98 32.66
C TYR A 145 -22.58 -25.19 33.68
N ILE A 146 -23.84 -25.04 33.27
CA ILE A 146 -24.96 -25.24 34.18
C ILE A 146 -24.97 -26.67 34.70
N ALA A 147 -24.50 -27.63 33.89
CA ALA A 147 -24.45 -29.03 34.33
C ALA A 147 -23.36 -29.28 35.36
N ILE A 148 -22.53 -28.30 35.68
CA ILE A 148 -21.47 -28.43 36.66
C ILE A 148 -21.82 -27.70 37.95
N LYS A 149 -22.14 -26.42 37.87
CA LYS A 149 -22.43 -25.65 39.07
C LYS A 149 -23.77 -26.02 39.70
N LYS A 150 -24.66 -26.68 38.96
CA LYS A 150 -25.95 -27.11 39.49
C LYS A 150 -26.44 -28.29 38.66
N PRO A 151 -26.29 -29.52 39.15
CA PRO A 151 -26.86 -30.68 38.44
C PRO A 151 -28.36 -30.81 38.66
N ILE A 152 -29.08 -29.69 38.66
CA ILE A 152 -30.53 -29.73 38.88
C ILE A 152 -31.23 -30.32 37.66
N GLN A 153 -32.41 -30.88 37.90
CA GLN A 153 -33.25 -31.44 36.84
C GLN A 153 -32.47 -32.46 36.02
N ALA A 154 -32.04 -33.53 36.70
CA ALA A 154 -31.31 -34.62 36.08
C ALA A 154 -32.21 -35.80 35.74
N ASN A 155 -33.52 -35.62 35.76
CA ASN A 155 -34.45 -36.70 35.43
C ASN A 155 -34.46 -36.92 33.92
N GLN A 156 -34.54 -38.20 33.52
CA GLN A 156 -34.52 -38.55 32.11
C GLN A 156 -35.85 -38.28 31.42
N TYR A 157 -36.96 -38.24 32.17
CA TYR A 157 -38.27 -38.03 31.58
C TYR A 157 -38.61 -36.56 31.37
N ASN A 158 -37.92 -35.66 32.07
CA ASN A 158 -38.17 -34.22 31.95
C ASN A 158 -36.98 -33.44 31.38
N SER A 159 -35.79 -34.02 31.36
CA SER A 159 -34.65 -33.37 30.71
C SER A 159 -34.60 -33.64 29.21
N ARG A 160 -35.45 -34.53 28.70
CA ARG A 160 -35.53 -34.78 27.27
C ARG A 160 -36.43 -33.79 26.55
N ALA A 161 -37.39 -33.20 27.25
CA ALA A 161 -38.24 -32.18 26.64
C ALA A 161 -37.45 -30.88 26.43
N THR A 162 -36.65 -30.49 27.43
CA THR A 162 -35.85 -29.28 27.29
C THR A 162 -34.88 -29.40 26.13
N ALA A 163 -34.35 -30.60 25.90
CA ALA A 163 -33.46 -30.81 24.76
C ALA A 163 -34.21 -30.68 23.44
N PHE A 164 -35.50 -31.03 23.42
CA PHE A 164 -36.26 -30.94 22.19
C PHE A 164 -36.61 -29.51 21.83
N ILE A 165 -36.73 -28.62 22.83
CA ILE A 165 -36.97 -27.20 22.55
C ILE A 165 -35.68 -26.40 22.52
N LYS A 166 -34.59 -27.05 22.88
CA LYS A 166 -33.28 -26.45 22.84
C LYS A 166 -32.74 -26.64 21.43
N ILE A 167 -33.05 -27.77 20.83
CA ILE A 167 -32.60 -28.12 19.49
C ILE A 167 -33.36 -27.31 18.44
N THR A 168 -34.66 -27.07 18.68
CA THR A 168 -35.47 -26.38 17.69
C THR A 168 -35.13 -24.90 17.61
N VAL A 169 -34.76 -24.29 18.74
CA VAL A 169 -34.41 -22.87 18.74
C VAL A 169 -33.12 -22.65 17.94
N VAL A 170 -32.14 -23.55 18.10
CA VAL A 170 -30.89 -23.42 17.35
C VAL A 170 -31.16 -23.48 15.86
N TRP A 171 -31.99 -24.43 15.42
CA TRP A 171 -32.29 -24.54 14.00
C TRP A 171 -33.10 -23.36 13.50
N LEU A 172 -33.91 -22.74 14.36
CA LEU A 172 -34.66 -21.56 13.96
C LEU A 172 -33.77 -20.32 13.92
N ILE A 173 -32.80 -20.21 14.83
CA ILE A 173 -31.87 -19.11 14.79
C ILE A 173 -30.98 -19.21 13.55
N SER A 174 -30.47 -20.40 13.26
CA SER A 174 -29.59 -20.57 12.11
C SER A 174 -30.32 -20.25 10.81
N ILE A 175 -31.59 -20.66 10.70
CA ILE A 175 -32.38 -20.33 9.51
C ILE A 175 -32.54 -18.82 9.39
N GLY A 176 -33.01 -18.17 10.47
CA GLY A 176 -33.27 -16.75 10.41
C GLY A 176 -32.07 -15.93 9.98
N ILE A 177 -30.86 -16.42 10.24
CA ILE A 177 -29.67 -15.70 9.85
C ILE A 177 -29.28 -16.01 8.41
N ALA A 178 -29.60 -17.22 7.93
CA ALA A 178 -29.23 -17.65 6.58
C ALA A 178 -30.35 -17.47 5.58
N ILE A 179 -31.52 -17.01 6.00
CA ILE A 179 -32.69 -16.96 5.13
C ILE A 179 -32.63 -15.80 4.12
N PRO A 180 -31.97 -14.67 4.39
CA PRO A 180 -32.05 -13.56 3.42
C PRO A 180 -31.29 -13.82 2.13
N VAL A 181 -30.34 -14.74 2.10
CA VAL A 181 -29.55 -14.99 0.90
C VAL A 181 -30.46 -15.49 -0.22
N PRO A 182 -31.20 -16.59 -0.03
CA PRO A 182 -32.06 -17.06 -1.13
C PRO A 182 -33.15 -16.07 -1.52
N ILE A 183 -33.57 -15.21 -0.60
CA ILE A 183 -34.62 -14.24 -0.92
C ILE A 183 -34.13 -13.26 -1.98
N LYS A 184 -33.06 -12.54 -1.69
CA LYS A 184 -32.45 -11.61 -2.64
C LYS A 184 -31.25 -12.32 -3.28
N GLY A 185 -31.46 -12.83 -4.48
CA GLY A 185 -30.45 -13.62 -5.14
C GLY A 185 -29.19 -12.84 -5.42
N ILE A 186 -28.19 -13.48 -6.00
CA ILE A 186 -26.97 -12.82 -6.43
C ILE A 186 -27.20 -12.26 -7.82
N GLU A 187 -26.67 -11.07 -8.07
CA GLU A 187 -26.73 -10.46 -9.40
C GLU A 187 -25.50 -10.88 -10.20
N THR A 188 -25.73 -11.29 -11.45
CA THR A 188 -24.65 -11.73 -12.33
C THR A 188 -24.78 -11.01 -13.66
N ASP A 189 -23.64 -10.86 -14.34
CA ASP A 189 -23.60 -10.19 -15.63
C ASP A 189 -24.05 -11.09 -16.77
N VAL A 190 -24.13 -12.40 -16.55
CA VAL A 190 -24.41 -13.36 -17.60
C VAL A 190 -25.56 -14.25 -17.15
N ASP A 191 -26.18 -14.92 -18.12
CA ASP A 191 -27.27 -15.85 -17.88
C ASP A 191 -26.82 -17.29 -17.77
N ASN A 192 -25.81 -17.68 -18.57
CA ASN A 192 -25.33 -19.06 -18.57
C ASN A 192 -24.46 -19.30 -17.33
N PRO A 193 -24.66 -20.40 -16.60
CA PRO A 193 -23.86 -20.62 -15.38
C PRO A 193 -22.42 -20.98 -15.65
N ASN A 194 -22.08 -21.41 -16.87
CA ASN A 194 -20.71 -21.79 -17.19
C ASN A 194 -19.79 -20.58 -17.34
N ASN A 195 -20.30 -19.35 -17.25
CA ASN A 195 -19.51 -18.14 -17.40
C ASN A 195 -19.64 -17.23 -16.18
N ILE A 196 -19.98 -17.79 -15.02
CA ILE A 196 -20.19 -17.01 -13.81
C ILE A 196 -19.48 -17.67 -12.65
N THR A 197 -19.23 -16.86 -11.61
CA THR A 197 -18.66 -17.33 -10.35
C THR A 197 -19.72 -17.20 -9.27
N CYS A 198 -20.05 -18.31 -8.62
CA CYS A 198 -21.07 -18.32 -7.57
C CYS A 198 -20.44 -17.82 -6.28
N VAL A 199 -20.66 -16.53 -5.99
CA VAL A 199 -20.07 -15.90 -4.81
C VAL A 199 -20.93 -14.71 -4.45
N LEU A 200 -20.95 -14.36 -3.16
CA LEU A 200 -21.70 -13.21 -2.69
C LEU A 200 -20.85 -11.95 -2.85
N THR A 201 -21.35 -10.99 -3.63
CA THR A 201 -20.60 -9.76 -3.86
C THR A 201 -20.62 -8.87 -2.63
N LYS A 202 -19.58 -8.04 -2.51
CA LYS A 202 -19.47 -7.15 -1.36
C LYS A 202 -20.58 -6.10 -1.35
N GLU A 203 -21.05 -5.70 -2.53
CA GLU A 203 -22.02 -4.62 -2.61
C GLU A 203 -23.45 -5.12 -2.34
N ARG A 204 -23.81 -6.28 -2.88
CA ARG A 204 -25.18 -6.76 -2.74
C ARG A 204 -25.44 -7.31 -1.33
N PHE A 205 -24.40 -7.80 -0.66
CA PHE A 205 -24.54 -8.38 0.67
C PHE A 205 -23.57 -7.72 1.64
N GLY A 206 -23.52 -6.39 1.62
CA GLY A 206 -22.64 -5.66 2.50
C GLY A 206 -23.12 -5.65 3.93
N ASP A 207 -24.34 -5.16 4.16
CA ASP A 207 -24.88 -5.12 5.52
C ASP A 207 -25.28 -6.49 6.02
N PHE A 208 -25.43 -7.47 5.13
CA PHE A 208 -25.74 -8.82 5.57
C PHE A 208 -24.50 -9.52 6.15
N MET A 209 -23.38 -9.45 5.43
CA MET A 209 -22.14 -10.02 5.94
C MET A 209 -21.75 -9.42 7.28
N LEU A 210 -22.19 -8.19 7.55
CA LEU A 210 -21.86 -7.50 8.80
C LEU A 210 -22.83 -7.88 9.92
N PHE A 211 -24.13 -7.67 9.70
CA PHE A 211 -25.13 -8.02 10.70
C PHE A 211 -25.40 -9.52 10.75
N GLY A 212 -25.02 -10.26 9.72
CA GLY A 212 -25.22 -11.70 9.71
C GLY A 212 -24.09 -12.44 10.42
N SER A 213 -22.87 -11.93 10.28
CA SER A 213 -21.73 -12.57 10.94
C SER A 213 -21.79 -12.39 12.45
N LEU A 214 -22.36 -11.29 12.92
CA LEU A 214 -22.45 -11.07 14.36
C LEU A 214 -23.45 -12.02 15.00
N ALA A 215 -24.63 -12.18 14.39
CA ALA A 215 -25.66 -13.04 14.94
C ALA A 215 -25.29 -14.51 14.83
N ALA A 216 -24.39 -14.87 13.92
CA ALA A 216 -23.99 -16.26 13.71
C ALA A 216 -22.73 -16.65 14.45
N PHE A 217 -21.76 -15.73 14.59
CA PHE A 217 -20.47 -16.07 15.16
C PHE A 217 -20.13 -15.21 16.38
N PHE A 218 -20.13 -13.89 16.24
CA PHE A 218 -19.69 -13.03 17.33
C PHE A 218 -20.69 -12.96 18.47
N THR A 219 -21.98 -13.25 18.21
CA THR A 219 -22.94 -13.33 19.30
C THR A 219 -22.76 -14.62 20.10
N PRO A 220 -22.81 -15.80 19.49
CA PRO A 220 -22.55 -17.02 20.27
C PRO A 220 -21.13 -17.10 20.78
N LEU A 221 -20.17 -16.47 20.10
CA LEU A 221 -18.80 -16.43 20.60
C LEU A 221 -18.72 -15.70 21.92
N ALA A 222 -19.39 -14.54 22.01
CA ALA A 222 -19.38 -13.78 23.26
C ALA A 222 -19.88 -14.63 24.42
N ILE A 223 -20.87 -15.49 24.16
CA ILE A 223 -21.37 -16.37 25.21
C ILE A 223 -20.36 -17.45 25.53
N MET A 224 -19.72 -18.02 24.50
CA MET A 224 -18.78 -19.10 24.71
C MET A 224 -17.52 -18.66 25.45
N ILE A 225 -17.17 -17.37 25.38
CA ILE A 225 -15.99 -16.89 26.07
C ILE A 225 -16.27 -16.75 27.56
N VAL A 226 -17.41 -16.18 27.93
CA VAL A 226 -17.75 -16.00 29.33
C VAL A 226 -18.08 -17.34 29.98
N THR A 227 -18.85 -18.18 29.30
CA THR A 227 -19.15 -19.50 29.83
C THR A 227 -17.90 -20.33 30.01
N TYR A 228 -16.81 -20.00 29.30
CA TYR A 228 -15.56 -20.71 29.49
C TYR A 228 -14.88 -20.28 30.78
N PHE A 229 -14.66 -18.98 30.96
CA PHE A 229 -13.99 -18.50 32.17
C PHE A 229 -14.83 -18.72 33.42
N LEU A 230 -16.14 -18.88 33.27
CA LEU A 230 -16.99 -19.24 34.40
C LEU A 230 -16.99 -20.74 34.66
N THR A 231 -16.64 -21.56 33.66
CA THR A 231 -16.56 -23.00 33.86
C THR A 231 -15.23 -23.38 34.50
N ILE A 232 -14.12 -22.88 33.96
CA ILE A 232 -12.82 -23.12 34.57
C ILE A 232 -12.81 -22.63 36.01
N HIS A 233 -13.58 -21.56 36.29
CA HIS A 233 -13.71 -21.07 37.67
C HIS A 233 -14.65 -21.94 38.50
N ALA A 234 -15.62 -22.58 37.86
CA ALA A 234 -16.58 -23.41 38.60
C ALA A 234 -15.92 -24.65 39.16
N LEU A 235 -14.89 -25.18 38.50
CA LEU A 235 -14.16 -26.34 38.97
C LEU A 235 -12.82 -25.98 39.59
N GLN A 236 -12.44 -24.71 39.58
CA GLN A 236 -11.25 -24.29 40.31
C GLN A 236 -11.51 -24.26 41.82
N LYS A 237 -12.68 -23.77 42.23
CA LYS A 237 -13.00 -23.71 43.65
C LYS A 237 -13.59 -25.01 44.17
N LYS A 238 -14.44 -25.67 43.38
CA LYS A 238 -14.99 -26.95 43.82
C LYS A 238 -13.90 -27.99 44.00
N ALA A 239 -12.83 -27.90 43.22
CA ALA A 239 -11.65 -28.71 43.49
C ALA A 239 -10.93 -28.27 44.74
N ALA A 240 -11.14 -27.01 45.16
CA ALA A 240 -10.55 -26.51 46.40
C ALA A 240 -11.50 -26.63 47.59
N ASP A 241 -12.81 -26.57 47.35
CA ASP A 241 -13.78 -26.82 48.40
C ASP A 241 -13.76 -28.27 48.86
N LEU A 242 -13.25 -29.18 48.02
CA LEU A 242 -13.13 -30.57 48.41
C LEU A 242 -11.93 -30.80 49.32
N GLU A 243 -10.82 -30.12 49.06
CA GLU A 243 -9.61 -30.32 49.84
C GLU A 243 -9.74 -29.70 51.23
N ASP A 244 -10.12 -28.41 51.29
CA ASP A 244 -10.21 -27.74 52.58
C ASP A 244 -11.22 -28.42 53.49
N ASN A 245 -12.35 -28.86 52.93
CA ASN A 245 -13.29 -29.66 53.71
C ASN A 245 -12.71 -31.02 54.04
N TRP A 246 -11.87 -31.57 53.15
CA TRP A 246 -11.23 -32.84 53.42
C TRP A 246 -10.16 -32.72 54.50
N GLU A 247 -9.54 -31.55 54.62
CA GLU A 247 -8.56 -31.33 55.69
C GLU A 247 -9.25 -30.97 57.00
N THR A 248 -10.37 -30.23 56.93
CA THR A 248 -11.20 -30.05 58.12
C THR A 248 -11.69 -31.39 58.66
N LEU A 249 -11.83 -32.38 57.77
CA LEU A 249 -12.24 -33.71 58.21
C LEU A 249 -11.11 -34.45 58.92
N ASN A 250 -9.86 -34.10 58.60
CA ASN A 250 -8.72 -34.73 59.25
C ASN A 250 -8.44 -34.09 60.61
N ASP A 251 -8.34 -32.76 60.64
CA ASP A 251 -7.99 -32.07 61.88
C ASP A 251 -8.92 -32.48 63.02
N ASN A 252 -10.21 -32.64 62.72
CA ASN A 252 -11.15 -33.09 63.74
C ASN A 252 -10.98 -34.57 64.04
N LEU A 253 -10.60 -35.36 63.04
CA LEU A 253 -10.29 -36.76 63.28
C LEU A 253 -8.97 -36.93 64.03
N LYS A 254 -8.11 -35.91 64.01
CA LYS A 254 -6.88 -35.93 64.80
C LYS A 254 -7.16 -35.62 66.26
N VAL A 255 -8.08 -34.70 66.54
CA VAL A 255 -8.27 -34.20 67.90
C VAL A 255 -9.09 -35.17 68.72
N ILE A 256 -10.08 -35.83 68.12
CA ILE A 256 -10.91 -36.76 68.88
C ILE A 256 -10.16 -38.02 69.23
N GLU A 257 -9.07 -38.33 68.52
CA GLU A 257 -8.17 -39.39 68.93
C GLU A 257 -7.32 -39.00 70.13
N LYS A 258 -7.43 -37.74 70.59
CA LYS A 258 -6.66 -37.22 71.71
C LYS A 258 -7.60 -36.30 72.50
N ALA A 259 -8.40 -36.90 73.38
CA ALA A 259 -9.44 -36.17 74.09
C ALA A 259 -9.48 -36.64 75.54
N ASP A 260 -10.00 -35.77 76.40
CA ASP A 260 -10.21 -36.09 77.81
C ASP A 260 -11.66 -35.90 78.25
N ASN A 261 -12.39 -34.95 77.67
CA ASN A 261 -13.78 -34.69 78.04
C ASN A 261 -14.69 -35.12 76.89
N ALA A 262 -16.00 -35.03 77.15
CA ALA A 262 -17.01 -35.41 76.17
C ALA A 262 -17.52 -34.24 75.34
N ALA A 263 -17.08 -33.01 75.63
CA ALA A 263 -17.52 -31.84 74.88
C ALA A 263 -16.67 -31.62 73.63
N GLN A 264 -15.36 -31.90 73.72
CA GLN A 264 -14.50 -31.75 72.55
C GLN A 264 -14.81 -32.80 71.49
N VAL A 265 -15.17 -34.01 71.91
CA VAL A 265 -15.41 -35.07 70.94
C VAL A 265 -16.69 -34.80 70.16
N LYS A 266 -17.66 -34.11 70.77
CA LYS A 266 -18.90 -33.77 70.09
C LYS A 266 -18.83 -32.42 69.39
N ASP A 267 -17.85 -31.59 69.71
CA ASP A 267 -17.63 -30.37 68.94
C ASP A 267 -16.89 -30.68 67.64
N ALA A 268 -15.84 -31.49 67.73
CA ALA A 268 -15.09 -31.87 66.54
C ALA A 268 -15.90 -32.80 65.65
N LEU A 269 -16.75 -33.65 66.24
CA LEU A 269 -17.52 -34.59 65.45
C LEU A 269 -18.66 -33.90 64.73
N THR A 270 -19.18 -32.80 65.29
CA THR A 270 -20.18 -32.02 64.58
C THR A 270 -19.56 -31.22 63.44
N LYS A 271 -18.35 -30.69 63.66
CA LYS A 271 -17.64 -30.02 62.59
C LYS A 271 -17.33 -30.98 61.44
N MET A 272 -17.18 -32.27 61.74
CA MET A 272 -16.99 -33.26 60.69
C MET A 272 -18.27 -33.47 59.89
N ARG A 273 -19.42 -33.55 60.58
CA ARG A 273 -20.68 -33.83 59.89
C ARG A 273 -20.95 -32.77 58.84
N ALA A 274 -20.79 -31.49 59.21
CA ALA A 274 -20.99 -30.41 58.24
C ALA A 274 -19.95 -30.46 57.13
N ALA A 275 -18.66 -30.55 57.51
CA ALA A 275 -17.60 -30.60 56.51
C ALA A 275 -17.78 -31.78 55.56
N ALA A 276 -18.12 -32.94 56.11
CA ALA A 276 -18.30 -34.12 55.26
C ALA A 276 -19.50 -33.97 54.35
N LEU A 277 -20.57 -33.31 54.83
CA LEU A 277 -21.78 -33.15 54.05
C LEU A 277 -21.64 -32.05 53.00
N ASP A 278 -20.67 -31.16 53.15
CA ASP A 278 -20.38 -30.16 52.13
C ASP A 278 -19.44 -30.69 51.06
N ALA A 279 -18.45 -31.50 51.45
CA ALA A 279 -17.58 -32.13 50.46
C ALA A 279 -18.36 -33.03 49.52
N GLN A 280 -19.46 -33.62 50.00
CA GLN A 280 -20.32 -34.40 49.13
C GLN A 280 -20.92 -33.53 48.03
N LYS A 281 -21.25 -32.29 48.36
CA LYS A 281 -21.86 -31.39 47.39
C LYS A 281 -20.88 -30.99 46.30
N ALA A 282 -19.58 -31.00 46.61
CA ALA A 282 -18.55 -30.53 45.69
C ALA A 282 -18.04 -31.63 44.76
N THR A 283 -18.87 -32.64 44.47
CA THR A 283 -18.48 -33.71 43.57
C THR A 283 -19.43 -33.76 42.38
N PRO A 284 -18.96 -34.22 41.20
CA PRO A 284 -19.82 -34.28 40.02
C PRO A 284 -20.69 -35.54 40.00
N MET A 297 -20.46 -40.74 39.41
CA MET A 297 -19.84 -41.55 40.45
C MET A 297 -20.56 -41.36 41.79
N LYS A 298 -21.67 -42.08 41.97
CA LYS A 298 -22.41 -42.01 43.22
C LYS A 298 -21.71 -42.73 44.37
N ASP A 299 -20.76 -43.62 44.07
CA ASP A 299 -20.16 -44.42 45.12
C ASP A 299 -19.21 -43.59 45.99
N PHE A 300 -18.63 -42.51 45.44
CA PHE A 300 -17.84 -41.62 46.27
C PHE A 300 -18.73 -40.75 47.15
N ARG A 301 -19.86 -40.32 46.63
CA ARG A 301 -20.85 -39.64 47.46
C ARG A 301 -21.54 -40.62 48.39
N HIS A 302 -21.68 -41.87 47.97
CA HIS A 302 -22.11 -42.94 48.87
C HIS A 302 -21.14 -43.10 50.03
N GLY A 303 -19.85 -42.89 49.77
CA GLY A 303 -18.86 -42.95 50.85
C GLY A 303 -19.12 -41.92 51.93
N PHE A 304 -19.64 -40.75 51.55
CA PHE A 304 -19.97 -39.74 52.55
C PHE A 304 -21.24 -40.11 53.31
N ASP A 305 -22.21 -40.73 52.63
CA ASP A 305 -23.40 -41.21 53.32
C ASP A 305 -23.02 -42.22 54.40
N ILE A 306 -22.19 -43.21 54.04
CA ILE A 306 -21.69 -44.15 55.04
C ILE A 306 -20.99 -43.40 56.17
N LEU A 307 -20.14 -42.44 55.81
CA LEU A 307 -19.40 -41.69 56.82
C LEU A 307 -20.36 -40.93 57.74
N VAL A 308 -21.25 -40.13 57.15
CA VAL A 308 -22.20 -39.33 57.95
C VAL A 308 -23.04 -40.24 58.83
N GLY A 309 -23.44 -41.40 58.31
CA GLY A 309 -24.15 -42.36 59.14
C GLY A 309 -23.34 -42.77 60.35
N GLN A 310 -22.03 -42.94 60.18
CA GLN A 310 -21.16 -43.25 61.30
C GLN A 310 -20.94 -42.04 62.20
N ILE A 311 -21.02 -40.83 61.63
CA ILE A 311 -20.93 -39.62 62.45
C ILE A 311 -22.10 -39.57 63.43
N ASP A 312 -23.31 -39.82 62.93
CA ASP A 312 -24.50 -39.75 63.78
C ASP A 312 -24.46 -40.83 64.86
N ASP A 313 -23.97 -42.03 64.51
CA ASP A 313 -23.85 -43.09 65.51
C ASP A 313 -22.90 -42.67 66.63
N ALA A 314 -21.69 -42.25 66.27
CA ALA A 314 -20.72 -41.83 67.27
C ALA A 314 -21.18 -40.58 68.00
N LEU A 315 -21.82 -39.65 67.28
CA LEU A 315 -22.35 -38.46 67.92
C LEU A 315 -23.49 -38.77 68.87
N LYS A 316 -24.10 -39.95 68.73
CA LYS A 316 -25.12 -40.40 69.69
C LYS A 316 -24.48 -40.95 70.96
N LEU A 317 -23.31 -41.57 70.83
CA LEU A 317 -22.59 -42.06 72.01
C LEU A 317 -21.99 -40.91 72.81
N ALA A 318 -21.61 -39.82 72.13
CA ALA A 318 -20.99 -38.70 72.84
C ALA A 318 -21.97 -38.01 73.77
N ASN A 319 -23.25 -37.96 73.41
CA ASN A 319 -24.25 -37.33 74.26
C ASN A 319 -24.63 -38.19 75.45
N GLU A 320 -24.46 -39.51 75.36
CA GLU A 320 -24.69 -40.38 76.51
C GLU A 320 -23.56 -40.29 77.54
N GLY A 321 -22.49 -39.55 77.24
CA GLY A 321 -21.39 -39.40 78.15
C GLY A 321 -20.26 -40.39 77.99
N LYS A 322 -20.41 -41.36 77.10
CA LYS A 322 -19.39 -42.39 76.87
C LYS A 322 -18.34 -41.84 75.92
N VAL A 323 -17.21 -41.39 76.47
CA VAL A 323 -16.14 -40.84 75.65
C VAL A 323 -15.39 -41.96 74.94
N LYS A 324 -14.92 -42.96 75.69
CA LYS A 324 -14.10 -44.00 75.11
C LYS A 324 -14.88 -44.93 74.20
N GLU A 325 -16.21 -44.91 74.28
CA GLU A 325 -17.01 -45.65 73.31
C GLU A 325 -17.22 -44.85 72.03
N ALA A 326 -17.23 -43.52 72.13
CA ALA A 326 -17.33 -42.69 70.93
C ALA A 326 -16.07 -42.80 70.09
N GLN A 327 -14.90 -42.86 70.73
CA GLN A 327 -13.65 -42.98 70.00
C GLN A 327 -13.51 -44.34 69.33
N ALA A 328 -14.24 -45.35 69.80
CA ALA A 328 -14.23 -46.64 69.11
C ALA A 328 -14.79 -46.51 67.71
N ALA A 329 -15.83 -45.68 67.54
CA ALA A 329 -16.37 -45.41 66.22
C ALA A 329 -15.55 -44.37 65.45
N ALA A 330 -14.81 -43.52 66.16
CA ALA A 330 -13.95 -42.55 65.48
C ALA A 330 -12.80 -43.25 64.77
N GLU A 331 -12.28 -44.33 65.35
CA GLU A 331 -11.27 -45.11 64.65
C GLU A 331 -11.86 -45.85 63.46
N GLN A 332 -13.15 -46.19 63.52
CA GLN A 332 -13.82 -46.77 62.36
C GLN A 332 -13.97 -45.74 61.24
N LEU A 333 -14.16 -44.48 61.59
CA LEU A 333 -14.20 -43.43 60.57
C LEU A 333 -12.86 -43.34 59.84
N LYS A 334 -11.76 -43.43 60.58
CA LYS A 334 -10.43 -43.42 59.96
C LYS A 334 -10.30 -44.55 58.95
N THR A 335 -11.03 -45.65 59.16
CA THR A 335 -11.03 -46.73 58.18
C THR A 335 -11.87 -46.35 56.95
N THR A 336 -13.04 -45.74 57.18
CA THR A 336 -13.87 -45.30 56.07
C THR A 336 -13.14 -44.30 55.18
N ARG A 337 -12.30 -43.45 55.77
N ARG A 337 -12.31 -43.45 55.77
CA ARG A 337 -11.55 -42.48 54.99
CA ARG A 337 -11.54 -42.49 55.00
C ARG A 337 -10.55 -43.18 54.08
C ARG A 337 -10.56 -43.19 54.09
N ASN A 338 -9.80 -44.15 54.63
CA ASN A 338 -8.75 -44.82 53.85
C ASN A 338 -9.30 -45.57 52.64
N ALA A 339 -10.59 -45.91 52.65
CA ALA A 339 -11.17 -46.62 51.51
C ALA A 339 -11.43 -45.69 50.33
N TYR A 340 -11.72 -44.42 50.59
CA TYR A 340 -12.06 -43.47 49.55
C TYR A 340 -10.95 -42.47 49.27
N ILE A 341 -9.76 -42.67 49.84
CA ILE A 341 -8.64 -41.78 49.53
C ILE A 341 -8.28 -41.89 48.06
N GLN A 342 -8.24 -43.10 47.52
CA GLN A 342 -7.95 -43.29 46.10
C GLN A 342 -8.96 -42.53 45.24
N LYS A 343 -10.25 -42.74 45.50
CA LYS A 343 -11.28 -42.11 44.68
C LYS A 343 -11.36 -40.61 44.89
N TYR A 344 -10.85 -40.11 46.03
CA TYR A 344 -10.76 -38.67 46.23
C TYR A 344 -9.76 -38.05 45.27
N LEU A 345 -8.67 -38.75 44.98
CA LEU A 345 -7.66 -38.25 44.06
C LEU A 345 -8.11 -38.34 42.61
N GLN A 346 -8.68 -39.49 42.23
CA GLN A 346 -9.21 -39.63 40.88
C GLN A 346 -10.32 -38.63 40.60
N THR A 347 -10.91 -38.05 41.64
CA THR A 347 -11.89 -36.97 41.45
C THR A 347 -11.19 -35.67 41.07
N ILE A 348 -10.14 -35.31 41.81
CA ILE A 348 -9.38 -34.10 41.47
C ILE A 348 -8.52 -34.35 40.23
N SER A 349 -8.04 -35.58 40.05
CA SER A 349 -7.30 -35.92 38.83
C SER A 349 -8.17 -35.71 37.60
N ASN A 350 -9.44 -36.10 37.68
CA ASN A 350 -10.37 -35.86 36.58
C ASN A 350 -10.83 -34.42 36.51
N GLU A 351 -10.61 -33.63 37.57
CA GLU A 351 -11.01 -32.23 37.55
C GLU A 351 -9.99 -31.39 36.77
N GLN A 352 -8.70 -31.56 37.07
CA GLN A 352 -7.67 -30.83 36.35
C GLN A 352 -7.60 -31.27 34.88
N ARG A 353 -8.02 -32.50 34.58
CA ARG A 353 -8.03 -32.99 33.21
C ARG A 353 -9.19 -32.40 32.43
N ALA A 354 -10.39 -32.43 33.01
CA ALA A 354 -11.56 -31.83 32.35
C ALA A 354 -11.36 -30.34 32.12
N SER A 355 -10.54 -29.69 32.95
CA SER A 355 -10.31 -28.26 32.78
C SER A 355 -9.52 -27.96 31.52
N LYS A 356 -8.58 -28.84 31.16
CA LYS A 356 -7.73 -28.55 30.01
C LYS A 356 -8.41 -28.92 28.70
N VAL A 357 -9.13 -30.04 28.65
CA VAL A 357 -9.83 -30.42 27.43
C VAL A 357 -10.83 -29.34 27.04
N LEU A 358 -11.47 -28.73 28.03
CA LEU A 358 -12.39 -27.63 27.75
C LEU A 358 -11.66 -26.43 27.15
N GLY A 359 -10.36 -26.30 27.43
CA GLY A 359 -9.58 -25.25 26.82
C GLY A 359 -9.17 -25.56 25.40
N ILE A 360 -9.02 -26.84 25.07
CA ILE A 360 -8.62 -27.23 23.72
C ILE A 360 -9.81 -27.15 22.77
N VAL A 361 -10.94 -27.78 23.15
CA VAL A 361 -12.12 -27.70 22.30
C VAL A 361 -12.54 -26.25 22.10
N PHE A 362 -12.31 -25.39 23.10
CA PHE A 362 -12.60 -23.97 22.96
C PHE A 362 -11.53 -23.28 22.10
N PHE A 363 -10.26 -23.65 22.30
CA PHE A 363 -9.19 -23.06 21.49
C PHE A 363 -9.36 -23.41 20.03
N LEU A 364 -9.68 -24.67 19.72
CA LEU A 364 -9.86 -25.08 18.34
C LEU A 364 -11.04 -24.36 17.69
N PHE A 365 -12.05 -23.98 18.48
CA PHE A 365 -13.16 -23.23 17.94
C PHE A 365 -12.71 -21.86 17.42
N LEU A 366 -12.11 -21.06 18.30
CA LEU A 366 -11.59 -19.77 17.89
C LEU A 366 -10.43 -19.89 16.90
N LEU A 367 -9.81 -21.06 16.83
CA LEU A 367 -8.69 -21.26 15.92
C LEU A 367 -9.14 -21.44 14.48
N MET A 368 -10.40 -21.80 14.25
CA MET A 368 -10.86 -22.16 12.92
C MET A 368 -11.90 -21.22 12.33
N TRP A 369 -12.77 -20.63 13.15
CA TRP A 369 -13.80 -19.74 12.64
C TRP A 369 -13.40 -18.28 12.69
N CYS A 370 -12.53 -17.89 13.62
CA CYS A 370 -12.03 -16.52 13.65
C CYS A 370 -11.33 -16.13 12.36
N PRO A 371 -10.37 -16.88 11.84
CA PRO A 371 -9.67 -16.43 10.64
C PRO A 371 -10.59 -16.12 9.47
N PHE A 372 -11.75 -16.78 9.40
CA PHE A 372 -12.71 -16.48 8.34
C PHE A 372 -13.56 -15.26 8.68
N PHE A 373 -14.25 -15.31 9.83
CA PHE A 373 -15.17 -14.23 10.17
C PHE A 373 -14.45 -12.91 10.40
N ILE A 374 -13.19 -12.95 10.83
CA ILE A 374 -12.41 -11.73 10.95
C ILE A 374 -12.04 -11.21 9.56
N THR A 375 -11.51 -12.09 8.71
CA THR A 375 -11.19 -11.67 7.35
C THR A 375 -12.43 -11.27 6.58
N ASN A 376 -13.55 -11.96 6.81
CA ASN A 376 -14.79 -11.64 6.12
C ASN A 376 -15.22 -10.21 6.40
N ILE A 377 -15.41 -9.87 7.69
CA ILE A 377 -15.84 -8.54 8.04
C ILE A 377 -14.81 -7.48 7.68
N THR A 378 -13.53 -7.87 7.60
CA THR A 378 -12.50 -6.91 7.21
C THR A 378 -12.66 -6.50 5.75
N LEU A 379 -12.99 -7.46 4.88
CA LEU A 379 -13.16 -7.16 3.47
C LEU A 379 -14.37 -6.25 3.22
N VAL A 380 -15.28 -6.16 4.17
CA VAL A 380 -16.46 -5.30 4.00
C VAL A 380 -16.17 -3.87 4.45
N LEU A 381 -15.28 -3.68 5.42
CA LEU A 381 -15.02 -2.37 6.01
C LEU A 381 -13.80 -1.70 5.39
N CYS A 382 -12.64 -2.38 5.41
CA CYS A 382 -11.40 -1.76 4.96
C CYS A 382 -11.43 -1.57 3.45
N ASP A 383 -11.29 -0.32 3.00
CA ASP A 383 -11.11 -0.01 1.60
C ASP A 383 -9.65 0.23 1.23
N SER A 384 -8.81 0.60 2.20
CA SER A 384 -7.39 0.76 1.92
C SER A 384 -6.73 -0.59 1.65
N CYS A 385 -7.17 -1.63 2.35
CA CYS A 385 -6.59 -2.97 2.18
C CYS A 385 -6.78 -3.44 0.74
N ASN A 386 -5.81 -4.20 0.25
CA ASN A 386 -5.86 -4.75 -1.10
C ASN A 386 -7.00 -5.76 -1.18
N GLN A 387 -8.02 -5.45 -1.99
CA GLN A 387 -9.19 -6.32 -2.07
C GLN A 387 -8.83 -7.70 -2.60
N THR A 388 -7.85 -7.79 -3.49
CA THR A 388 -7.48 -9.09 -4.05
C THR A 388 -6.58 -9.89 -3.13
N THR A 389 -5.85 -9.25 -2.21
CA THR A 389 -5.00 -9.97 -1.28
C THR A 389 -5.80 -10.56 -0.12
N LEU A 390 -6.98 -10.03 0.17
CA LEU A 390 -7.81 -10.56 1.24
C LEU A 390 -8.55 -11.82 0.80
N GLN A 391 -9.33 -11.72 -0.27
CA GLN A 391 -10.09 -12.88 -0.74
C GLN A 391 -9.22 -13.93 -1.39
N MET A 392 -7.92 -13.69 -1.54
CA MET A 392 -7.01 -14.76 -1.97
C MET A 392 -6.71 -15.72 -0.83
N LEU A 393 -6.46 -15.18 0.37
CA LEU A 393 -6.28 -15.99 1.55
C LEU A 393 -7.59 -16.33 2.26
N LEU A 394 -8.69 -15.68 1.87
CA LEU A 394 -9.99 -16.03 2.43
C LEU A 394 -10.45 -17.39 1.93
N GLU A 395 -10.13 -17.73 0.68
CA GLU A 395 -10.41 -19.07 0.18
C GLU A 395 -9.86 -20.13 1.12
N ILE A 396 -8.67 -19.88 1.69
CA ILE A 396 -8.07 -20.83 2.62
C ILE A 396 -8.89 -20.88 3.91
N PHE A 397 -9.20 -19.71 4.48
CA PHE A 397 -9.93 -19.64 5.74
C PHE A 397 -11.37 -20.13 5.63
N VAL A 398 -11.90 -20.29 4.42
CA VAL A 398 -13.21 -20.92 4.27
C VAL A 398 -13.11 -22.41 4.61
N TRP A 399 -12.10 -23.08 4.06
CA TRP A 399 -11.93 -24.51 4.33
C TRP A 399 -11.50 -24.80 5.76
N ILE A 400 -10.90 -23.82 6.45
CA ILE A 400 -10.60 -24.00 7.86
C ILE A 400 -11.89 -24.00 8.68
N GLY A 401 -12.86 -23.18 8.28
CA GLY A 401 -14.18 -23.26 8.88
C GLY A 401 -14.93 -24.51 8.52
N TYR A 402 -14.60 -25.14 7.38
CA TYR A 402 -15.23 -26.39 7.00
C TYR A 402 -14.69 -27.57 7.79
N VAL A 403 -13.36 -27.62 7.98
CA VAL A 403 -12.76 -28.76 8.67
C VAL A 403 -13.25 -28.85 10.11
N SER A 404 -13.71 -27.74 10.69
CA SER A 404 -14.26 -27.79 12.04
C SER A 404 -15.41 -28.80 12.12
N SER A 405 -16.18 -28.93 11.05
CA SER A 405 -17.26 -29.91 11.01
C SER A 405 -16.76 -31.35 11.13
N GLY A 406 -15.46 -31.58 10.95
CA GLY A 406 -14.91 -32.91 11.02
C GLY A 406 -14.25 -33.20 12.36
N VAL A 407 -13.78 -32.15 13.04
CA VAL A 407 -13.17 -32.33 14.35
C VAL A 407 -14.23 -32.41 15.44
N ASN A 408 -15.31 -31.65 15.29
CA ASN A 408 -16.41 -31.70 16.25
C ASN A 408 -16.85 -33.12 16.58
N PRO A 409 -17.14 -33.98 15.61
CA PRO A 409 -17.50 -35.37 15.95
C PRO A 409 -16.39 -36.12 16.67
N LEU A 410 -15.14 -35.67 16.56
CA LEU A 410 -14.03 -36.36 17.20
C LEU A 410 -13.78 -35.87 18.63
N VAL A 411 -13.79 -34.56 18.84
CA VAL A 411 -13.45 -33.99 20.15
C VAL A 411 -14.67 -34.05 21.08
N TYR A 412 -15.74 -34.70 20.65
CA TYR A 412 -16.94 -34.85 21.46
C TYR A 412 -17.41 -36.31 21.55
N THR A 413 -16.61 -37.26 21.07
CA THR A 413 -17.01 -38.67 21.11
C THR A 413 -15.84 -39.56 21.49
N LEU A 414 -14.64 -39.23 21.00
CA LEU A 414 -13.47 -40.07 21.26
C LEU A 414 -12.98 -39.97 22.70
N PHE A 415 -13.39 -38.93 23.43
CA PHE A 415 -13.11 -38.84 24.85
C PHE A 415 -14.13 -39.57 25.70
N ASN A 416 -14.87 -40.51 25.09
CA ASN A 416 -15.87 -41.31 25.78
C ASN A 416 -15.67 -42.76 25.38
N LYS A 417 -15.75 -43.66 26.38
CA LYS A 417 -15.47 -45.07 26.13
C LYS A 417 -16.61 -45.76 25.38
N THR A 418 -17.85 -45.46 25.74
CA THR A 418 -18.98 -46.15 25.13
C THR A 418 -19.12 -45.82 23.64
N PHE A 419 -18.64 -44.65 23.22
CA PHE A 419 -18.67 -44.32 21.80
C PHE A 419 -17.66 -45.16 21.02
N ARG A 420 -16.43 -45.25 21.53
CA ARG A 420 -15.41 -46.03 20.86
C ARG A 420 -15.84 -47.49 20.68
N ASP A 421 -16.40 -48.09 21.74
CA ASP A 421 -16.85 -49.47 21.64
C ASP A 421 -17.96 -49.64 20.62
N ALA A 422 -18.75 -48.59 20.39
CA ALA A 422 -19.85 -48.65 19.44
C ALA A 422 -19.41 -48.31 18.02
N PHE A 423 -18.43 -47.42 17.85
CA PHE A 423 -17.93 -47.10 16.52
C PHE A 423 -17.33 -48.34 15.86
N GLY A 424 -16.33 -48.94 16.52
CA GLY A 424 -15.70 -50.14 15.99
C GLY A 424 -16.65 -51.30 15.77
N ARG A 425 -17.87 -51.23 16.32
CA ARG A 425 -18.84 -52.29 16.11
C ARG A 425 -19.54 -52.17 14.77
N TYR A 426 -19.79 -50.95 14.28
CA TYR A 426 -20.42 -50.77 12.98
C TYR A 426 -19.40 -50.64 11.85
N ILE A 427 -18.22 -50.08 12.13
CA ILE A 427 -17.09 -50.31 11.22
C ILE A 427 -16.95 -51.80 10.99
N THR A 428 -17.14 -52.59 12.04
CA THR A 428 -17.07 -54.04 12.01
C THR A 428 -18.37 -54.67 11.51
N CYS A 429 -19.46 -53.93 11.49
CA CYS A 429 -20.77 -54.44 11.10
C CYS A 429 -21.23 -55.55 12.05
N ASP B 1 -18.36 -19.26 -32.77
CA ASP B 1 -19.10 -18.58 -31.67
C ASP B 1 -20.59 -18.48 -32.02
N ILE B 2 -21.33 -17.63 -31.31
CA ILE B 2 -22.77 -17.53 -31.49
C ILE B 2 -23.09 -16.26 -32.28
N VAL B 3 -22.82 -16.28 -33.59
CA VAL B 3 -23.08 -15.11 -34.41
C VAL B 3 -24.58 -14.91 -34.56
N LEU B 4 -24.98 -13.65 -34.78
CA LEU B 4 -26.37 -13.28 -34.98
C LEU B 4 -26.52 -12.74 -36.41
N ILE B 5 -27.36 -13.42 -37.20
CA ILE B 5 -27.62 -13.04 -38.58
C ILE B 5 -28.99 -12.36 -38.61
N GLN B 6 -29.02 -11.07 -38.92
CA GLN B 6 -30.26 -10.33 -39.03
C GLN B 6 -30.42 -9.83 -40.46
N SER B 7 -31.45 -10.33 -41.15
CA SER B 7 -31.83 -9.86 -42.47
C SER B 7 -33.06 -8.98 -42.38
N PRO B 8 -33.16 -7.89 -43.17
CA PRO B 8 -32.23 -7.43 -44.20
C PRO B 8 -31.20 -6.45 -43.67
N ALA B 9 -30.07 -6.32 -44.39
CA ALA B 9 -29.05 -5.35 -43.98
C ALA B 9 -29.56 -3.92 -44.09
N ILE B 10 -30.48 -3.66 -45.01
CA ILE B 10 -31.07 -2.33 -45.18
C ILE B 10 -32.46 -2.50 -45.77
N MET B 11 -33.39 -1.65 -45.34
CA MET B 11 -34.77 -1.74 -45.76
C MET B 11 -35.36 -0.34 -45.84
N SER B 12 -36.34 -0.18 -46.73
CA SER B 12 -37.07 1.07 -46.88
C SER B 12 -38.56 0.79 -46.78
N ALA B 13 -39.25 1.57 -45.95
CA ALA B 13 -40.68 1.41 -45.75
C ALA B 13 -41.33 2.77 -45.63
N SER B 14 -42.54 2.89 -46.16
CA SER B 14 -43.27 4.15 -46.12
C SER B 14 -44.01 4.30 -44.81
N PRO B 15 -44.42 5.52 -44.46
CA PRO B 15 -45.20 5.72 -43.23
C PRO B 15 -46.52 4.96 -43.31
N GLY B 16 -46.87 4.33 -42.20
CA GLY B 16 -48.06 3.47 -42.17
C GLY B 16 -47.76 2.03 -42.48
N GLU B 17 -47.06 1.78 -43.59
CA GLU B 17 -46.59 0.43 -43.89
C GLU B 17 -45.73 -0.07 -42.74
N LYS B 18 -45.76 -1.39 -42.53
CA LYS B 18 -45.17 -1.96 -41.33
C LYS B 18 -43.97 -2.84 -41.62
N VAL B 19 -43.10 -2.93 -40.62
CA VAL B 19 -41.78 -3.52 -40.74
C VAL B 19 -41.64 -4.63 -39.70
N THR B 20 -40.81 -5.61 -40.01
CA THR B 20 -40.48 -6.70 -39.10
C THR B 20 -39.03 -7.07 -39.33
N ILE B 21 -38.15 -6.63 -38.43
CA ILE B 21 -36.74 -6.99 -38.49
C ILE B 21 -36.55 -8.36 -37.87
N THR B 22 -35.80 -9.22 -38.54
CA THR B 22 -35.50 -10.55 -38.05
C THR B 22 -34.05 -10.60 -37.58
N CYS B 23 -33.82 -11.33 -36.49
CA CYS B 23 -32.47 -11.50 -35.93
C CYS B 23 -32.32 -12.97 -35.55
N SER B 24 -31.78 -13.75 -36.49
CA SER B 24 -31.61 -15.19 -36.30
C SER B 24 -30.24 -15.47 -35.70
N ALA B 25 -30.19 -16.48 -34.83
CA ALA B 25 -29.00 -16.80 -34.06
C ALA B 25 -28.35 -18.08 -34.55
N SER B 26 -27.08 -18.26 -34.18
CA SER B 26 -26.34 -19.46 -34.55
C SER B 26 -26.75 -20.65 -33.68
N SER B 27 -27.02 -20.41 -32.40
CA SER B 27 -27.42 -21.44 -31.46
C SER B 27 -28.74 -21.03 -30.81
N SER B 28 -29.25 -21.90 -29.95
CA SER B 28 -30.46 -21.61 -29.19
C SER B 28 -30.10 -20.70 -28.01
N VAL B 29 -30.69 -19.52 -27.97
CA VAL B 29 -30.36 -18.51 -26.97
C VAL B 29 -31.53 -18.32 -26.03
N SER B 30 -31.22 -17.91 -24.80
CA SER B 30 -32.25 -17.71 -23.79
C SER B 30 -33.13 -16.52 -24.14
N TYR B 31 -32.55 -15.32 -24.21
CA TYR B 31 -33.27 -14.10 -24.51
C TYR B 31 -32.54 -13.34 -25.62
N MET B 32 -33.10 -12.21 -26.02
CA MET B 32 -32.51 -11.37 -27.07
C MET B 32 -32.77 -9.91 -26.73
N HIS B 33 -31.72 -9.10 -26.83
CA HIS B 33 -31.81 -7.66 -26.64
C HIS B 33 -31.74 -6.96 -27.99
N TRP B 34 -32.18 -5.69 -27.99
CA TRP B 34 -32.19 -4.88 -29.19
C TRP B 34 -31.66 -3.50 -28.89
N PHE B 35 -30.97 -2.90 -29.87
CA PHE B 35 -30.41 -1.58 -29.75
C PHE B 35 -30.75 -0.77 -31.00
N GLN B 36 -30.86 0.54 -30.81
CA GLN B 36 -31.03 1.49 -31.91
C GLN B 36 -29.92 2.52 -31.84
N GLN B 37 -29.23 2.71 -32.96
CA GLN B 37 -28.14 3.67 -33.06
C GLN B 37 -28.46 4.64 -34.20
N LYS B 38 -28.64 5.90 -33.87
CA LYS B 38 -28.82 6.93 -34.88
C LYS B 38 -27.47 7.55 -35.22
N PRO B 39 -27.09 7.65 -36.50
CA PRO B 39 -25.76 8.15 -36.84
C PRO B 39 -25.44 9.46 -36.12
N GLY B 40 -24.28 9.48 -35.46
CA GLY B 40 -23.86 10.61 -34.66
C GLY B 40 -24.09 10.42 -33.17
N THR B 41 -24.73 9.33 -32.76
CA THR B 41 -25.03 9.07 -31.36
C THR B 41 -24.67 7.64 -31.01
N SER B 42 -24.43 7.40 -29.72
CA SER B 42 -24.11 6.07 -29.26
C SER B 42 -25.38 5.20 -29.24
N PRO B 43 -25.24 3.89 -29.36
CA PRO B 43 -26.41 3.03 -29.36
C PRO B 43 -27.09 2.98 -28.00
N LYS B 44 -28.41 3.08 -28.01
CA LYS B 44 -29.23 2.99 -26.81
C LYS B 44 -30.15 1.79 -26.94
N LEU B 45 -30.20 0.98 -25.89
CA LEU B 45 -31.02 -0.24 -25.93
C LEU B 45 -32.49 0.12 -26.04
N TRP B 46 -33.20 -0.61 -26.91
CA TRP B 46 -34.62 -0.40 -27.14
C TRP B 46 -35.51 -1.46 -26.54
N ILE B 47 -35.06 -2.72 -26.51
CA ILE B 47 -35.86 -3.81 -25.98
C ILE B 47 -34.96 -4.72 -25.14
N TYR B 48 -35.04 -4.59 -23.82
CA TYR B 48 -34.42 -5.56 -22.93
C TYR B 48 -35.32 -6.78 -22.83
N SER B 49 -34.69 -7.94 -22.65
CA SER B 49 -35.42 -9.21 -22.70
C SER B 49 -36.04 -9.39 -24.08
N THR B 50 -36.76 -10.50 -24.28
CA THR B 50 -37.24 -10.82 -25.62
C THR B 50 -38.35 -9.89 -26.07
N SER B 51 -39.18 -9.38 -25.13
CA SER B 51 -40.39 -8.67 -25.54
C SER B 51 -40.74 -7.50 -24.63
N ASN B 52 -39.78 -6.97 -23.87
CA ASN B 52 -40.04 -5.87 -22.94
C ASN B 52 -39.33 -4.62 -23.41
N LEU B 53 -40.07 -3.52 -23.52
CA LEU B 53 -39.54 -2.27 -24.04
C LEU B 53 -38.72 -1.55 -22.97
N ALA B 54 -37.75 -0.77 -23.42
CA ALA B 54 -36.92 0.02 -22.52
C ALA B 54 -37.64 1.30 -22.12
N SER B 55 -36.98 2.12 -21.32
CA SER B 55 -37.57 3.36 -20.84
C SER B 55 -37.54 4.41 -21.95
N GLY B 56 -38.67 5.11 -22.13
CA GLY B 56 -38.76 6.13 -23.17
C GLY B 56 -38.96 5.60 -24.56
N VAL B 57 -39.39 4.34 -24.69
CA VAL B 57 -39.60 3.72 -26.00
C VAL B 57 -41.09 3.78 -26.33
N PRO B 58 -41.49 4.15 -27.54
CA PRO B 58 -42.91 4.19 -27.87
C PRO B 58 -43.54 2.81 -27.86
N ALA B 59 -44.87 2.79 -27.66
CA ALA B 59 -45.60 1.54 -27.62
C ALA B 59 -45.80 0.90 -28.98
N ARG B 60 -45.50 1.62 -30.07
CA ARG B 60 -45.66 1.04 -31.40
C ARG B 60 -44.66 -0.06 -31.67
N PHE B 61 -43.56 -0.13 -30.91
CA PHE B 61 -42.61 -1.20 -31.03
C PHE B 61 -43.14 -2.46 -30.35
N SER B 62 -42.78 -3.62 -30.91
CA SER B 62 -43.28 -4.89 -30.40
C SER B 62 -42.28 -5.98 -30.78
N GLY B 63 -41.55 -6.51 -29.80
CA GLY B 63 -40.57 -7.54 -30.03
C GLY B 63 -41.10 -8.91 -29.66
N SER B 64 -40.83 -9.90 -30.51
CA SER B 64 -41.24 -11.28 -30.27
C SER B 64 -40.17 -12.20 -30.84
N GLY B 65 -39.94 -13.32 -30.16
CA GLY B 65 -38.92 -14.25 -30.60
C GLY B 65 -39.05 -15.58 -29.91
N SER B 66 -38.48 -16.60 -30.54
CA SER B 66 -38.51 -17.96 -30.01
C SER B 66 -37.15 -18.30 -29.39
N GLY B 67 -36.46 -19.31 -29.91
CA GLY B 67 -35.17 -19.69 -29.40
C GLY B 67 -34.04 -19.40 -30.38
N THR B 68 -34.19 -19.86 -31.62
CA THR B 68 -33.20 -19.58 -32.65
C THR B 68 -33.44 -18.22 -33.29
N SER B 69 -34.66 -17.99 -33.78
CA SER B 69 -34.98 -16.79 -34.55
C SER B 69 -35.76 -15.81 -33.68
N TYR B 70 -35.30 -14.57 -33.63
CA TYR B 70 -35.96 -13.48 -32.93
C TYR B 70 -36.33 -12.41 -33.93
N SER B 71 -37.19 -11.48 -33.50
CA SER B 71 -37.75 -10.48 -34.40
C SER B 71 -38.05 -9.21 -33.64
N LEU B 72 -38.22 -8.12 -34.39
CA LEU B 72 -38.61 -6.82 -33.84
C LEU B 72 -39.65 -6.22 -34.76
N THR B 73 -40.88 -6.09 -34.27
CA THR B 73 -41.99 -5.55 -35.04
C THR B 73 -42.39 -4.18 -34.50
N ILE B 74 -42.96 -3.37 -35.39
CA ILE B 74 -43.43 -2.03 -35.04
C ILE B 74 -44.92 -1.96 -35.37
N SER B 75 -45.58 -0.89 -34.92
CA SER B 75 -47.02 -0.73 -35.12
C SER B 75 -47.37 0.36 -36.15
N ARG B 76 -46.78 1.55 -36.03
CA ARG B 76 -47.09 2.67 -36.93
C ARG B 76 -45.78 3.32 -37.35
N MET B 77 -45.45 3.25 -38.63
CA MET B 77 -44.15 3.71 -39.11
C MET B 77 -44.11 5.23 -39.13
N GLU B 78 -43.13 5.80 -38.42
CA GLU B 78 -42.97 7.24 -38.36
C GLU B 78 -41.49 7.59 -38.54
N ALA B 79 -41.24 8.84 -38.93
CA ALA B 79 -39.89 9.25 -39.33
C ALA B 79 -38.92 9.29 -38.15
N GLU B 80 -39.42 9.40 -36.91
CA GLU B 80 -38.53 9.56 -35.77
C GLU B 80 -37.72 8.30 -35.48
N ASP B 81 -38.18 7.13 -35.93
CA ASP B 81 -37.55 5.86 -35.62
C ASP B 81 -36.82 5.27 -36.82
N ALA B 82 -36.19 6.12 -37.63
CA ALA B 82 -35.35 5.68 -38.74
C ALA B 82 -33.90 5.65 -38.25
N ALA B 83 -33.32 4.46 -38.20
CA ALA B 83 -31.97 4.29 -37.67
C ALA B 83 -31.51 2.87 -38.00
N THR B 84 -30.33 2.53 -37.51
CA THR B 84 -29.83 1.17 -37.57
C THR B 84 -30.23 0.41 -36.31
N TYR B 85 -30.46 -0.89 -36.46
CA TYR B 85 -30.95 -1.72 -35.37
C TYR B 85 -30.04 -2.93 -35.21
N TYR B 86 -29.40 -3.03 -34.06
CA TYR B 86 -28.57 -4.17 -33.71
C TYR B 86 -29.27 -5.00 -32.63
N CYS B 87 -28.99 -6.31 -32.66
CA CYS B 87 -29.46 -7.24 -31.64
C CYS B 87 -28.24 -7.92 -31.05
N GLN B 88 -28.25 -8.12 -29.73
CA GLN B 88 -27.11 -8.71 -29.04
C GLN B 88 -27.56 -9.87 -28.19
N GLN B 89 -26.57 -10.69 -27.82
CA GLN B 89 -26.77 -11.90 -27.03
C GLN B 89 -26.13 -11.69 -25.67
N ARG B 90 -26.89 -11.93 -24.60
CA ARG B 90 -26.38 -11.87 -23.24
C ARG B 90 -26.46 -13.22 -22.53
N SER B 91 -26.86 -14.28 -23.25
CA SER B 91 -26.97 -15.60 -22.62
C SER B 91 -25.60 -16.13 -22.21
N SER B 92 -24.64 -16.12 -23.14
CA SER B 92 -23.31 -16.67 -22.88
C SER B 92 -22.27 -15.79 -23.54
N TYR B 93 -20.96 -16.10 -23.23
CA TYR B 93 -19.85 -15.38 -23.82
C TYR B 93 -19.34 -16.09 -25.08
N PRO B 94 -18.72 -15.36 -26.01
CA PRO B 94 -18.59 -13.91 -25.97
C PRO B 94 -19.87 -13.22 -26.44
N LEU B 95 -20.11 -12.00 -25.95
CA LEU B 95 -21.31 -11.27 -26.36
C LEU B 95 -21.22 -10.94 -27.84
N THR B 96 -22.21 -11.38 -28.62
CA THR B 96 -22.23 -11.17 -30.04
C THR B 96 -23.32 -10.17 -30.41
N PHE B 97 -23.07 -9.39 -31.46
CA PHE B 97 -24.01 -8.41 -31.96
C PHE B 97 -24.41 -8.77 -33.39
N GLY B 98 -25.52 -8.20 -33.84
CA GLY B 98 -25.93 -8.35 -35.21
C GLY B 98 -25.25 -7.33 -36.12
N ALA B 99 -25.23 -7.67 -37.42
CA ALA B 99 -24.58 -6.79 -38.38
C ALA B 99 -25.24 -5.41 -38.42
N GLY B 100 -26.56 -5.36 -38.29
CA GLY B 100 -27.29 -4.11 -38.32
C GLY B 100 -28.36 -4.09 -39.40
N THR B 101 -29.36 -3.23 -39.23
CA THR B 101 -30.44 -3.08 -40.21
C THR B 101 -30.81 -1.61 -40.29
N LYS B 102 -30.42 -0.96 -41.37
CA LYS B 102 -30.72 0.45 -41.57
C LYS B 102 -32.12 0.60 -42.17
N LEU B 103 -32.89 1.55 -41.62
CA LEU B 103 -34.24 1.83 -42.09
C LEU B 103 -34.26 3.18 -42.80
N GLU B 104 -34.80 3.18 -44.01
CA GLU B 104 -34.94 4.39 -44.82
C GLU B 104 -36.41 4.75 -44.93
N ILE B 105 -36.73 6.02 -44.65
CA ILE B 105 -38.10 6.51 -44.81
C ILE B 105 -38.35 6.75 -46.30
N LYS B 106 -39.56 6.41 -46.74
CA LYS B 106 -39.99 6.64 -48.12
C LYS B 106 -40.98 7.81 -48.10
N ARG B 107 -40.51 8.98 -48.54
CA ARG B 107 -41.25 10.22 -48.46
C ARG B 107 -41.58 10.73 -49.85
N THR B 108 -42.64 11.54 -49.92
CA THR B 108 -43.01 12.20 -51.17
C THR B 108 -41.80 12.91 -51.77
N VAL B 109 -41.69 12.85 -53.10
CA VAL B 109 -40.54 13.44 -53.78
C VAL B 109 -40.46 14.92 -53.45
N ALA B 110 -39.28 15.37 -53.06
CA ALA B 110 -39.03 16.76 -52.69
C ALA B 110 -38.00 17.36 -53.63
N ALA B 111 -38.18 18.64 -53.96
CA ALA B 111 -37.27 19.32 -54.88
C ALA B 111 -36.06 19.85 -54.11
N PRO B 112 -34.83 19.64 -54.61
CA PRO B 112 -33.67 20.20 -53.92
C PRO B 112 -33.58 21.71 -54.09
N SER B 113 -33.00 22.36 -53.09
CA SER B 113 -32.73 23.80 -53.13
C SER B 113 -31.24 23.98 -53.39
N VAL B 114 -30.91 24.42 -54.60
CA VAL B 114 -29.52 24.47 -55.06
C VAL B 114 -28.90 25.79 -54.61
N PHE B 115 -27.67 25.70 -54.08
CA PHE B 115 -26.87 26.86 -53.75
C PHE B 115 -25.45 26.62 -54.23
N ILE B 116 -24.75 27.71 -54.53
CA ILE B 116 -23.38 27.63 -55.03
C ILE B 116 -22.54 28.67 -54.29
N PHE B 117 -21.35 28.26 -53.86
CA PHE B 117 -20.48 29.12 -53.06
C PHE B 117 -19.15 29.31 -53.78
N PRO B 118 -18.72 30.53 -54.05
CA PRO B 118 -17.42 30.74 -54.70
C PRO B 118 -16.28 30.55 -53.73
N PRO B 119 -15.05 30.34 -54.21
CA PRO B 119 -13.93 30.17 -53.30
C PRO B 119 -13.54 31.48 -52.64
N SER B 120 -13.21 31.40 -51.35
CA SER B 120 -12.78 32.57 -50.61
C SER B 120 -11.45 33.06 -51.14
N ASP B 121 -11.20 34.37 -50.98
CA ASP B 121 -9.93 34.95 -51.38
C ASP B 121 -8.78 34.42 -50.54
N GLU B 122 -9.06 33.89 -49.35
CA GLU B 122 -8.00 33.35 -48.50
C GLU B 122 -7.46 32.05 -49.07
N GLN B 123 -8.33 31.20 -49.61
CA GLN B 123 -7.88 29.95 -50.20
C GLN B 123 -7.05 30.21 -51.46
N LEU B 124 -7.47 31.17 -52.28
CA LEU B 124 -6.74 31.48 -53.50
C LEU B 124 -5.34 31.99 -53.19
N LYS B 125 -5.14 32.59 -52.01
CA LYS B 125 -3.81 33.03 -51.62
C LYS B 125 -2.84 31.87 -51.48
N SER B 126 -3.35 30.66 -51.24
CA SER B 126 -2.51 29.47 -51.12
C SER B 126 -2.31 28.75 -52.45
N GLY B 127 -2.96 29.19 -53.51
CA GLY B 127 -2.79 28.60 -54.82
C GLY B 127 -3.82 27.57 -55.22
N THR B 128 -4.86 27.37 -54.42
CA THR B 128 -5.88 26.36 -54.71
C THR B 128 -7.26 27.03 -54.71
N ALA B 129 -8.21 26.37 -55.36
CA ALA B 129 -9.57 26.86 -55.45
C ALA B 129 -10.53 25.69 -55.25
N SER B 130 -11.67 25.99 -54.63
CA SER B 130 -12.68 24.97 -54.34
C SER B 130 -14.06 25.59 -54.47
N VAL B 131 -14.76 25.27 -55.55
CA VAL B 131 -16.12 25.74 -55.79
C VAL B 131 -17.09 24.70 -55.26
N VAL B 132 -18.03 25.13 -54.42
CA VAL B 132 -18.97 24.23 -53.77
C VAL B 132 -20.35 24.44 -54.35
N CYS B 133 -21.05 23.34 -54.61
CA CYS B 133 -22.45 23.34 -55.01
C CYS B 133 -23.25 22.55 -53.97
N LEU B 134 -24.27 23.18 -53.42
CA LEU B 134 -25.01 22.63 -52.29
C LEU B 134 -26.41 22.24 -52.72
N LEU B 135 -26.79 20.99 -52.46
CA LEU B 135 -28.15 20.52 -52.61
C LEU B 135 -28.67 20.15 -51.23
N ASN B 136 -29.72 20.84 -50.78
CA ASN B 136 -30.19 20.72 -49.40
C ASN B 136 -31.65 20.29 -49.38
N ASN B 137 -31.96 19.31 -48.52
CA ASN B 137 -33.32 18.87 -48.28
C ASN B 137 -34.01 18.42 -49.55
N PHE B 138 -33.81 17.16 -49.93
CA PHE B 138 -34.46 16.60 -51.11
C PHE B 138 -34.64 15.10 -50.89
N TYR B 139 -35.49 14.51 -51.74
CA TYR B 139 -35.76 13.08 -51.68
C TYR B 139 -36.17 12.60 -53.06
N PRO B 140 -35.73 11.41 -53.50
CA PRO B 140 -34.82 10.47 -52.83
C PRO B 140 -33.35 10.89 -52.85
N ARG B 141 -32.49 9.95 -52.44
CA ARG B 141 -31.06 10.24 -52.32
C ARG B 141 -30.45 10.58 -53.67
N GLU B 142 -30.69 9.75 -54.68
CA GLU B 142 -29.99 9.88 -55.96
C GLU B 142 -30.26 11.24 -56.60
N ALA B 143 -29.19 11.95 -56.94
CA ALA B 143 -29.28 13.22 -57.64
C ALA B 143 -28.05 13.39 -58.51
N LYS B 144 -28.26 13.68 -59.79
CA LYS B 144 -27.18 13.78 -60.76
C LYS B 144 -26.68 15.22 -60.80
N VAL B 145 -25.38 15.40 -60.57
CA VAL B 145 -24.76 16.71 -60.55
C VAL B 145 -23.75 16.78 -61.68
N GLN B 146 -23.61 17.97 -62.27
CA GLN B 146 -22.65 18.21 -63.34
C GLN B 146 -22.08 19.62 -63.21
N TRP B 147 -20.83 19.77 -63.60
CA TRP B 147 -20.13 21.04 -63.58
C TRP B 147 -19.85 21.49 -65.00
N LYS B 148 -20.24 22.71 -65.33
CA LYS B 148 -20.05 23.27 -66.67
C LYS B 148 -19.31 24.59 -66.53
N VAL B 149 -18.03 24.59 -66.89
CA VAL B 149 -17.21 25.80 -66.87
C VAL B 149 -17.18 26.34 -68.29
N ASP B 150 -17.77 27.53 -68.47
CA ASP B 150 -17.91 28.13 -69.79
C ASP B 150 -18.67 27.19 -70.72
N ASN B 151 -19.76 26.61 -70.20
CA ASN B 151 -20.59 25.68 -70.96
C ASN B 151 -19.77 24.47 -71.45
N ALA B 152 -18.75 24.09 -70.69
CA ALA B 152 -17.93 22.92 -70.99
C ALA B 152 -17.97 21.98 -69.80
N LEU B 153 -18.40 20.75 -70.04
CA LEU B 153 -18.53 19.78 -68.96
C LEU B 153 -17.17 19.44 -68.37
N GLN B 154 -17.07 19.47 -67.05
CA GLN B 154 -15.87 19.08 -66.34
C GLN B 154 -16.01 17.65 -65.83
N SER B 155 -14.88 16.96 -65.73
CA SER B 155 -14.86 15.56 -65.29
C SER B 155 -13.60 15.32 -64.48
N GLY B 156 -13.75 14.59 -63.37
CA GLY B 156 -12.64 14.21 -62.55
C GLY B 156 -12.34 15.14 -61.39
N ASN B 157 -12.85 16.37 -61.42
CA ASN B 157 -12.55 17.36 -60.39
C ASN B 157 -13.58 17.38 -59.26
N SER B 158 -14.75 16.78 -59.46
CA SER B 158 -15.83 16.85 -58.49
C SER B 158 -15.71 15.75 -57.44
N GLN B 159 -16.27 16.02 -56.26
CA GLN B 159 -16.31 15.06 -55.16
C GLN B 159 -17.65 15.25 -54.45
N GLU B 160 -18.61 14.39 -54.76
CA GLU B 160 -19.92 14.46 -54.12
C GLU B 160 -19.87 13.85 -52.72
N SER B 161 -20.63 14.43 -51.81
CA SER B 161 -20.71 13.96 -50.43
C SER B 161 -22.14 14.10 -49.95
N VAL B 162 -22.83 12.98 -49.80
CA VAL B 162 -24.20 12.95 -49.31
C VAL B 162 -24.18 12.70 -47.81
N THR B 163 -25.06 13.38 -47.09
CA THR B 163 -25.19 13.18 -45.65
C THR B 163 -26.30 12.17 -45.35
N GLU B 164 -26.37 11.75 -44.10
CA GLU B 164 -27.39 10.80 -43.69
C GLU B 164 -28.78 11.41 -43.82
N GLN B 165 -29.80 10.56 -43.71
CA GLN B 165 -31.17 11.01 -43.79
C GLN B 165 -31.55 11.79 -42.54
N ASP B 166 -32.04 13.01 -42.72
CA ASP B 166 -32.42 13.85 -41.60
C ASP B 166 -33.55 13.19 -40.82
N SER B 167 -33.51 13.33 -39.49
CA SER B 167 -34.51 12.72 -38.63
C SER B 167 -35.82 13.52 -38.62
N LYS B 168 -35.74 14.83 -38.85
CA LYS B 168 -36.94 15.69 -38.80
C LYS B 168 -37.64 15.70 -40.16
N ASP B 169 -36.97 16.25 -41.17
CA ASP B 169 -37.57 16.40 -42.49
C ASP B 169 -37.51 15.13 -43.33
N SER B 170 -36.71 14.14 -42.93
CA SER B 170 -36.55 12.92 -43.70
C SER B 170 -36.02 13.21 -45.10
N THR B 171 -35.09 14.15 -45.18
CA THR B 171 -34.50 14.56 -46.45
C THR B 171 -32.98 14.48 -46.35
N TYR B 172 -32.34 14.29 -47.50
CA TYR B 172 -30.89 14.20 -47.58
C TYR B 172 -30.31 15.57 -47.95
N SER B 173 -28.99 15.60 -48.11
CA SER B 173 -28.29 16.76 -48.61
C SER B 173 -27.03 16.28 -49.30
N LEU B 174 -26.65 16.95 -50.39
CA LEU B 174 -25.49 16.57 -51.18
C LEU B 174 -24.53 17.76 -51.27
N SER B 175 -23.24 17.47 -51.16
CA SER B 175 -22.18 18.47 -51.23
C SER B 175 -21.20 18.06 -52.30
N SER B 176 -21.25 18.75 -53.45
CA SER B 176 -20.32 18.52 -54.55
C SER B 176 -19.33 19.68 -54.60
N THR B 177 -18.04 19.36 -54.61
CA THR B 177 -16.98 20.36 -54.58
C THR B 177 -16.10 20.21 -55.81
N LEU B 178 -15.86 21.32 -56.50
CA LEU B 178 -15.01 21.34 -57.69
C LEU B 178 -13.66 21.93 -57.29
N THR B 179 -12.65 21.07 -57.20
CA THR B 179 -11.31 21.49 -56.80
C THR B 179 -10.49 21.79 -58.05
N LEU B 180 -9.99 23.03 -58.13
CA LEU B 180 -9.15 23.47 -59.23
C LEU B 180 -7.98 24.27 -58.66
N SER B 181 -6.96 24.46 -59.50
CA SER B 181 -5.81 25.26 -59.12
C SER B 181 -6.06 26.73 -59.45
N LYS B 182 -5.39 27.61 -58.71
CA LYS B 182 -5.49 29.04 -59.00
C LYS B 182 -5.01 29.33 -60.42
N ALA B 183 -4.00 28.60 -60.88
CA ALA B 183 -3.48 28.79 -62.23
C ALA B 183 -4.61 28.61 -63.26
N ASP B 184 -5.38 27.53 -63.12
CA ASP B 184 -6.48 27.25 -64.03
C ASP B 184 -7.77 27.96 -63.62
N TYR B 185 -7.85 28.50 -62.40
CA TYR B 185 -9.06 29.19 -61.97
C TYR B 185 -9.16 30.58 -62.59
N GLU B 186 -8.03 31.23 -62.87
CA GLU B 186 -8.03 32.54 -63.51
C GLU B 186 -8.24 32.46 -65.02
N LYS B 187 -8.03 31.29 -65.62
CA LYS B 187 -8.15 31.15 -67.06
C LYS B 187 -9.58 31.14 -67.56
N HIS B 188 -10.55 30.92 -66.67
CA HIS B 188 -11.96 30.84 -67.05
C HIS B 188 -12.75 31.89 -66.29
N LYS B 189 -13.96 32.14 -66.77
CA LYS B 189 -14.80 33.22 -66.26
C LYS B 189 -15.95 32.68 -65.41
N VAL B 190 -16.97 32.06 -66.03
CA VAL B 190 -18.16 31.63 -65.30
C VAL B 190 -18.01 30.17 -64.90
N TYR B 191 -18.52 29.83 -63.71
CA TYR B 191 -18.57 28.46 -63.23
C TYR B 191 -20.01 28.12 -62.88
N ALA B 192 -20.50 27.01 -63.42
CA ALA B 192 -21.90 26.63 -63.28
C ALA B 192 -22.02 25.26 -62.63
N CYS B 193 -23.23 24.96 -62.15
CA CYS B 193 -23.55 23.69 -61.50
C CYS B 193 -24.94 23.29 -61.94
N GLU B 194 -25.02 22.37 -62.91
CA GLU B 194 -26.30 21.89 -63.44
C GLU B 194 -26.64 20.58 -62.75
N VAL B 195 -27.82 20.54 -62.11
CA VAL B 195 -28.29 19.37 -61.39
C VAL B 195 -29.66 18.98 -61.92
N THR B 196 -29.89 17.68 -62.04
CA THR B 196 -31.18 17.16 -62.50
C THR B 196 -31.68 16.12 -61.51
N HIS B 197 -32.99 16.14 -61.27
CA HIS B 197 -33.60 15.32 -60.24
C HIS B 197 -35.06 15.11 -60.62
N GLN B 198 -35.57 13.89 -60.42
CA GLN B 198 -36.95 13.59 -60.77
C GLN B 198 -37.93 14.57 -60.12
N GLY B 199 -37.52 15.24 -59.04
CA GLY B 199 -38.29 16.31 -58.47
C GLY B 199 -38.16 17.64 -59.18
N LEU B 200 -37.57 17.64 -60.38
CA LEU B 200 -37.39 18.84 -61.17
C LEU B 200 -37.92 18.58 -62.57
N SER B 201 -38.83 19.44 -63.03
CA SER B 201 -39.32 19.32 -64.40
C SER B 201 -38.20 19.61 -65.39
N LEU B 202 -37.43 20.68 -65.15
CA LEU B 202 -36.30 21.04 -65.99
C LEU B 202 -35.05 21.15 -65.12
N PRO B 203 -33.91 20.59 -65.53
CA PRO B 203 -32.70 20.72 -64.71
C PRO B 203 -32.37 22.18 -64.43
N VAL B 204 -32.23 22.49 -63.15
CA VAL B 204 -31.91 23.85 -62.71
C VAL B 204 -30.40 24.03 -62.72
N THR B 205 -29.96 25.25 -63.03
CA THR B 205 -28.55 25.60 -63.06
C THR B 205 -28.32 26.84 -62.22
N LYS B 206 -27.31 26.79 -61.35
CA LYS B 206 -26.93 27.92 -60.52
C LYS B 206 -25.45 28.20 -60.73
N SER B 207 -25.13 29.35 -61.32
CA SER B 207 -23.77 29.71 -61.68
C SER B 207 -23.40 31.05 -61.07
N PHE B 208 -22.22 31.53 -61.41
CA PHE B 208 -21.72 32.81 -60.93
C PHE B 208 -20.52 33.20 -61.77
N ASN B 209 -20.37 34.50 -62.01
CA ASN B 209 -19.24 35.04 -62.76
C ASN B 209 -18.15 35.49 -61.78
N ARG B 210 -16.95 34.98 -61.96
CA ARG B 210 -15.83 35.28 -61.09
C ARG B 210 -15.67 36.79 -60.91
N GLY B 211 -15.96 37.29 -59.70
CA GLY B 211 -15.85 38.71 -59.41
C GLY B 211 -17.04 39.51 -59.90
N GLU C 1 -28.29 11.59 -15.10
CA GLU C 1 -27.13 11.93 -14.24
C GLU C 1 -26.02 10.89 -14.42
N VAL C 2 -26.40 9.69 -14.84
CA VAL C 2 -25.41 8.67 -15.19
C VAL C 2 -24.69 9.11 -16.46
N GLN C 3 -23.38 9.36 -16.34
CA GLN C 3 -22.58 9.86 -17.45
C GLN C 3 -21.24 9.14 -17.47
N LEU C 4 -20.87 8.62 -18.64
CA LEU C 4 -19.59 7.93 -18.83
C LEU C 4 -18.77 8.76 -19.81
N GLN C 5 -17.82 9.52 -19.28
CA GLN C 5 -16.95 10.36 -20.07
C GLN C 5 -15.72 9.56 -20.51
N GLN C 6 -15.46 9.56 -21.81
CA GLN C 6 -14.37 8.77 -22.39
C GLN C 6 -13.27 9.69 -22.91
N SER C 7 -12.12 9.09 -23.21
CA SER C 7 -10.99 9.86 -23.72
C SER C 7 -11.31 10.42 -25.11
N GLY C 8 -10.39 11.23 -25.62
CA GLY C 8 -10.57 11.87 -26.90
C GLY C 8 -9.99 11.08 -28.04
N PRO C 9 -10.31 11.47 -29.28
CA PRO C 9 -9.75 10.76 -30.43
C PRO C 9 -8.24 10.93 -30.51
N GLU C 10 -7.58 9.91 -31.05
CA GLU C 10 -6.13 9.87 -31.06
C GLU C 10 -5.62 9.26 -32.35
N LEU C 11 -4.46 9.74 -32.80
CA LEU C 11 -3.69 9.11 -33.86
C LEU C 11 -2.45 8.50 -33.24
N VAL C 12 -2.21 7.22 -33.51
CA VAL C 12 -1.10 6.49 -32.92
C VAL C 12 -0.41 5.68 -34.00
N LYS C 13 0.92 5.67 -33.97
CA LYS C 13 1.67 4.92 -34.97
C LYS C 13 1.46 3.42 -34.76
N PRO C 14 1.55 2.63 -35.83
CA PRO C 14 1.34 1.19 -35.69
C PRO C 14 2.45 0.53 -34.87
N GLY C 15 2.05 -0.36 -33.97
CA GLY C 15 2.97 -1.03 -33.08
C GLY C 15 3.09 -0.40 -31.71
N ALA C 16 2.61 0.83 -31.54
CA ALA C 16 2.68 1.51 -30.26
C ALA C 16 1.50 1.11 -29.38
N SER C 17 1.58 1.50 -28.11
CA SER C 17 0.53 1.20 -27.15
C SER C 17 -0.46 2.35 -27.06
N VAL C 18 -1.72 1.99 -26.83
CA VAL C 18 -2.81 2.96 -26.70
C VAL C 18 -3.40 2.81 -25.31
N LYS C 19 -3.76 3.94 -24.70
CA LYS C 19 -4.33 3.96 -23.36
C LYS C 19 -5.61 4.78 -23.40
N LEU C 20 -6.75 4.09 -23.48
CA LEU C 20 -8.07 4.74 -23.50
C LEU C 20 -8.67 4.72 -22.11
N SER C 21 -9.21 5.85 -21.68
CA SER C 21 -9.82 5.99 -20.37
C SER C 21 -11.33 6.16 -20.49
N CYS C 22 -12.03 5.78 -19.42
CA CYS C 22 -13.50 5.85 -19.40
C CYS C 22 -13.91 6.26 -17.99
N LYS C 23 -14.17 7.54 -17.79
CA LYS C 23 -14.59 8.06 -16.50
C LYS C 23 -16.06 7.76 -16.25
N ALA C 24 -16.38 7.45 -15.00
CA ALA C 24 -17.75 7.16 -14.60
C ALA C 24 -18.25 8.24 -13.63
N SER C 25 -19.56 8.39 -13.59
CA SER C 25 -20.19 9.40 -12.75
C SER C 25 -21.68 9.10 -12.66
N GLY C 26 -22.30 9.57 -11.57
CA GLY C 26 -23.71 9.40 -11.35
C GLY C 26 -24.09 8.17 -10.56
N TYR C 27 -23.15 7.24 -10.32
CA TYR C 27 -23.44 6.05 -9.55
C TYR C 27 -22.15 5.60 -8.87
N THR C 28 -22.22 4.46 -8.18
CA THR C 28 -21.12 4.00 -7.34
C THR C 28 -19.99 3.35 -8.13
N PHE C 29 -20.13 3.22 -9.45
CA PHE C 29 -19.09 2.65 -10.31
C PHE C 29 -18.88 1.15 -10.07
N THR C 30 -18.89 0.71 -8.81
CA THR C 30 -18.59 -0.67 -8.46
C THR C 30 -19.80 -1.57 -8.49
N SER C 31 -21.00 -1.03 -8.75
CA SER C 31 -22.20 -1.86 -8.73
C SER C 31 -22.26 -2.80 -9.93
N SER C 32 -21.86 -2.31 -11.10
CA SER C 32 -22.02 -3.05 -12.35
C SER C 32 -20.67 -3.33 -12.98
N TRP C 33 -20.67 -4.30 -13.90
CA TRP C 33 -19.52 -4.56 -14.73
C TRP C 33 -19.34 -3.46 -15.77
N MET C 34 -18.11 -3.30 -16.23
CA MET C 34 -17.76 -2.30 -17.24
C MET C 34 -17.34 -3.03 -18.51
N HIS C 35 -18.21 -3.03 -19.51
CA HIS C 35 -17.93 -3.67 -20.78
C HIS C 35 -17.27 -2.69 -21.75
N TRP C 36 -16.66 -3.25 -22.79
CA TRP C 36 -16.05 -2.46 -23.85
C TRP C 36 -16.47 -3.03 -25.20
N VAL C 37 -16.79 -2.14 -26.14
CA VAL C 37 -17.29 -2.51 -27.44
C VAL C 37 -16.51 -1.75 -28.50
N LYS C 38 -16.09 -2.45 -29.55
CA LYS C 38 -15.41 -1.86 -30.69
C LYS C 38 -16.35 -1.88 -31.88
N GLN C 39 -16.52 -0.71 -32.52
CA GLN C 39 -17.41 -0.57 -33.66
C GLN C 39 -16.59 -0.13 -34.87
N ARG C 40 -16.40 -1.03 -35.83
CA ARG C 40 -15.81 -0.69 -37.11
C ARG C 40 -16.94 -0.50 -38.11
N PRO C 41 -17.17 0.71 -38.64
CA PRO C 41 -18.30 0.90 -39.55
C PRO C 41 -18.27 -0.08 -40.71
N GLY C 42 -19.42 -0.69 -40.99
CA GLY C 42 -19.57 -1.64 -42.06
C GLY C 42 -19.55 -3.08 -41.61
N GLN C 43 -18.82 -3.41 -40.55
CA GLN C 43 -18.76 -4.77 -40.04
C GLN C 43 -19.65 -4.98 -38.82
N GLY C 44 -20.17 -3.92 -38.21
CA GLY C 44 -21.01 -4.04 -37.05
C GLY C 44 -20.28 -3.83 -35.74
N LEU C 45 -20.74 -4.49 -34.68
CA LEU C 45 -20.21 -4.33 -33.34
C LEU C 45 -19.53 -5.62 -32.88
N GLU C 46 -18.42 -5.48 -32.16
CA GLU C 46 -17.68 -6.61 -31.63
C GLU C 46 -17.39 -6.37 -30.15
N TRP C 47 -17.55 -7.43 -29.36
CA TRP C 47 -17.37 -7.33 -27.91
C TRP C 47 -15.92 -7.61 -27.54
N ILE C 48 -15.32 -6.68 -26.80
CA ILE C 48 -13.91 -6.78 -26.41
C ILE C 48 -13.82 -7.57 -25.12
N GLY C 49 -14.50 -7.08 -24.08
CA GLY C 49 -14.45 -7.73 -22.79
C GLY C 49 -15.08 -6.84 -21.74
N ASN C 50 -15.04 -7.33 -20.50
CA ASN C 50 -15.56 -6.57 -19.37
C ASN C 50 -14.62 -6.72 -18.18
N ILE C 51 -14.90 -5.94 -17.14
CA ILE C 51 -14.14 -6.00 -15.90
C ILE C 51 -15.08 -5.65 -14.75
N TYR C 52 -14.75 -6.13 -13.56
CA TYR C 52 -15.51 -5.83 -12.36
C TYR C 52 -14.68 -4.94 -11.46
N PRO C 53 -15.09 -3.71 -11.15
CA PRO C 53 -14.19 -2.80 -10.44
C PRO C 53 -13.78 -3.29 -9.06
N SER C 54 -14.70 -3.84 -8.27
CA SER C 54 -14.39 -4.22 -6.89
C SER C 54 -13.17 -5.12 -6.83
N ASN C 55 -13.27 -6.31 -7.42
CA ASN C 55 -12.19 -7.29 -7.36
C ASN C 55 -11.14 -7.12 -8.44
N GLY C 56 -11.45 -6.36 -9.50
CA GLY C 56 -10.54 -6.22 -10.60
C GLY C 56 -10.54 -7.37 -11.58
N GLY C 57 -11.51 -8.28 -11.48
CA GLY C 57 -11.55 -9.42 -12.36
C GLY C 57 -11.92 -9.03 -13.77
N THR C 58 -11.18 -9.57 -14.73
CA THR C 58 -11.32 -9.20 -16.13
C THR C 58 -11.60 -10.42 -16.98
N ASN C 59 -12.42 -10.23 -18.02
CA ASN C 59 -12.71 -11.26 -19.01
C ASN C 59 -12.54 -10.66 -20.40
N TYR C 60 -11.92 -11.42 -21.29
CA TYR C 60 -11.62 -10.95 -22.64
C TYR C 60 -12.30 -11.82 -23.68
N ASN C 61 -12.43 -11.27 -24.87
CA ASN C 61 -12.87 -12.05 -26.03
C ASN C 61 -11.69 -12.84 -26.57
N GLU C 62 -12.01 -13.99 -27.19
CA GLU C 62 -10.96 -14.88 -27.66
C GLU C 62 -10.05 -14.19 -28.67
N ARG C 63 -10.59 -13.28 -29.48
CA ARG C 63 -9.77 -12.58 -30.46
C ARG C 63 -8.97 -11.44 -29.81
N PHE C 64 -9.65 -10.59 -29.05
CA PHE C 64 -9.01 -9.44 -28.41
C PHE C 64 -8.31 -9.82 -27.11
N LYS C 65 -7.90 -11.07 -26.95
CA LYS C 65 -7.30 -11.52 -25.69
C LYS C 65 -5.87 -11.02 -25.55
N SER C 66 -5.04 -11.23 -26.58
CA SER C 66 -3.65 -10.81 -26.53
C SER C 66 -3.46 -9.33 -26.85
N LYS C 67 -4.44 -8.71 -27.51
CA LYS C 67 -4.29 -7.31 -27.92
C LYS C 67 -4.61 -6.35 -26.79
N ALA C 68 -5.81 -6.47 -26.22
CA ALA C 68 -6.30 -5.51 -25.24
C ALA C 68 -6.11 -6.03 -23.82
N THR C 69 -5.86 -5.09 -22.89
CA THR C 69 -5.73 -5.39 -21.47
C THR C 69 -6.59 -4.39 -20.70
N LEU C 70 -7.55 -4.90 -19.93
CA LEU C 70 -8.52 -4.08 -19.21
C LEU C 70 -8.07 -3.89 -17.78
N THR C 71 -8.08 -2.64 -17.32
CA THR C 71 -7.74 -2.29 -15.94
C THR C 71 -8.71 -1.24 -15.45
N VAL C 72 -8.71 -1.02 -14.13
CA VAL C 72 -9.54 0.00 -13.50
C VAL C 72 -8.73 0.69 -12.41
N ASP C 73 -9.28 1.78 -11.89
CA ASP C 73 -8.64 2.53 -10.81
C ASP C 73 -9.75 3.10 -9.93
N ARG C 74 -9.91 2.53 -8.73
CA ARG C 74 -10.97 2.98 -7.84
C ARG C 74 -10.72 4.38 -7.32
N SER C 75 -9.45 4.79 -7.23
CA SER C 75 -9.13 6.14 -6.74
C SER C 75 -9.69 7.19 -7.68
N SER C 76 -9.32 7.13 -8.96
CA SER C 76 -9.83 8.07 -9.95
C SER C 76 -11.19 7.68 -10.50
N ASN C 77 -11.65 6.46 -10.23
CA ASN C 77 -12.98 6.01 -10.64
C ASN C 77 -13.11 5.99 -12.16
N THR C 78 -12.10 5.41 -12.82
CA THR C 78 -12.06 5.32 -14.27
C THR C 78 -11.69 3.89 -14.67
N ALA C 79 -12.07 3.54 -15.90
CA ALA C 79 -11.80 2.21 -16.46
C ALA C 79 -10.91 2.38 -17.68
N TYR C 80 -9.74 1.77 -17.64
CA TYR C 80 -8.76 1.88 -18.72
C TYR C 80 -8.86 0.67 -19.65
N MET C 81 -8.14 0.78 -20.77
CA MET C 81 -8.03 -0.31 -21.74
C MET C 81 -6.78 -0.07 -22.56
N GLN C 82 -5.82 -0.98 -22.50
CA GLN C 82 -4.55 -0.82 -23.19
C GLN C 82 -4.50 -1.76 -24.39
N LEU C 83 -4.34 -1.18 -25.58
CA LEU C 83 -4.15 -1.92 -26.82
C LEU C 83 -2.67 -1.92 -27.17
N SER C 84 -2.07 -3.10 -27.21
CA SER C 84 -0.66 -3.25 -27.51
C SER C 84 -0.48 -3.83 -28.90
N SER C 85 0.72 -3.64 -29.45
CA SER C 85 1.05 -4.08 -30.81
C SER C 85 -0.07 -3.69 -31.78
N LEU C 86 -0.17 -2.38 -31.99
CA LEU C 86 -1.26 -1.81 -32.76
C LEU C 86 -1.05 -2.07 -34.25
N THR C 87 -1.98 -2.78 -34.86
CA THR C 87 -1.97 -3.05 -36.29
C THR C 87 -2.84 -2.02 -37.00
N SER C 88 -2.98 -2.19 -38.32
CA SER C 88 -3.83 -1.29 -39.09
C SER C 88 -5.30 -1.69 -39.02
N GLU C 89 -5.60 -2.94 -38.69
CA GLU C 89 -6.97 -3.40 -38.56
C GLU C 89 -7.62 -2.96 -37.25
N ASP C 90 -6.84 -2.41 -36.32
CA ASP C 90 -7.34 -1.98 -35.03
C ASP C 90 -7.85 -0.53 -35.05
N SER C 91 -8.09 0.03 -36.22
CA SER C 91 -8.64 1.39 -36.34
C SER C 91 -10.15 1.29 -36.37
N ALA C 92 -10.80 1.74 -35.31
CA ALA C 92 -12.25 1.70 -35.20
C ALA C 92 -12.68 2.69 -34.13
N VAL C 93 -13.95 2.64 -33.77
CA VAL C 93 -14.51 3.45 -32.68
C VAL C 93 -14.77 2.52 -31.50
N TYR C 94 -14.35 2.94 -30.31
CA TYR C 94 -14.43 2.12 -29.11
C TYR C 94 -15.37 2.77 -28.11
N PHE C 95 -16.23 1.96 -27.51
CA PHE C 95 -17.18 2.40 -26.50
C PHE C 95 -16.94 1.68 -25.19
N CYS C 96 -17.19 2.38 -24.09
CA CYS C 96 -17.30 1.76 -22.77
C CYS C 96 -18.74 1.91 -22.29
N ALA C 97 -19.30 0.83 -21.76
CA ALA C 97 -20.71 0.82 -21.41
C ALA C 97 -20.95 -0.20 -20.32
N ARG C 98 -21.86 0.12 -19.42
CA ARG C 98 -22.36 -0.81 -18.41
C ARG C 98 -23.65 -1.45 -18.91
N PHE C 99 -23.80 -2.73 -18.63
CA PHE C 99 -25.00 -3.46 -18.99
C PHE C 99 -25.71 -3.94 -17.73
N GLY C 100 -27.02 -4.19 -17.86
CA GLY C 100 -27.79 -4.65 -16.73
C GLY C 100 -27.25 -5.94 -16.15
N SER C 101 -27.71 -6.26 -14.94
CA SER C 101 -27.33 -7.48 -14.25
C SER C 101 -28.56 -8.35 -14.04
N PHE C 102 -28.41 -9.65 -14.25
CA PHE C 102 -29.46 -10.61 -13.95
C PHE C 102 -29.41 -10.96 -12.47
N ILE C 103 -30.54 -10.83 -11.79
CA ILE C 103 -30.67 -11.20 -10.38
C ILE C 103 -31.38 -12.55 -10.31
N THR C 104 -30.70 -13.54 -9.75
CA THR C 104 -31.12 -14.94 -9.84
C THR C 104 -31.45 -15.47 -8.44
N THR C 105 -32.71 -15.78 -8.21
CA THR C 105 -33.18 -16.40 -6.97
C THR C 105 -33.52 -17.87 -7.21
N ILE C 106 -33.87 -18.56 -6.13
CA ILE C 106 -34.28 -19.95 -6.26
C ILE C 106 -35.61 -20.04 -7.01
N LEU C 107 -36.42 -18.98 -6.98
CA LEU C 107 -37.69 -18.95 -7.68
C LEU C 107 -37.47 -18.77 -9.18
N THR C 108 -36.97 -17.62 -9.58
CA THR C 108 -36.76 -17.31 -11.00
C THR C 108 -35.59 -16.36 -11.12
N THR C 109 -35.37 -15.85 -12.33
CA THR C 109 -34.33 -14.85 -12.60
C THR C 109 -34.99 -13.58 -13.11
N TYR C 110 -34.58 -12.45 -12.56
CA TYR C 110 -34.99 -11.14 -13.02
C TYR C 110 -33.81 -10.46 -13.71
N TYR C 111 -34.12 -9.56 -14.63
CA TYR C 111 -33.12 -8.72 -15.28
C TYR C 111 -33.61 -7.29 -15.30
N ASN C 112 -32.74 -6.37 -14.90
CA ASN C 112 -33.09 -4.95 -14.85
C ASN C 112 -32.30 -4.19 -15.90
N PRO C 113 -32.94 -3.34 -16.71
CA PRO C 113 -32.20 -2.63 -17.77
C PRO C 113 -31.53 -1.37 -17.28
N VAL C 114 -30.20 -1.37 -17.20
CA VAL C 114 -29.44 -0.21 -16.77
C VAL C 114 -28.35 0.08 -17.80
N ASP C 115 -28.59 -0.30 -19.05
CA ASP C 115 -27.60 -0.12 -20.10
C ASP C 115 -27.44 1.37 -20.43
N TYR C 116 -26.23 1.89 -20.24
CA TYR C 116 -25.92 3.29 -20.53
C TYR C 116 -24.57 3.34 -21.21
N TRP C 117 -24.54 3.74 -22.48
CA TRP C 117 -23.33 3.77 -23.26
C TRP C 117 -22.65 5.13 -23.15
N GLY C 118 -21.32 5.12 -23.29
CA GLY C 118 -20.53 6.34 -23.25
C GLY C 118 -20.16 6.81 -24.65
N GLN C 119 -19.68 8.05 -24.70
CA GLN C 119 -19.23 8.64 -25.95
C GLN C 119 -18.18 7.76 -26.60
N GLY C 120 -18.20 7.72 -27.93
CA GLY C 120 -17.23 6.93 -28.66
C GLY C 120 -15.86 7.56 -28.66
N THR C 121 -14.87 6.77 -29.06
CA THR C 121 -13.49 7.22 -29.21
C THR C 121 -12.98 6.72 -30.55
N THR C 122 -12.76 7.65 -31.48
CA THR C 122 -12.28 7.31 -32.81
C THR C 122 -10.77 7.15 -32.75
N LEU C 123 -10.29 5.93 -32.99
CA LEU C 123 -8.86 5.62 -33.01
C LEU C 123 -8.42 5.41 -34.45
N THR C 124 -7.30 6.04 -34.81
CA THR C 124 -6.71 5.88 -36.14
C THR C 124 -5.24 5.52 -35.99
N VAL C 125 -4.77 4.62 -36.84
CA VAL C 125 -3.38 4.16 -36.83
C VAL C 125 -2.79 4.43 -38.20
N SER C 126 -1.73 5.23 -38.24
CA SER C 126 -1.06 5.55 -39.49
C SER C 126 0.26 6.21 -39.16
N SER C 127 1.18 6.17 -40.13
CA SER C 127 2.50 6.75 -39.97
C SER C 127 2.55 8.23 -40.28
N ALA C 128 1.52 8.78 -40.93
CA ALA C 128 1.53 10.16 -41.36
C ALA C 128 1.23 11.10 -40.18
N SER C 129 2.00 12.18 -40.10
CA SER C 129 1.79 13.17 -39.06
C SER C 129 0.46 13.90 -39.29
N THR C 130 -0.08 14.44 -38.22
CA THR C 130 -1.35 15.15 -38.30
C THR C 130 -1.17 16.52 -38.95
N LYS C 131 -2.21 16.98 -39.64
CA LYS C 131 -2.24 18.29 -40.26
C LYS C 131 -3.47 19.03 -39.76
N GLY C 132 -3.29 20.30 -39.39
CA GLY C 132 -4.39 21.11 -38.92
C GLY C 132 -5.35 21.44 -40.04
N PRO C 133 -6.63 21.62 -39.70
CA PRO C 133 -7.61 21.95 -40.73
C PRO C 133 -7.55 23.42 -41.13
N SER C 134 -7.80 23.65 -42.41
CA SER C 134 -7.86 25.00 -42.98
C SER C 134 -9.33 25.32 -43.22
N VAL C 135 -9.91 26.12 -42.32
CA VAL C 135 -11.31 26.50 -42.40
C VAL C 135 -11.45 27.70 -43.32
N PHE C 136 -12.36 27.62 -44.29
CA PHE C 136 -12.61 28.69 -45.23
C PHE C 136 -14.09 29.05 -45.23
N PRO C 137 -14.46 30.32 -45.28
CA PRO C 137 -15.87 30.68 -45.31
C PRO C 137 -16.52 30.36 -46.65
N LEU C 138 -17.84 30.22 -46.60
CA LEU C 138 -18.67 30.06 -47.80
C LEU C 138 -19.78 31.10 -47.72
N ALA C 139 -19.55 32.25 -48.38
CA ALA C 139 -20.40 33.41 -48.20
C ALA C 139 -21.44 33.50 -49.32
N PRO C 140 -22.63 34.02 -49.02
CA PRO C 140 -23.60 34.34 -50.08
C PRO C 140 -23.44 35.79 -50.55
N SER C 141 -23.92 36.03 -51.77
CA SER C 141 -23.80 37.34 -52.39
C SER C 141 -25.15 37.88 -52.84
N SER C 142 -25.80 37.17 -53.76
CA SER C 142 -27.08 37.61 -54.31
C SER C 142 -28.08 37.90 -53.21
N THR C 149 -34.58 32.72 -48.43
CA THR C 149 -33.62 32.20 -47.47
C THR C 149 -32.27 31.95 -48.11
N ALA C 150 -31.20 32.27 -47.39
CA ALA C 150 -29.84 32.08 -47.88
C ALA C 150 -29.22 30.86 -47.21
N ALA C 151 -27.97 30.57 -47.58
CA ALA C 151 -27.24 29.43 -47.03
C ALA C 151 -25.80 29.85 -46.77
N LEU C 152 -25.29 29.46 -45.60
CA LEU C 152 -23.91 29.71 -45.21
C LEU C 152 -23.17 28.38 -45.08
N GLY C 153 -21.90 28.46 -44.71
CA GLY C 153 -21.11 27.26 -44.52
C GLY C 153 -19.66 27.59 -44.29
N CYS C 154 -18.91 26.55 -43.91
CA CYS C 154 -17.47 26.64 -43.72
C CYS C 154 -16.82 25.37 -44.25
N LEU C 155 -15.67 25.53 -44.90
CA LEU C 155 -14.97 24.43 -45.55
C LEU C 155 -13.70 24.13 -44.75
N VAL C 156 -13.64 22.95 -44.16
CA VAL C 156 -12.43 22.47 -43.49
C VAL C 156 -11.68 21.58 -44.47
N LYS C 157 -10.43 21.93 -44.77
CA LYS C 157 -9.65 21.25 -45.78
C LYS C 157 -8.27 20.90 -45.25
N ASP C 158 -7.75 19.75 -45.68
CA ASP C 158 -6.39 19.33 -45.37
C ASP C 158 -6.19 19.10 -43.88
N TYR C 159 -6.91 18.13 -43.31
CA TYR C 159 -6.68 17.64 -41.95
C TYR C 159 -6.66 16.12 -42.02
N PHE C 160 -5.63 15.51 -41.42
CA PHE C 160 -5.39 14.08 -41.62
C PHE C 160 -6.26 13.23 -40.71
N PRO C 161 -6.07 13.24 -39.39
CA PRO C 161 -6.93 12.41 -38.54
C PRO C 161 -8.39 12.87 -38.67
N GLU C 162 -9.27 11.90 -38.89
CA GLU C 162 -10.62 12.16 -39.40
C GLU C 162 -11.51 12.94 -38.43
N PRO C 163 -11.51 12.66 -37.13
CA PRO C 163 -12.54 13.25 -36.26
C PRO C 163 -12.36 14.74 -36.07
N VAL C 164 -13.38 15.50 -36.47
CA VAL C 164 -13.42 16.94 -36.25
C VAL C 164 -14.86 17.35 -35.99
N THR C 165 -15.05 18.40 -35.20
CA THR C 165 -16.37 18.88 -34.80
C THR C 165 -16.56 20.31 -35.26
N VAL C 166 -17.79 20.65 -35.64
CA VAL C 166 -18.14 21.99 -36.10
C VAL C 166 -19.46 22.40 -35.47
N SER C 167 -19.51 23.63 -34.96
CA SER C 167 -20.73 24.20 -34.40
C SER C 167 -20.84 25.65 -34.85
N TRP C 168 -22.05 26.18 -34.75
CA TRP C 168 -22.36 27.53 -35.22
C TRP C 168 -22.81 28.38 -34.05
N ASN C 169 -22.10 29.51 -33.83
CA ASN C 169 -22.40 30.41 -32.73
C ASN C 169 -22.36 29.69 -31.38
N SER C 170 -21.29 28.92 -31.18
CA SER C 170 -21.09 28.19 -29.93
C SER C 170 -22.32 27.36 -29.57
N GLY C 171 -22.84 26.63 -30.55
CA GLY C 171 -23.98 25.76 -30.35
C GLY C 171 -25.31 26.45 -30.30
N ALA C 172 -25.36 27.78 -30.43
CA ALA C 172 -26.64 28.48 -30.45
C ALA C 172 -27.46 28.09 -31.66
N LEU C 173 -26.82 27.93 -32.81
CA LEU C 173 -27.49 27.52 -34.03
C LEU C 173 -27.50 26.01 -34.13
N THR C 174 -28.67 25.44 -34.42
CA THR C 174 -28.78 24.00 -34.65
C THR C 174 -29.81 23.63 -35.72
N SER C 175 -30.84 24.43 -35.95
CA SER C 175 -31.83 24.11 -36.96
C SER C 175 -31.33 24.45 -38.35
N GLY C 176 -31.62 23.59 -39.31
CA GLY C 176 -31.17 23.78 -40.68
C GLY C 176 -29.69 23.61 -40.89
N VAL C 177 -28.98 23.02 -39.93
CA VAL C 177 -27.55 22.79 -40.03
C VAL C 177 -27.33 21.36 -40.52
N HIS C 178 -26.44 21.20 -41.49
CA HIS C 178 -26.07 19.89 -42.01
C HIS C 178 -24.56 19.84 -42.14
N THR C 179 -23.90 19.05 -41.29
CA THR C 179 -22.47 18.81 -41.38
C THR C 179 -22.25 17.56 -42.21
N PHE C 180 -21.76 17.74 -43.44
CA PHE C 180 -21.58 16.62 -44.34
C PHE C 180 -20.42 15.73 -43.87
N PRO C 181 -20.44 14.45 -44.25
CA PRO C 181 -19.30 13.59 -43.93
C PRO C 181 -18.09 13.96 -44.75
N ALA C 182 -16.91 13.69 -44.20
CA ALA C 182 -15.67 14.01 -44.88
C ALA C 182 -15.46 13.11 -46.08
N VAL C 183 -14.85 13.68 -47.12
CA VAL C 183 -14.46 12.94 -48.31
C VAL C 183 -12.93 12.89 -48.35
N LEU C 184 -12.39 11.77 -48.78
CA LEU C 184 -10.95 11.59 -48.83
C LEU C 184 -10.39 12.19 -50.10
N GLN C 185 -9.51 13.18 -49.96
CA GLN C 185 -8.91 13.85 -51.10
C GLN C 185 -7.89 12.95 -51.77
N SER C 186 -7.42 13.40 -52.95
CA SER C 186 -6.35 12.69 -53.65
C SER C 186 -5.03 12.80 -52.89
N SER C 187 -4.87 13.85 -52.09
CA SER C 187 -3.66 14.04 -51.31
C SER C 187 -3.59 13.14 -50.09
N GLY C 188 -4.65 12.38 -49.81
CA GLY C 188 -4.70 11.56 -48.62
C GLY C 188 -5.21 12.25 -47.38
N LEU C 189 -5.68 13.49 -47.50
CA LEU C 189 -6.19 14.26 -46.38
C LEU C 189 -7.69 14.45 -46.52
N TYR C 190 -8.41 14.34 -45.41
CA TYR C 190 -9.85 14.47 -45.42
C TYR C 190 -10.27 15.93 -45.50
N SER C 191 -11.55 16.15 -45.77
CA SER C 191 -12.11 17.50 -45.82
C SER C 191 -13.62 17.43 -45.91
N LEU C 192 -14.31 17.88 -44.86
CA LEU C 192 -15.76 17.96 -44.85
C LEU C 192 -16.19 19.42 -44.94
N SER C 193 -17.48 19.65 -44.75
CA SER C 193 -18.03 21.01 -44.79
C SER C 193 -19.43 20.98 -44.19
N SER C 194 -19.73 21.99 -43.37
CA SER C 194 -21.04 22.13 -42.77
C SER C 194 -21.67 23.43 -43.23
N VAL C 195 -23.00 23.42 -43.37
CA VAL C 195 -23.76 24.55 -43.86
C VAL C 195 -24.89 24.85 -42.89
N VAL C 196 -25.58 25.96 -43.14
CA VAL C 196 -26.71 26.37 -42.32
C VAL C 196 -27.59 27.32 -43.13
N THR C 197 -28.89 27.07 -43.13
CA THR C 197 -29.86 27.88 -43.88
C THR C 197 -30.48 28.89 -42.93
N VAL C 198 -30.36 30.17 -43.29
CA VAL C 198 -30.92 31.26 -42.48
C VAL C 198 -31.68 32.20 -43.39
N PRO C 199 -32.61 32.99 -42.85
CA PRO C 199 -33.35 33.93 -43.69
C PRO C 199 -32.48 35.10 -44.12
N SER C 200 -32.86 35.70 -45.25
CA SER C 200 -32.12 36.83 -45.78
C SER C 200 -32.27 38.08 -44.95
N SER C 201 -33.24 38.13 -44.04
CA SER C 201 -33.41 39.29 -43.17
C SER C 201 -32.39 39.28 -42.04
N SER C 202 -31.98 38.10 -41.57
CA SER C 202 -30.95 37.96 -40.55
C SER C 202 -29.54 37.96 -41.13
N LEU C 203 -29.41 38.29 -42.41
CA LEU C 203 -28.10 38.22 -43.07
C LEU C 203 -27.19 39.37 -42.65
N GLY C 204 -27.76 40.56 -42.46
CA GLY C 204 -26.97 41.72 -42.10
C GLY C 204 -27.13 42.17 -40.66
N THR C 205 -28.21 41.72 -40.01
CA THR C 205 -28.49 42.11 -38.64
C THR C 205 -27.95 41.13 -37.60
N GLN C 206 -27.48 39.96 -38.03
CA GLN C 206 -26.98 38.94 -37.10
C GLN C 206 -25.68 38.38 -37.64
N THR C 207 -24.85 37.89 -36.72
CA THR C 207 -23.56 37.31 -37.05
C THR C 207 -23.64 35.79 -37.07
N TYR C 208 -22.74 35.17 -37.83
CA TYR C 208 -22.68 33.72 -37.95
C TYR C 208 -21.22 33.30 -37.94
N ILE C 209 -20.83 32.52 -36.93
CA ILE C 209 -19.45 32.08 -36.75
C ILE C 209 -19.45 30.56 -36.59
N CYS C 210 -18.65 29.89 -37.41
CA CYS C 210 -18.47 28.45 -37.29
C CYS C 210 -17.26 28.16 -36.41
N ASN C 211 -17.39 27.18 -35.54
CA ASN C 211 -16.36 26.84 -34.56
C ASN C 211 -15.80 25.47 -34.90
N VAL C 212 -14.66 25.46 -35.59
CA VAL C 212 -13.97 24.23 -35.95
C VAL C 212 -13.06 23.83 -34.79
N ASN C 213 -13.06 22.54 -34.46
CA ASN C 213 -12.23 22.03 -33.37
C ASN C 213 -11.66 20.68 -33.79
N HIS C 214 -10.33 20.61 -33.88
CA HIS C 214 -9.63 19.40 -34.30
C HIS C 214 -8.72 18.97 -33.16
N LYS C 215 -8.97 17.78 -32.61
CA LYS C 215 -8.31 17.36 -31.38
C LYS C 215 -6.86 16.93 -31.64
N PRO C 216 -6.61 15.95 -32.51
CA PRO C 216 -5.22 15.48 -32.69
C PRO C 216 -4.26 16.60 -33.07
N SER C 217 -4.61 17.43 -34.06
CA SER C 217 -3.78 18.57 -34.41
C SER C 217 -3.71 19.57 -33.26
N ASN C 218 -4.65 19.50 -32.31
CA ASN C 218 -4.66 20.40 -31.16
C ASN C 218 -4.82 21.85 -31.60
N THR C 219 -5.60 22.07 -32.66
CA THR C 219 -5.85 23.39 -33.20
C THR C 219 -7.35 23.66 -33.20
N LYS C 220 -7.74 24.83 -32.70
CA LYS C 220 -9.13 25.27 -32.74
C LYS C 220 -9.16 26.66 -33.34
N VAL C 221 -10.04 26.87 -34.32
CA VAL C 221 -10.14 28.12 -35.05
C VAL C 221 -11.61 28.43 -35.29
N ASP C 222 -12.00 29.66 -35.00
CA ASP C 222 -13.34 30.16 -35.30
C ASP C 222 -13.25 31.18 -36.43
N LYS C 223 -14.26 31.18 -37.31
CA LYS C 223 -14.26 32.07 -38.45
C LYS C 223 -15.65 32.65 -38.66
N LYS C 224 -15.69 33.93 -39.01
CA LYS C 224 -16.94 34.64 -39.25
C LYS C 224 -17.28 34.60 -40.74
N VAL C 225 -18.50 34.18 -41.04
CA VAL C 225 -18.99 34.17 -42.42
C VAL C 225 -19.66 35.50 -42.69
N GLU C 226 -19.11 36.25 -43.65
CA GLU C 226 -19.68 37.52 -44.06
C GLU C 226 -20.08 37.45 -45.54
N PRO C 227 -21.21 38.04 -45.93
CA PRO C 227 -21.62 37.99 -47.33
C PRO C 227 -20.68 38.78 -48.23
N LYS C 228 -20.56 38.30 -49.47
CA LYS C 228 -19.72 38.95 -50.46
C LYS C 228 -20.42 40.20 -50.98
N SER C 229 -19.72 41.33 -50.94
CA SER C 229 -20.29 42.61 -51.32
C SER C 229 -20.09 42.85 -52.82
N CYS C 230 -21.17 43.20 -53.51
CA CYS C 230 -21.11 43.46 -54.93
C CYS C 230 -20.59 44.87 -55.21
N HIS C 231 -20.14 45.08 -56.44
CA HIS C 231 -19.62 46.37 -56.88
C HIS C 231 -20.42 46.84 -58.09
N HIS C 232 -20.73 48.14 -58.11
CA HIS C 232 -21.48 48.73 -59.21
C HIS C 232 -20.59 48.82 -60.45
N HIS C 233 -20.94 48.08 -61.49
CA HIS C 233 -20.18 48.12 -62.73
C HIS C 233 -20.51 49.39 -63.52
N HIS C 234 -19.47 50.04 -64.03
CA HIS C 234 -19.61 51.35 -64.64
C HIS C 234 -20.52 51.28 -65.86
N HIS C 235 -20.96 52.46 -66.30
CA HIS C 235 -21.88 52.60 -67.42
C HIS C 235 -21.13 53.00 -68.69
N HIS D 46 1.11 14.73 29.32
CA HIS D 46 1.69 14.86 30.65
C HIS D 46 1.01 13.94 31.65
N TRP D 47 -0.30 13.72 31.44
CA TRP D 47 -1.04 12.84 32.33
C TRP D 47 -0.55 11.40 32.23
N ALA D 48 -0.12 10.97 31.03
CA ALA D 48 0.42 9.63 30.87
C ALA D 48 1.82 9.48 31.45
N ALA D 49 2.48 10.59 31.77
CA ALA D 49 3.86 10.51 32.26
C ALA D 49 3.92 9.88 33.65
N LEU D 50 3.00 10.25 34.54
CA LEU D 50 3.00 9.70 35.89
C LEU D 50 2.38 8.31 35.97
N LEU D 51 1.55 7.94 35.00
CA LEU D 51 1.04 6.57 34.96
C LEU D 51 2.19 5.59 34.73
N ILE D 52 3.13 5.96 33.84
CA ILE D 52 4.33 5.16 33.65
C ILE D 52 5.26 5.31 34.84
N LEU D 53 5.19 6.44 35.54
CA LEU D 53 6.00 6.61 36.75
C LEU D 53 5.53 5.70 37.87
N MET D 54 4.22 5.39 37.90
CA MET D 54 3.72 4.36 38.79
C MET D 54 4.24 2.98 38.42
N VAL D 55 4.88 2.84 37.26
CA VAL D 55 5.55 1.60 36.89
C VAL D 55 7.04 1.64 37.23
N ILE D 56 7.63 2.83 37.35
CA ILE D 56 9.05 2.93 37.68
C ILE D 56 9.27 2.73 39.17
N ILE D 57 8.38 3.26 40.01
CA ILE D 57 8.55 3.13 41.46
C ILE D 57 8.56 1.67 41.88
N PRO D 58 7.61 0.82 41.49
CA PRO D 58 7.68 -0.59 41.89
C PRO D 58 8.94 -1.28 41.39
N THR D 59 9.40 -0.95 40.17
CA THR D 59 10.60 -1.58 39.63
C THR D 59 11.81 -1.28 40.50
N ILE D 60 11.98 -0.02 40.89
CA ILE D 60 13.07 0.34 41.79
C ILE D 60 12.84 -0.24 43.18
N GLY D 61 11.62 -0.07 43.70
CA GLY D 61 11.34 -0.54 45.04
C GLY D 61 11.35 -2.06 45.15
N GLY D 62 10.55 -2.73 44.32
CA GLY D 62 10.46 -4.18 44.40
C GLY D 62 11.81 -4.85 44.36
N ASN D 63 12.64 -4.49 43.39
CA ASN D 63 13.95 -5.12 43.25
C ASN D 63 14.86 -4.78 44.43
N THR D 64 14.77 -3.56 44.94
CA THR D 64 15.62 -3.18 46.07
C THR D 64 15.29 -4.02 47.29
N LEU D 65 14.03 -4.36 47.49
CA LEU D 65 13.66 -5.21 48.63
C LEU D 65 14.24 -6.60 48.48
N VAL D 66 14.28 -7.14 47.26
CA VAL D 66 14.90 -8.43 47.02
C VAL D 66 16.37 -8.39 47.40
N ILE D 67 17.07 -7.35 46.96
CA ILE D 67 18.48 -7.21 47.30
C ILE D 67 18.65 -7.09 48.81
N LEU D 68 17.79 -6.32 49.47
CA LEU D 68 17.85 -6.20 50.92
C LEU D 68 17.44 -7.49 51.60
N ALA D 69 16.61 -8.30 50.95
CA ALA D 69 16.16 -9.55 51.56
C ALA D 69 17.28 -10.58 51.63
N VAL D 70 18.09 -10.67 50.57
CA VAL D 70 19.16 -11.65 50.52
C VAL D 70 20.45 -11.17 51.19
N SER D 71 20.61 -9.86 51.38
CA SER D 71 21.88 -9.33 51.84
C SER D 71 21.99 -9.22 53.36
N LEU D 72 20.87 -9.12 54.08
CA LEU D 72 20.91 -8.99 55.53
C LEU D 72 20.34 -10.18 56.28
N GLU D 73 19.35 -10.87 55.72
CA GLU D 73 18.75 -12.02 56.37
C GLU D 73 19.51 -13.28 55.96
N LYS D 74 20.11 -13.97 56.94
CA LYS D 74 20.91 -15.14 56.66
C LYS D 74 20.09 -16.41 56.48
N LYS D 75 18.80 -16.39 56.87
CA LYS D 75 17.91 -17.51 56.62
C LYS D 75 17.41 -17.53 55.17
N LEU D 76 17.99 -16.71 54.30
CA LEU D 76 17.54 -16.58 52.92
C LEU D 76 18.71 -16.64 51.94
N GLN D 77 19.87 -17.13 52.39
CA GLN D 77 21.09 -17.12 51.59
C GLN D 77 21.43 -18.54 51.18
N TYR D 78 20.73 -19.02 50.15
CA TYR D 78 21.08 -20.27 49.49
C TYR D 78 21.22 -20.00 48.00
N ALA D 79 22.05 -20.81 47.34
CA ALA D 79 22.48 -20.57 45.96
C ALA D 79 21.36 -20.09 45.06
N THR D 80 20.15 -20.63 45.26
CA THR D 80 19.02 -20.25 44.41
C THR D 80 18.70 -18.77 44.50
N ASN D 81 19.06 -18.12 45.61
CA ASN D 81 18.78 -16.69 45.77
C ASN D 81 19.90 -15.81 45.25
N TYR D 82 21.15 -16.27 45.33
CA TYR D 82 22.24 -15.52 44.70
C TYR D 82 21.96 -15.28 43.23
N PHE D 83 21.27 -16.22 42.57
CA PHE D 83 20.86 -16.02 41.20
C PHE D 83 19.68 -15.05 41.11
N LEU D 84 18.65 -15.28 41.93
CA LEU D 84 17.50 -14.39 41.91
C LEU D 84 17.85 -12.99 42.37
N MET D 85 18.96 -12.82 43.10
CA MET D 85 19.44 -11.48 43.41
C MET D 85 20.03 -10.80 42.19
N SER D 86 20.76 -11.56 41.36
CA SER D 86 21.29 -11.00 40.12
C SER D 86 20.18 -10.54 39.20
N LEU D 87 19.09 -11.31 39.12
CA LEU D 87 17.95 -10.90 38.31
C LEU D 87 17.36 -9.59 38.82
N ALA D 88 17.32 -9.42 40.15
CA ALA D 88 16.80 -8.18 40.72
C ALA D 88 17.75 -7.02 40.47
N VAL D 89 19.05 -7.29 40.31
CA VAL D 89 20.00 -6.23 39.98
C VAL D 89 19.73 -5.71 38.57
N ALA D 90 19.78 -6.60 37.58
CA ALA D 90 19.49 -6.19 36.21
C ALA D 90 18.14 -5.48 36.12
N ASP D 91 17.12 -6.05 36.76
CA ASP D 91 15.81 -5.43 36.75
C ASP D 91 15.80 -4.11 37.51
N LEU D 92 16.69 -3.96 38.50
CA LEU D 92 16.79 -2.68 39.20
C LEU D 92 17.51 -1.65 38.33
N LEU D 93 18.63 -2.04 37.73
CA LEU D 93 19.40 -1.10 36.93
C LEU D 93 18.63 -0.65 35.69
N VAL D 94 17.70 -1.47 35.19
CA VAL D 94 16.93 -1.09 34.02
C VAL D 94 15.77 -0.16 34.39
N GLY D 95 15.33 -0.18 35.65
CA GLY D 95 14.32 0.75 36.11
C GLY D 95 14.87 2.02 36.71
N LEU D 96 16.18 2.08 36.92
CA LEU D 96 16.84 3.22 37.54
C LEU D 96 17.66 4.04 36.57
N PHE D 97 18.17 3.43 35.50
CA PHE D 97 18.94 4.14 34.48
C PHE D 97 18.24 4.19 33.12
N VAL D 98 17.58 3.11 32.71
CA VAL D 98 16.97 3.04 31.39
C VAL D 98 15.62 3.74 31.39
N MET D 99 14.68 3.26 32.22
CA MET D 99 13.34 3.81 32.21
C MET D 99 13.31 5.31 32.48
N PRO D 100 14.01 5.84 33.48
CA PRO D 100 13.91 7.29 33.73
C PRO D 100 14.37 8.12 32.54
N ILE D 101 15.49 7.78 31.92
CA ILE D 101 15.93 8.49 30.72
C ILE D 101 14.98 8.21 29.57
N ALA D 102 14.50 6.97 29.46
CA ALA D 102 13.50 6.64 28.45
C ALA D 102 12.21 7.43 28.64
N LEU D 103 11.96 7.95 29.84
CA LEU D 103 10.75 8.72 30.08
C LEU D 103 10.84 10.09 29.40
N LEU D 104 12.03 10.69 29.37
CA LEU D 104 12.18 12.01 28.79
C LEU D 104 11.87 12.01 27.30
N THR D 105 12.30 10.95 26.59
CA THR D 105 12.10 10.90 25.15
C THR D 105 10.63 10.97 24.77
N ILE D 106 9.74 10.45 25.62
CA ILE D 106 8.32 10.52 25.32
C ILE D 106 7.82 11.95 25.44
N MET D 107 8.42 12.74 26.34
CA MET D 107 8.04 14.14 26.50
C MET D 107 8.78 15.02 25.50
N PHE D 108 10.07 14.76 25.29
CA PHE D 108 10.89 15.52 24.34
C PHE D 108 11.04 14.63 23.11
N GLU D 109 10.09 14.74 22.18
CA GLU D 109 9.97 13.79 21.08
C GLU D 109 11.21 13.75 20.21
N ALA D 110 11.48 14.84 19.49
CA ALA D 110 12.61 14.90 18.57
C ALA D 110 13.81 15.58 19.21
N MET D 111 14.19 15.15 20.42
CA MET D 111 15.28 15.78 21.14
C MET D 111 16.00 14.73 22.00
N TRP D 112 17.17 15.11 22.48
CA TRP D 112 17.99 14.26 23.35
C TRP D 112 18.59 15.15 24.43
N PRO D 113 18.03 15.14 25.64
CA PRO D 113 18.47 16.12 26.65
C PRO D 113 19.89 15.89 27.16
N LEU D 114 20.34 14.65 27.22
CA LEU D 114 21.69 14.35 27.70
C LEU D 114 22.70 14.65 26.60
N PRO D 115 24.00 14.62 26.92
CA PRO D 115 25.01 14.75 25.88
C PRO D 115 24.84 13.67 24.81
N LEU D 116 25.19 14.02 23.57
CA LEU D 116 25.04 13.08 22.48
C LEU D 116 25.88 11.81 22.72
N VAL D 117 26.97 11.94 23.47
CA VAL D 117 27.83 10.79 23.73
C VAL D 117 27.09 9.73 24.53
N LEU D 118 26.10 10.14 25.31
CA LEU D 118 25.37 9.24 26.21
C LEU D 118 24.17 8.58 25.55
N CYS D 119 23.89 8.87 24.28
CA CYS D 119 22.83 8.14 23.60
C CYS D 119 23.23 6.70 23.31
N PRO D 120 24.36 6.42 22.67
CA PRO D 120 24.77 5.01 22.50
C PRO D 120 25.02 4.30 23.83
N ALA D 121 25.32 5.05 24.90
CA ALA D 121 25.48 4.44 26.22
C ALA D 121 24.12 4.00 26.77
N TRP D 122 23.14 4.89 26.74
CA TRP D 122 21.80 4.52 27.21
C TRP D 122 21.23 3.37 26.40
N LEU D 123 21.46 3.38 25.08
CA LEU D 123 21.04 2.26 24.25
C LEU D 123 21.78 0.98 24.62
N PHE D 124 23.08 1.10 24.92
CA PHE D 124 23.85 -0.07 25.31
C PHE D 124 23.27 -0.73 26.55
N LEU D 125 22.88 0.07 27.54
CA LEU D 125 22.34 -0.47 28.79
C LEU D 125 20.92 -0.97 28.65
N ASP D 126 20.19 -0.53 27.63
CA ASP D 126 18.82 -1.02 27.44
C ASP D 126 18.82 -2.47 26.98
N VAL D 127 19.70 -2.82 26.03
CA VAL D 127 19.78 -4.19 25.57
C VAL D 127 20.50 -5.07 26.59
N LEU D 128 21.51 -4.51 27.26
CA LEU D 128 22.28 -5.26 28.24
C LEU D 128 21.39 -5.74 29.39
N PHE D 129 20.85 -4.80 30.17
CA PHE D 129 20.06 -5.16 31.34
C PHE D 129 18.80 -5.92 30.97
N SER D 130 18.34 -5.83 29.72
CA SER D 130 17.17 -6.60 29.29
C SER D 130 17.56 -7.99 28.81
N THR D 131 18.64 -8.10 28.03
CA THR D 131 19.13 -9.43 27.65
C THR D 131 19.53 -10.23 28.88
N ALA D 132 20.04 -9.58 29.92
CA ALA D 132 20.36 -10.27 31.16
C ALA D 132 19.08 -10.70 31.88
N SER D 133 18.06 -9.84 31.89
CA SER D 133 16.80 -10.20 32.53
C SER D 133 16.16 -11.41 31.85
N ILE D 134 16.25 -11.48 30.53
CA ILE D 134 15.64 -12.59 29.80
C ILE D 134 16.38 -13.89 30.08
N TRP D 135 17.70 -13.88 29.93
CA TRP D 135 18.47 -15.10 30.13
C TRP D 135 18.42 -15.57 31.58
N HIS D 136 18.35 -14.65 32.54
CA HIS D 136 18.15 -15.06 33.93
C HIS D 136 16.86 -15.84 34.08
N LEU D 137 15.75 -15.28 33.60
CA LEU D 137 14.48 -16.01 33.62
C LEU D 137 14.62 -17.36 32.93
N CYS D 138 15.40 -17.42 31.86
CA CYS D 138 15.61 -18.69 31.17
C CYS D 138 16.39 -19.66 32.06
N ALA D 139 17.53 -19.21 32.59
CA ALA D 139 18.33 -20.09 33.44
C ALA D 139 17.58 -20.48 34.71
N ILE D 140 16.63 -19.66 35.14
CA ILE D 140 15.75 -20.05 36.25
C ILE D 140 14.90 -21.25 35.83
N SER D 141 14.21 -21.15 34.70
CA SER D 141 13.32 -22.21 34.25
C SER D 141 14.06 -23.54 34.19
N VAL D 142 15.26 -23.54 33.61
CA VAL D 142 15.99 -24.80 33.42
C VAL D 142 16.43 -25.36 34.77
N ASP D 143 16.81 -24.49 35.71
CA ASP D 143 17.23 -24.96 37.02
C ASP D 143 16.06 -25.54 37.81
N ARG D 144 14.88 -24.98 37.61
CA ARG D 144 13.69 -25.47 38.28
C ARG D 144 13.32 -26.84 37.79
N TYR D 145 13.72 -27.18 36.58
CA TYR D 145 13.42 -28.49 36.01
C TYR D 145 14.37 -29.56 36.56
N ILE D 146 15.67 -29.30 36.49
CA ILE D 146 16.65 -30.26 37.00
C ILE D 146 16.50 -30.41 38.50
N ALA D 147 16.09 -29.35 39.19
CA ALA D 147 15.88 -29.41 40.64
C ALA D 147 14.66 -30.25 41.03
N ILE D 148 13.93 -30.79 40.05
CA ILE D 148 12.79 -31.66 40.30
C ILE D 148 13.08 -33.08 39.86
N LYS D 149 13.46 -33.26 38.58
CA LYS D 149 13.77 -34.59 38.07
C LYS D 149 14.99 -35.20 38.74
N LYS D 150 15.86 -34.39 39.33
CA LYS D 150 17.07 -34.91 39.98
C LYS D 150 17.64 -33.87 40.92
N PRO D 151 17.36 -33.95 42.23
CA PRO D 151 17.99 -33.03 43.19
C PRO D 151 19.44 -33.39 43.48
N ILE D 152 20.18 -33.82 42.45
CA ILE D 152 21.56 -34.22 42.62
C ILE D 152 22.41 -33.01 42.98
N GLN D 153 23.48 -33.25 43.75
CA GLN D 153 24.46 -32.23 44.08
C GLN D 153 23.81 -31.08 44.85
N ALA D 154 23.26 -31.41 46.02
CA ALA D 154 22.60 -30.45 46.89
C ALA D 154 23.52 -29.94 47.99
N ASN D 155 24.82 -30.20 47.90
CA ASN D 155 25.75 -29.74 48.93
C ASN D 155 25.88 -28.23 48.89
N GLN D 156 25.93 -27.61 50.07
CA GLN D 156 25.93 -26.15 50.16
C GLN D 156 27.27 -25.54 49.80
N TYR D 157 28.37 -26.26 50.02
CA TYR D 157 29.70 -25.71 49.81
C TYR D 157 30.19 -25.85 48.37
N ASN D 158 29.54 -26.67 47.54
CA ASN D 158 29.88 -26.79 46.14
C ASN D 158 28.70 -26.52 45.21
N SER D 159 27.49 -26.34 45.73
CA SER D 159 26.38 -25.86 44.92
C SER D 159 26.30 -24.34 44.89
N ARG D 160 27.13 -23.65 45.70
CA ARG D 160 27.26 -22.21 45.63
C ARG D 160 28.29 -21.78 44.59
N ALA D 161 29.34 -22.57 44.41
CA ALA D 161 30.32 -22.25 43.37
C ALA D 161 29.69 -22.35 41.98
N THR D 162 28.88 -23.39 41.74
CA THR D 162 28.20 -23.50 40.46
C THR D 162 27.29 -22.32 40.22
N ALA D 163 26.64 -21.80 41.28
CA ALA D 163 25.83 -20.60 41.14
C ALA D 163 26.67 -19.44 40.64
N PHE D 164 27.84 -19.23 41.25
CA PHE D 164 28.67 -18.09 40.90
C PHE D 164 29.06 -18.10 39.42
N ILE D 165 29.13 -19.28 38.80
CA ILE D 165 29.49 -19.35 37.38
C ILE D 165 28.28 -19.43 36.45
N LYS D 166 27.07 -19.59 37.00
CA LYS D 166 25.88 -19.31 36.19
C LYS D 166 25.67 -17.81 36.03
N ILE D 167 26.04 -17.04 37.05
CA ILE D 167 25.87 -15.59 37.01
C ILE D 167 26.80 -14.99 35.96
N THR D 168 28.07 -15.38 35.98
CA THR D 168 29.04 -14.77 35.07
C THR D 168 28.71 -15.10 33.62
N VAL D 169 28.20 -16.31 33.37
CA VAL D 169 27.87 -16.70 32.00
C VAL D 169 26.74 -15.84 31.47
N VAL D 170 25.66 -15.71 32.24
CA VAL D 170 24.52 -14.92 31.79
C VAL D 170 24.91 -13.47 31.59
N TRP D 171 25.76 -12.94 32.47
CA TRP D 171 26.22 -11.56 32.33
C TRP D 171 27.23 -11.38 31.21
N LEU D 172 27.91 -12.45 30.80
CA LEU D 172 28.79 -12.37 29.63
C LEU D 172 28.04 -12.62 28.33
N ILE D 173 26.97 -13.42 28.37
CA ILE D 173 26.11 -13.57 27.20
C ILE D 173 25.39 -12.25 26.92
N SER D 174 24.85 -11.62 27.96
CA SER D 174 24.09 -10.39 27.77
C SER D 174 24.97 -9.28 27.22
N ILE D 175 26.22 -9.20 27.67
CA ILE D 175 27.14 -8.19 27.16
C ILE D 175 27.45 -8.45 25.69
N GLY D 176 27.80 -9.70 25.36
CA GLY D 176 28.16 -10.01 23.99
C GLY D 176 27.10 -9.65 22.97
N ILE D 177 25.83 -9.70 23.37
CA ILE D 177 24.74 -9.35 22.46
C ILE D 177 24.49 -7.85 22.42
N ALA D 178 24.78 -7.14 23.52
CA ALA D 178 24.55 -5.71 23.59
C ALA D 178 25.79 -4.88 23.31
N ILE D 179 26.93 -5.52 23.07
CA ILE D 179 28.20 -4.81 22.93
C ILE D 179 28.33 -4.13 21.57
N PRO D 180 27.75 -4.63 20.47
CA PRO D 180 28.01 -4.00 19.17
C PRO D 180 27.42 -2.61 19.03
N VAL D 181 26.40 -2.26 19.82
CA VAL D 181 25.74 -0.96 19.69
C VAL D 181 26.73 0.15 20.02
N PRO D 182 27.33 0.18 21.21
CA PRO D 182 28.27 1.27 21.52
C PRO D 182 29.49 1.30 20.62
N ILE D 183 29.79 0.21 19.91
CA ILE D 183 30.96 0.18 19.05
C ILE D 183 30.71 0.99 17.78
N LYS D 184 29.58 0.74 17.11
CA LYS D 184 29.16 1.53 15.96
C LYS D 184 28.00 2.43 16.40
N GLY D 185 28.28 3.71 16.54
CA GLY D 185 27.31 4.65 17.03
C GLY D 185 26.15 4.84 16.06
N ILE D 186 25.17 5.61 16.52
CA ILE D 186 24.01 5.95 15.69
C ILE D 186 24.40 7.04 14.71
N GLU D 187 23.70 7.09 13.58
CA GLU D 187 23.97 8.06 12.52
C GLU D 187 23.02 9.24 12.64
N THR D 188 23.60 10.44 12.63
CA THR D 188 22.83 11.68 12.63
C THR D 188 23.46 12.62 11.61
N ASP D 189 22.66 13.56 11.11
CA ASP D 189 23.16 14.60 10.24
C ASP D 189 23.38 15.92 10.97
N VAL D 190 23.39 15.89 12.31
CA VAL D 190 23.54 17.09 13.11
C VAL D 190 24.51 16.77 14.25
N ASP D 191 25.12 17.83 14.78
CA ASP D 191 26.08 17.72 15.86
C ASP D 191 25.46 17.92 17.24
N ASN D 192 24.47 18.80 17.35
CA ASN D 192 23.85 19.11 18.63
C ASN D 192 22.78 18.07 18.96
N PRO D 193 22.75 17.59 20.21
CA PRO D 193 21.78 16.54 20.56
C PRO D 193 20.36 17.04 20.66
N ASN D 194 20.15 18.34 20.85
CA ASN D 194 18.80 18.87 20.95
C ASN D 194 18.05 18.80 19.62
N ASN D 195 18.75 18.61 18.51
CA ASN D 195 18.12 18.42 17.21
C ASN D 195 18.24 16.97 16.73
N ILE D 196 18.39 16.02 17.66
CA ILE D 196 18.65 14.64 17.34
C ILE D 196 17.66 13.76 18.09
N THR D 197 17.33 12.61 17.48
CA THR D 197 16.48 11.61 18.09
C THR D 197 17.33 10.37 18.35
N CYS D 198 17.34 9.92 19.61
CA CYS D 198 18.17 8.80 20.03
C CYS D 198 17.42 7.51 19.75
N VAL D 199 17.76 6.86 18.64
CA VAL D 199 17.12 5.61 18.24
C VAL D 199 18.03 4.89 17.26
N LEU D 200 17.95 3.56 17.24
CA LEU D 200 18.71 2.76 16.29
C LEU D 200 17.96 2.71 14.96
N THR D 201 18.61 3.19 13.90
CA THR D 201 18.00 3.18 12.58
C THR D 201 17.86 1.76 12.07
N LYS D 202 16.95 1.59 11.10
CA LYS D 202 16.70 0.26 10.54
C LYS D 202 17.84 -0.20 9.64
N GLU D 203 18.53 0.73 8.99
CA GLU D 203 19.56 0.37 8.03
C GLU D 203 20.92 0.20 8.69
N ARG D 204 21.28 1.07 9.62
CA ARG D 204 22.58 0.93 10.28
C ARG D 204 22.61 -0.25 11.25
N PHE D 205 21.45 -0.69 11.74
CA PHE D 205 21.34 -1.84 12.64
C PHE D 205 20.32 -2.83 12.11
N GLY D 206 20.47 -3.21 10.85
CA GLY D 206 19.57 -4.18 10.25
C GLY D 206 19.90 -5.59 10.65
N ASP D 207 21.13 -6.03 10.36
CA ASP D 207 21.55 -7.38 10.72
C ASP D 207 21.68 -7.55 12.24
N PHE D 208 21.83 -6.46 12.99
CA PHE D 208 21.95 -6.57 14.44
C PHE D 208 20.59 -6.87 15.07
N MET D 209 19.56 -6.09 14.71
CA MET D 209 18.23 -6.35 15.23
C MET D 209 17.76 -7.75 14.89
N LEU D 210 18.25 -8.32 13.79
CA LEU D 210 17.88 -9.67 13.39
C LEU D 210 18.71 -10.73 14.10
N PHE D 211 20.04 -10.64 14.00
CA PHE D 211 20.91 -11.60 14.65
C PHE D 211 21.07 -11.36 16.14
N GLY D 212 20.71 -10.18 16.63
CA GLY D 212 20.84 -9.87 18.04
C GLY D 212 19.58 -10.19 18.83
N SER D 213 18.42 -10.09 18.17
CA SER D 213 17.15 -10.38 18.83
C SER D 213 16.89 -11.87 18.97
N LEU D 214 17.53 -12.70 18.15
CA LEU D 214 17.36 -14.15 18.30
C LEU D 214 18.28 -14.70 19.38
N ALA D 215 19.48 -14.14 19.51
CA ALA D 215 20.39 -14.56 20.57
C ALA D 215 19.98 -14.02 21.93
N ALA D 216 19.09 -13.03 21.98
CA ALA D 216 18.65 -12.44 23.23
C ALA D 216 17.26 -12.89 23.66
N PHE D 217 16.40 -13.28 22.73
CA PHE D 217 15.03 -13.63 23.07
C PHE D 217 14.63 -14.98 22.50
N PHE D 218 14.75 -15.16 21.19
CA PHE D 218 14.27 -16.40 20.57
C PHE D 218 15.12 -17.59 20.96
N THR D 219 16.43 -17.40 21.15
CA THR D 219 17.27 -18.50 21.59
C THR D 219 16.89 -18.95 23.00
N PRO D 220 16.87 -18.07 24.01
CA PRO D 220 16.42 -18.52 25.34
C PRO D 220 14.96 -18.93 25.37
N LEU D 221 14.12 -18.31 24.52
CA LEU D 221 12.72 -18.71 24.45
C LEU D 221 12.59 -20.18 24.04
N ALA D 222 13.43 -20.63 23.12
CA ALA D 222 13.40 -22.03 22.71
C ALA D 222 13.76 -22.96 23.86
N ILE D 223 14.62 -22.50 24.78
CA ILE D 223 14.97 -23.33 25.93
C ILE D 223 13.87 -23.28 26.98
N MET D 224 13.17 -22.14 27.10
CA MET D 224 12.12 -22.03 28.10
C MET D 224 10.85 -22.76 27.67
N ILE D 225 10.62 -22.92 26.37
CA ILE D 225 9.41 -23.60 25.91
C ILE D 225 9.53 -25.10 26.09
N VAL D 226 10.70 -25.67 25.80
CA VAL D 226 10.91 -27.10 26.03
C VAL D 226 11.06 -27.38 27.51
N THR D 227 11.77 -26.50 28.23
CA THR D 227 11.89 -26.65 29.67
C THR D 227 10.53 -26.64 30.35
N TYR D 228 9.55 -25.96 29.76
CA TYR D 228 8.22 -25.90 30.36
C TYR D 228 7.49 -27.22 30.19
N PHE D 229 7.38 -27.71 28.94
CA PHE D 229 6.65 -28.95 28.69
C PHE D 229 7.32 -30.15 29.35
N LEU D 230 8.63 -30.09 29.59
CA LEU D 230 9.31 -31.16 30.32
C LEU D 230 9.10 -31.05 31.82
N THR D 231 8.81 -29.85 32.33
CA THR D 231 8.56 -29.69 33.76
C THR D 231 7.14 -30.13 34.12
N ILE D 232 6.15 -29.71 33.35
CA ILE D 232 4.78 -30.17 33.57
C ILE D 232 4.70 -31.68 33.41
N HIS D 233 5.62 -32.27 32.64
CA HIS D 233 5.68 -33.72 32.52
C HIS D 233 6.40 -34.36 33.69
N ALA D 234 7.32 -33.64 34.33
CA ALA D 234 8.04 -34.19 35.47
C ALA D 234 7.16 -34.28 36.70
N LEU D 235 6.15 -33.42 36.80
CA LEU D 235 5.20 -33.46 37.91
C LEU D 235 3.97 -34.29 37.61
N GLN D 236 3.67 -34.53 36.33
CA GLN D 236 2.56 -35.40 35.98
C GLN D 236 2.88 -36.86 36.28
N LYS D 237 4.14 -37.27 36.12
CA LYS D 237 4.53 -38.62 36.46
C LYS D 237 4.72 -38.79 37.96
N LYS D 238 5.26 -37.76 38.62
CA LYS D 238 5.57 -37.87 40.04
C LYS D 238 4.31 -38.01 40.89
N ALA D 239 3.26 -37.25 40.54
CA ALA D 239 2.00 -37.37 41.26
C ALA D 239 1.34 -38.73 41.02
N ALA D 240 1.70 -39.41 39.92
CA ALA D 240 1.17 -40.74 39.63
C ALA D 240 2.08 -41.84 40.16
N ASP D 241 3.39 -41.65 40.07
CA ASP D 241 4.32 -42.64 40.61
C ASP D 241 4.27 -42.66 42.13
N LEU D 242 3.99 -41.54 42.77
CA LEU D 242 3.79 -41.54 44.21
C LEU D 242 2.46 -42.20 44.58
N GLU D 243 1.44 -42.00 43.75
CA GLU D 243 0.17 -42.67 43.97
C GLU D 243 0.27 -44.16 43.62
N ASP D 244 1.00 -44.48 42.55
CA ASP D 244 1.13 -45.88 42.14
C ASP D 244 1.87 -46.68 43.20
N ASN D 245 2.86 -46.09 43.85
CA ASN D 245 3.60 -46.78 44.91
C ASN D 245 2.81 -46.81 46.21
N TRP D 246 1.95 -45.82 46.44
CA TRP D 246 1.16 -45.80 47.67
C TRP D 246 0.06 -46.86 47.66
N GLU D 247 -0.50 -47.16 46.49
CA GLU D 247 -1.55 -48.16 46.39
C GLU D 247 -0.98 -49.58 46.44
N THR D 248 0.11 -49.83 45.72
CA THR D 248 0.79 -51.12 45.86
C THR D 248 1.21 -51.35 47.30
N LEU D 249 1.65 -50.29 47.97
CA LEU D 249 1.92 -50.37 49.41
C LEU D 249 0.65 -50.75 50.17
N ASN D 250 -0.50 -50.22 49.73
CA ASN D 250 -1.77 -50.53 50.37
C ASN D 250 -2.28 -51.91 49.96
N ASP D 251 -2.10 -52.27 48.69
CA ASP D 251 -2.56 -53.57 48.22
C ASP D 251 -1.88 -54.71 48.97
N ASN D 252 -0.55 -54.68 49.03
CA ASN D 252 0.18 -55.74 49.73
C ASN D 252 -0.18 -55.77 51.21
N LEU D 253 -0.45 -54.60 51.82
CA LEU D 253 -0.86 -54.57 53.22
C LEU D 253 -2.12 -55.39 53.44
N LYS D 254 -3.01 -55.43 52.44
CA LYS D 254 -4.21 -56.26 52.54
C LYS D 254 -3.95 -57.71 52.19
N VAL D 255 -2.86 -58.01 51.48
CA VAL D 255 -2.48 -59.40 51.22
C VAL D 255 -1.88 -60.02 52.47
N ILE D 256 -0.91 -59.33 53.08
CA ILE D 256 -0.33 -59.81 54.33
C ILE D 256 -1.41 -59.94 55.41
N GLU D 257 -2.46 -59.13 55.31
CA GLU D 257 -3.58 -59.25 56.24
C GLU D 257 -4.16 -60.65 56.24
N LYS D 258 -4.12 -61.34 55.10
CA LYS D 258 -4.71 -62.67 54.93
C LYS D 258 -3.67 -63.57 54.27
N ALA D 259 -2.92 -64.30 55.09
CA ALA D 259 -1.90 -65.21 54.61
C ALA D 259 -1.91 -66.47 55.44
N ASP D 260 -1.49 -67.57 54.81
CA ASP D 260 -1.40 -68.87 55.48
C ASP D 260 0.03 -69.34 55.67
N ASN D 261 0.90 -69.10 54.70
CA ASN D 261 2.30 -69.51 54.76
C ASN D 261 3.19 -68.30 54.98
N ALA D 262 4.45 -68.58 55.29
CA ALA D 262 5.44 -67.54 55.57
C ALA D 262 6.07 -66.98 54.30
N ALA D 263 5.76 -67.52 53.13
CA ALA D 263 6.31 -67.02 51.88
C ALA D 263 5.49 -65.87 51.31
N GLN D 264 4.17 -65.90 51.47
CA GLN D 264 3.35 -64.77 51.05
C GLN D 264 3.64 -63.53 51.86
N VAL D 265 4.01 -63.69 53.13
CA VAL D 265 4.25 -62.54 53.99
C VAL D 265 5.54 -61.84 53.60
N LYS D 266 6.58 -62.60 53.25
CA LYS D 266 7.87 -62.01 52.92
C LYS D 266 7.99 -61.63 51.45
N ASP D 267 7.08 -62.08 50.60
CA ASP D 267 7.03 -61.56 49.23
C ASP D 267 6.32 -60.22 49.20
N ALA D 268 5.13 -60.14 49.81
CA ALA D 268 4.39 -58.89 49.86
C ALA D 268 5.13 -57.83 50.66
N LEU D 269 5.86 -58.24 51.70
CA LEU D 269 6.55 -57.28 52.55
C LEU D 269 7.80 -56.73 51.87
N THR D 270 8.54 -57.59 51.17
CA THR D 270 9.64 -57.11 50.34
C THR D 270 9.12 -56.23 49.20
N LYS D 271 7.99 -56.63 48.61
CA LYS D 271 7.37 -55.81 47.57
C LYS D 271 6.99 -54.43 48.10
N MET D 272 6.69 -54.33 49.40
CA MET D 272 6.35 -53.05 50.01
C MET D 272 7.61 -52.20 50.23
N ARG D 273 8.68 -52.82 50.70
CA ARG D 273 9.91 -52.06 50.97
C ARG D 273 10.36 -51.31 49.72
N ALA D 274 10.43 -52.01 48.59
CA ALA D 274 10.81 -51.36 47.34
C ALA D 274 9.83 -50.25 46.98
N ALA D 275 8.53 -50.53 47.10
CA ALA D 275 7.52 -49.54 46.75
C ALA D 275 7.55 -48.35 47.71
N ALA D 276 7.83 -48.60 48.99
CA ALA D 276 7.90 -47.51 49.95
C ALA D 276 9.18 -46.69 49.75
N LEU D 277 10.27 -47.36 49.39
CA LEU D 277 11.54 -46.66 49.20
C LEU D 277 11.58 -45.90 47.87
N ASP D 278 10.84 -46.38 46.88
CA ASP D 278 10.67 -45.62 45.63
C ASP D 278 9.66 -44.50 45.78
N ALA D 279 8.78 -44.57 46.78
CA ALA D 279 7.79 -43.51 46.97
C ALA D 279 8.42 -42.26 47.56
N GLN D 280 9.41 -42.42 48.45
CA GLN D 280 10.12 -41.25 48.96
C GLN D 280 11.10 -40.71 47.94
N LYS D 281 11.66 -41.59 47.10
CA LYS D 281 12.55 -41.13 46.03
C LYS D 281 11.89 -40.08 45.17
N ALA D 282 10.56 -40.13 45.03
CA ALA D 282 9.82 -39.25 44.14
C ALA D 282 9.96 -37.79 44.54
N THR D 283 9.30 -37.39 45.62
CA THR D 283 9.14 -35.99 45.96
C THR D 283 9.97 -35.62 47.18
N PRO D 284 10.46 -34.36 47.28
CA PRO D 284 11.24 -33.94 48.44
C PRO D 284 10.37 -33.36 49.55
N LYS D 298 13.06 -34.05 55.02
CA LYS D 298 11.82 -33.44 55.44
C LYS D 298 11.08 -34.32 56.44
N ASP D 299 9.92 -33.84 56.91
CA ASP D 299 9.13 -34.61 57.85
C ASP D 299 8.42 -35.78 57.17
N PHE D 300 7.98 -35.59 55.94
CA PHE D 300 7.29 -36.65 55.21
C PHE D 300 8.26 -37.68 54.65
N ARG D 301 9.50 -37.29 54.37
CA ARG D 301 10.48 -38.23 53.87
C ARG D 301 11.02 -39.12 54.98
N HIS D 302 11.14 -38.59 56.20
CA HIS D 302 11.50 -39.41 57.35
C HIS D 302 10.36 -40.36 57.73
N GLY D 303 9.13 -40.05 57.32
CA GLY D 303 8.03 -40.97 57.55
C GLY D 303 8.21 -42.29 56.84
N PHE D 304 8.87 -42.28 55.67
CA PHE D 304 9.15 -43.53 54.98
C PHE D 304 10.30 -44.28 55.65
N ASP D 305 11.28 -43.55 56.20
CA ASP D 305 12.36 -44.21 56.95
C ASP D 305 11.78 -45.00 58.12
N ILE D 306 10.88 -44.38 58.87
CA ILE D 306 10.19 -45.09 59.96
C ILE D 306 9.49 -46.33 59.41
N LEU D 307 8.72 -46.14 58.33
CA LEU D 307 7.97 -47.26 57.75
C LEU D 307 8.92 -48.37 57.32
N VAL D 308 9.93 -48.03 56.52
CA VAL D 308 10.89 -49.03 56.06
C VAL D 308 11.55 -49.73 57.24
N GLY D 309 11.86 -48.96 58.29
CA GLY D 309 12.40 -49.58 59.49
C GLY D 309 11.47 -50.65 60.06
N GLN D 310 10.16 -50.38 60.03
CA GLN D 310 9.19 -51.37 60.49
C GLN D 310 9.05 -52.51 59.49
N ILE D 311 9.29 -52.25 58.20
CA ILE D 311 9.30 -53.33 57.22
C ILE D 311 10.39 -54.35 57.56
N ASP D 312 11.62 -53.86 57.74
CA ASP D 312 12.74 -54.76 58.02
C ASP D 312 12.49 -55.56 59.28
N ASP D 313 11.94 -54.93 60.33
CA ASP D 313 11.63 -55.65 61.56
C ASP D 313 10.64 -56.78 61.29
N ALA D 314 9.53 -56.47 60.60
CA ALA D 314 8.56 -57.50 60.29
C ALA D 314 9.12 -58.51 59.29
N LEU D 315 9.95 -58.05 58.36
CA LEU D 315 10.60 -58.96 57.42
C LEU D 315 11.61 -59.87 58.13
N LYS D 316 12.12 -59.44 59.29
CA LYS D 316 12.99 -60.30 60.07
C LYS D 316 12.19 -61.41 60.76
N LEU D 317 10.97 -61.11 61.18
CA LEU D 317 10.11 -62.11 61.79
C LEU D 317 9.66 -63.14 60.76
N ALA D 318 9.41 -62.70 59.53
CA ALA D 318 8.93 -63.62 58.49
C ALA D 318 9.93 -64.72 58.21
N ASN D 319 11.23 -64.44 58.33
CA ASN D 319 12.25 -65.45 58.11
C ASN D 319 12.39 -66.39 59.29
N GLU D 320 12.03 -65.96 60.50
CA GLU D 320 12.02 -66.84 61.66
C GLU D 320 10.86 -67.81 61.66
N GLY D 321 9.98 -67.75 60.66
CA GLY D 321 8.84 -68.64 60.59
C GLY D 321 7.60 -68.17 61.31
N LYS D 322 7.69 -67.06 62.05
CA LYS D 322 6.56 -66.53 62.80
C LYS D 322 5.65 -65.76 61.84
N VAL D 323 4.60 -66.42 61.36
CA VAL D 323 3.67 -65.76 60.44
C VAL D 323 2.79 -64.77 61.19
N LYS D 324 2.16 -65.22 62.28
CA LYS D 324 1.22 -64.38 62.99
C LYS D 324 1.89 -63.34 63.87
N GLU D 325 3.20 -63.45 64.09
CA GLU D 325 3.95 -62.36 64.73
C GLU D 325 4.34 -61.30 63.73
N ALA D 326 4.61 -61.70 62.48
CA ALA D 326 4.89 -60.71 61.44
C ALA D 326 3.68 -59.84 61.17
N GLN D 327 2.48 -60.42 61.21
CA GLN D 327 1.26 -59.66 60.99
C GLN D 327 0.98 -58.69 62.13
N ALA D 328 1.51 -58.94 63.32
CA ALA D 328 1.36 -57.99 64.41
C ALA D 328 2.05 -56.67 64.08
N ALA D 329 3.22 -56.73 63.46
CA ALA D 329 3.90 -55.53 63.00
C ALA D 329 3.28 -54.96 61.73
N ALA D 330 2.59 -55.79 60.94
CA ALA D 330 1.92 -55.29 59.75
C ALA D 330 0.76 -54.37 60.12
N GLU D 331 0.02 -54.70 61.19
CA GLU D 331 -1.02 -53.78 61.66
C GLU D 331 -0.42 -52.49 62.20
N GLN D 332 0.80 -52.56 62.73
CA GLN D 332 1.48 -51.34 63.16
C GLN D 332 1.83 -50.45 61.97
N LEU D 333 2.10 -51.06 60.81
CA LEU D 333 2.32 -50.27 59.60
C LEU D 333 1.05 -49.54 59.21
N LYS D 334 -0.12 -50.17 59.42
CA LYS D 334 -1.38 -49.54 59.05
C LYS D 334 -1.63 -48.29 59.89
N THR D 335 -1.05 -48.22 61.09
CA THR D 335 -1.19 -47.02 61.90
C THR D 335 -0.20 -45.93 61.48
N THR D 336 0.96 -46.33 60.95
CA THR D 336 1.93 -45.35 60.50
C THR D 336 1.43 -44.58 59.27
N ARG D 337 0.83 -45.29 58.31
CA ARG D 337 0.30 -44.62 57.13
C ARG D 337 -0.77 -43.61 57.52
N ASN D 338 -1.64 -43.97 58.47
CA ASN D 338 -2.71 -43.08 58.89
C ASN D 338 -2.19 -41.77 59.45
N ALA D 339 -0.93 -41.73 59.90
CA ALA D 339 -0.35 -40.50 60.40
C ALA D 339 0.12 -39.59 59.28
N TYR D 340 0.63 -40.17 58.19
CA TYR D 340 1.16 -39.40 57.08
C TYR D 340 0.22 -39.34 55.89
N ILE D 341 -1.01 -39.85 56.03
CA ILE D 341 -1.96 -39.82 54.92
C ILE D 341 -2.29 -38.37 54.54
N GLN D 342 -2.49 -37.52 55.55
CA GLN D 342 -2.83 -36.12 55.27
C GLN D 342 -1.67 -35.40 54.57
N LYS D 343 -0.44 -35.67 55.00
CA LYS D 343 0.70 -35.01 54.38
C LYS D 343 1.03 -35.58 53.01
N TYR D 344 0.61 -36.81 52.72
CA TYR D 344 0.78 -37.36 51.39
C TYR D 344 -0.13 -36.67 50.39
N LEU D 345 -1.34 -36.29 50.81
CA LEU D 345 -2.23 -35.55 49.94
C LEU D 345 -1.77 -34.10 49.79
N GLN D 346 -1.30 -33.50 50.89
CA GLN D 346 -0.77 -32.14 50.86
C GLN D 346 0.47 -32.01 49.98
N THR D 347 1.07 -33.12 49.57
CA THR D 347 2.27 -33.10 48.73
C THR D 347 1.92 -33.06 47.24
N ILE D 348 1.07 -33.98 46.79
CA ILE D 348 0.71 -34.01 45.37
C ILE D 348 -0.17 -32.81 45.03
N SER D 349 -0.98 -32.34 45.98
CA SER D 349 -1.70 -31.09 45.76
C SER D 349 -0.70 -29.92 45.67
N ASN D 350 0.35 -29.96 46.49
CA ASN D 350 1.42 -28.98 46.38
C ASN D 350 2.14 -29.07 45.04
N GLU D 351 2.05 -30.21 44.36
CA GLU D 351 2.64 -30.35 43.04
C GLU D 351 1.77 -29.68 41.97
N GLN D 352 0.45 -29.89 42.04
CA GLN D 352 -0.44 -29.25 41.08
C GLN D 352 -0.50 -27.74 41.31
N ARG D 353 -0.25 -27.28 42.54
CA ARG D 353 -0.12 -25.85 42.78
C ARG D 353 1.16 -25.30 42.18
N ALA D 354 2.24 -26.08 42.24
CA ALA D 354 3.51 -25.62 41.69
C ALA D 354 3.51 -25.66 40.16
N SER D 355 2.73 -26.56 39.56
CA SER D 355 2.64 -26.62 38.11
C SER D 355 1.77 -25.51 37.53
N LYS D 356 0.86 -24.95 38.33
CA LYS D 356 0.02 -23.85 37.85
C LYS D 356 0.80 -22.54 37.81
N VAL D 357 1.62 -22.27 38.84
CA VAL D 357 2.40 -21.04 38.85
C VAL D 357 3.43 -21.06 37.73
N LEU D 358 3.99 -22.22 37.43
CA LEU D 358 4.98 -22.32 36.37
C LEU D 358 4.39 -21.98 35.01
N GLY D 359 3.07 -22.15 34.85
CA GLY D 359 2.42 -21.78 33.61
C GLY D 359 2.10 -20.31 33.49
N ILE D 360 2.02 -19.60 34.62
CA ILE D 360 1.71 -18.17 34.61
C ILE D 360 2.99 -17.34 34.48
N VAL D 361 4.04 -17.69 35.22
CA VAL D 361 5.33 -17.04 35.02
C VAL D 361 5.75 -17.15 33.55
N PHE D 362 5.52 -18.32 32.96
CA PHE D 362 5.91 -18.53 31.57
C PHE D 362 4.99 -17.78 30.61
N PHE D 363 3.69 -17.79 30.88
CA PHE D 363 2.75 -17.07 30.04
C PHE D 363 3.03 -15.57 30.08
N LEU D 364 3.20 -15.01 31.28
CA LEU D 364 3.48 -13.59 31.40
C LEU D 364 4.78 -13.22 30.70
N PHE D 365 5.73 -14.16 30.62
CA PHE D 365 6.98 -13.89 29.91
C PHE D 365 6.72 -13.69 28.42
N LEU D 366 6.17 -14.71 27.75
CA LEU D 366 5.85 -14.60 26.34
C LEU D 366 4.70 -13.62 26.07
N LEU D 367 4.03 -13.14 27.12
CA LEU D 367 2.98 -12.15 26.95
C LEU D 367 3.52 -10.74 26.80
N MET D 368 4.74 -10.49 27.26
CA MET D 368 5.30 -9.14 27.33
C MET D 368 6.46 -8.90 26.39
N TRP D 369 7.31 -9.89 26.17
CA TRP D 369 8.47 -9.72 25.30
C TRP D 369 8.17 -10.06 23.85
N CYS D 370 7.21 -10.96 23.61
CA CYS D 370 6.83 -11.27 22.24
C CYS D 370 6.30 -10.06 21.48
N PRO D 371 5.37 -9.27 22.02
CA PRO D 371 4.85 -8.13 21.24
C PRO D 371 5.93 -7.18 20.75
N PHE D 372 7.06 -7.09 21.46
CA PHE D 372 8.14 -6.22 21.03
C PHE D 372 9.03 -6.91 20.00
N PHE D 373 9.58 -8.08 20.36
CA PHE D 373 10.52 -8.76 19.48
C PHE D 373 9.87 -9.22 18.18
N ILE D 374 8.60 -9.63 18.23
CA ILE D 374 7.89 -9.97 17.00
C ILE D 374 7.73 -8.73 16.13
N THR D 375 7.20 -7.65 16.70
CA THR D 375 7.05 -6.42 15.93
C THR D 375 8.40 -5.87 15.49
N ASN D 376 9.45 -6.10 16.28
CA ASN D 376 10.77 -5.60 15.92
C ASN D 376 11.28 -6.26 14.64
N ILE D 377 11.32 -7.60 14.63
CA ILE D 377 11.89 -8.30 13.48
C ILE D 377 11.05 -8.11 12.23
N THR D 378 9.74 -7.86 12.37
CA THR D 378 8.91 -7.62 11.20
C THR D 378 9.23 -6.28 10.56
N LEU D 379 9.48 -5.26 11.38
CA LEU D 379 9.86 -3.95 10.84
C LEU D 379 11.17 -4.01 10.06
N VAL D 380 12.03 -4.99 10.36
CA VAL D 380 13.29 -5.10 9.64
C VAL D 380 13.11 -5.83 8.32
N LEU D 381 12.13 -6.74 8.24
CA LEU D 381 11.94 -7.57 7.06
C LEU D 381 10.84 -7.04 6.14
N CYS D 382 9.64 -6.81 6.67
CA CYS D 382 8.52 -6.40 5.84
C CYS D 382 8.74 -4.98 5.31
N ASP D 383 8.76 -4.85 3.98
CA ASP D 383 8.79 -3.55 3.33
C ASP D 383 7.41 -3.08 2.89
N SER D 384 6.49 -4.01 2.60
CA SER D 384 5.13 -3.64 2.26
C SER D 384 4.44 -2.96 3.44
N CYS D 385 4.77 -3.37 4.66
CA CYS D 385 4.13 -2.80 5.84
C CYS D 385 4.48 -1.33 5.98
N ASN D 386 3.56 -0.57 6.57
CA ASN D 386 3.78 0.86 6.79
C ASN D 386 4.81 1.06 7.89
N GLN D 387 5.90 1.75 7.55
CA GLN D 387 6.98 1.94 8.51
C GLN D 387 6.56 2.82 9.69
N THR D 388 5.57 3.68 9.50
CA THR D 388 5.11 4.57 10.56
C THR D 388 4.00 3.98 11.41
N THR D 389 3.28 2.98 10.89
CA THR D 389 2.25 2.32 11.68
C THR D 389 2.85 1.27 12.60
N LEU D 390 3.74 0.42 12.07
CA LEU D 390 4.45 -0.53 12.90
C LEU D 390 5.27 0.19 13.97
N GLN D 391 5.91 1.29 13.58
CA GLN D 391 6.76 2.03 14.51
C GLN D 391 5.96 2.79 15.56
N MET D 392 4.68 3.06 15.29
CA MET D 392 3.85 3.78 16.25
C MET D 392 3.44 2.89 17.41
N LEU D 393 3.01 1.66 17.11
CA LEU D 393 2.64 0.70 18.14
C LEU D 393 3.85 0.02 18.78
N LEU D 394 5.04 0.18 18.20
CA LEU D 394 6.24 -0.38 18.82
C LEU D 394 6.60 0.36 20.09
N GLU D 395 6.24 1.65 20.18
CA GLU D 395 6.57 2.43 21.36
C GLU D 395 5.95 1.83 22.62
N ILE D 396 4.70 1.38 22.53
CA ILE D 396 4.04 0.82 23.71
C ILE D 396 4.57 -0.57 24.00
N PHE D 397 4.85 -1.36 22.97
CA PHE D 397 5.40 -2.70 23.20
C PHE D 397 6.78 -2.64 23.85
N VAL D 398 7.49 -1.52 23.71
CA VAL D 398 8.74 -1.37 24.44
C VAL D 398 8.48 -1.29 25.94
N TRP D 399 7.47 -0.53 26.35
CA TRP D 399 7.16 -0.40 27.77
C TRP D 399 6.55 -1.68 28.34
N ILE D 400 5.92 -2.51 27.51
CA ILE D 400 5.48 -3.81 27.99
C ILE D 400 6.67 -4.71 28.26
N GLY D 401 7.74 -4.57 27.47
CA GLY D 401 8.98 -5.24 27.79
C GLY D 401 9.67 -4.68 29.02
N TYR D 402 9.40 -3.41 29.34
CA TYR D 402 9.97 -2.80 30.53
C TYR D 402 9.27 -3.28 31.80
N VAL D 403 7.94 -3.28 31.79
CA VAL D 403 7.17 -3.62 32.99
C VAL D 403 7.49 -5.01 33.48
N SER D 404 7.99 -5.89 32.61
CA SER D 404 8.38 -7.22 33.05
C SER D 404 9.46 -7.16 34.11
N SER D 405 10.27 -6.09 34.11
CA SER D 405 11.29 -5.92 35.14
C SER D 405 10.69 -5.65 36.51
N GLY D 406 9.43 -5.25 36.57
CA GLY D 406 8.77 -5.02 37.84
C GLY D 406 7.84 -6.15 38.22
N VAL D 407 7.62 -7.08 37.30
CA VAL D 407 6.70 -8.19 37.55
C VAL D 407 7.42 -9.40 38.15
N ASN D 408 8.63 -9.72 37.66
CA ASN D 408 9.32 -10.91 38.12
C ASN D 408 9.72 -10.83 39.60
N PRO D 409 10.03 -9.65 40.16
CA PRO D 409 10.27 -9.62 41.61
C PRO D 409 9.02 -9.86 42.43
N LEU D 410 7.83 -9.72 41.84
CA LEU D 410 6.59 -9.99 42.56
C LEU D 410 6.23 -11.46 42.52
N VAL D 411 6.32 -12.09 41.34
CA VAL D 411 5.90 -13.48 41.19
C VAL D 411 6.96 -14.48 41.63
N TYR D 412 8.08 -13.98 42.14
CA TYR D 412 9.16 -14.83 42.62
C TYR D 412 9.49 -14.54 44.07
N THR D 413 8.63 -13.82 44.76
CA THR D 413 8.87 -13.52 46.16
C THR D 413 7.60 -13.54 47.00
N LEU D 414 6.49 -13.00 46.49
CA LEU D 414 5.27 -12.90 47.29
C LEU D 414 4.53 -14.22 47.41
N PHE D 415 4.92 -15.25 46.65
CA PHE D 415 4.43 -16.60 46.88
C PHE D 415 5.26 -17.33 47.92
N ASN D 416 6.08 -16.61 48.69
CA ASN D 416 6.92 -17.17 49.73
C ASN D 416 6.64 -16.43 51.02
N LYS D 417 6.60 -17.17 52.13
CA LYS D 417 6.24 -16.57 53.41
C LYS D 417 7.39 -15.80 54.03
N THR D 418 8.62 -16.33 53.91
CA THR D 418 9.77 -15.67 54.53
C THR D 418 10.14 -14.36 53.85
N PHE D 419 9.74 -14.17 52.59
CA PHE D 419 10.00 -12.91 51.90
C PHE D 419 9.07 -11.81 52.39
N ARG D 420 7.76 -12.08 52.44
CA ARG D 420 6.81 -11.09 52.92
C ARG D 420 7.19 -10.60 54.32
N ASP D 421 7.43 -11.53 55.24
CA ASP D 421 7.79 -11.15 56.60
C ASP D 421 9.07 -10.34 56.64
N ALA D 422 9.98 -10.58 55.68
CA ALA D 422 11.23 -9.82 55.63
C ALA D 422 11.03 -8.47 54.95
N PHE D 423 10.18 -8.41 53.92
CA PHE D 423 9.88 -7.13 53.29
C PHE D 423 9.27 -6.16 54.27
N GLY D 424 8.22 -6.59 54.99
CA GLY D 424 7.59 -5.74 55.98
C GLY D 424 8.54 -5.30 57.09
N ARG D 425 9.65 -6.01 57.27
CA ARG D 425 10.64 -5.60 58.27
C ARG D 425 11.47 -4.43 57.79
N TYR D 426 11.74 -4.35 56.49
CA TYR D 426 12.51 -3.23 55.95
C TYR D 426 11.62 -2.02 55.72
N ILE D 427 10.38 -2.26 55.31
CA ILE D 427 9.40 -1.17 55.21
C ILE D 427 9.28 -0.45 56.54
N THR D 428 9.20 -1.20 57.63
CA THR D 428 9.14 -0.64 58.97
C THR D 428 10.51 -0.29 59.53
N CYS D 429 11.58 -0.58 58.80
CA CYS D 429 12.94 -0.31 59.26
C CYS D 429 13.27 -1.14 60.50
N ASP E 1 20.60 28.63 13.35
CA ASP E 1 20.31 30.08 13.13
C ASP E 1 21.51 30.92 13.53
N ILE E 2 22.70 30.42 13.24
CA ILE E 2 23.95 31.12 13.49
C ILE E 2 24.38 31.72 12.16
N VAL E 3 24.02 32.98 11.92
CA VAL E 3 24.39 33.63 10.68
C VAL E 3 25.90 33.70 10.57
N LEU E 4 26.42 33.38 9.38
CA LEU E 4 27.85 33.33 9.12
C LEU E 4 28.21 34.54 8.27
N ILE E 5 29.16 35.34 8.75
CA ILE E 5 29.57 36.57 8.09
C ILE E 5 30.97 36.35 7.53
N GLN E 6 31.07 36.29 6.20
CA GLN E 6 32.34 36.12 5.53
C GLN E 6 32.88 37.48 5.10
N SER E 7 34.19 37.68 5.30
CA SER E 7 34.86 38.90 4.89
C SER E 7 36.25 38.54 4.39
N PRO E 8 36.70 39.12 3.26
CA PRO E 8 35.97 40.07 2.40
C PRO E 8 35.01 39.37 1.45
N ALA E 9 34.19 40.15 0.75
CA ALA E 9 33.30 39.59 -0.26
C ALA E 9 34.07 39.17 -1.51
N ILE E 10 35.17 39.87 -1.81
CA ILE E 10 36.00 39.55 -2.97
C ILE E 10 37.43 40.01 -2.67
N MET E 11 38.39 39.20 -3.10
CA MET E 11 39.80 39.47 -2.84
C MET E 11 40.61 39.01 -4.06
N SER E 12 41.74 39.67 -4.29
CA SER E 12 42.65 39.32 -5.36
C SER E 12 44.05 39.15 -4.80
N ALA E 13 44.71 38.04 -5.15
CA ALA E 13 46.05 37.76 -4.68
C ALA E 13 46.86 37.19 -5.83
N SER E 14 48.15 37.50 -5.84
CA SER E 14 49.04 37.03 -6.88
C SER E 14 49.46 35.59 -6.62
N PRO E 15 49.94 34.88 -7.64
CA PRO E 15 50.38 33.50 -7.43
C PRO E 15 51.49 33.42 -6.40
N GLY E 16 51.43 32.37 -5.57
CA GLY E 16 52.37 32.16 -4.51
C GLY E 16 52.07 32.94 -3.24
N GLU E 17 51.37 34.06 -3.35
CA GLU E 17 51.00 34.85 -2.18
C GLU E 17 50.03 34.06 -1.31
N LYS E 18 50.21 34.15 -0.01
CA LYS E 18 49.34 33.45 0.93
C LYS E 18 48.02 34.18 1.08
N VAL E 19 46.94 33.41 1.16
CA VAL E 19 45.59 33.96 1.26
C VAL E 19 44.94 33.42 2.53
N THR E 20 44.06 34.22 3.13
CA THR E 20 43.36 33.83 4.34
C THR E 20 41.95 34.37 4.29
N ILE E 21 40.97 33.47 4.22
CA ILE E 21 39.55 33.83 4.27
C ILE E 21 39.07 33.63 5.69
N THR E 22 38.21 34.53 6.16
CA THR E 22 37.65 34.47 7.50
C THR E 22 36.14 34.29 7.42
N CYS E 23 35.60 33.48 8.33
CA CYS E 23 34.16 33.23 8.42
C CYS E 23 33.77 33.37 9.89
N SER E 24 33.18 34.51 10.23
CA SER E 24 32.80 34.80 11.61
C SER E 24 31.35 34.41 11.85
N ALA E 25 31.10 33.79 13.00
CA ALA E 25 29.79 33.25 13.34
C ALA E 25 29.09 34.14 14.37
N SER E 26 27.77 33.98 14.44
CA SER E 26 26.97 34.76 15.38
C SER E 26 27.05 34.21 16.79
N SER E 27 27.32 32.92 16.94
CA SER E 27 27.40 32.26 18.23
C SER E 27 28.59 31.32 18.22
N SER E 28 28.79 30.60 19.32
CA SER E 28 29.86 29.63 19.42
C SER E 28 29.44 28.35 18.72
N VAL E 29 30.17 27.96 17.68
CA VAL E 29 29.89 26.76 16.92
C VAL E 29 30.97 25.73 17.19
N SER E 30 30.59 24.45 17.08
CA SER E 30 31.52 23.36 17.31
C SER E 30 32.55 23.28 16.19
N TYR E 31 32.09 22.96 14.98
CA TYR E 31 32.97 22.79 13.83
C TYR E 31 32.47 23.66 12.68
N MET E 32 33.29 23.75 11.64
CA MET E 32 32.98 24.58 10.47
C MET E 32 33.34 23.82 9.21
N HIS E 33 32.41 23.80 8.26
CA HIS E 33 32.65 23.22 6.94
C HIS E 33 32.91 24.33 5.94
N TRP E 34 33.54 23.95 4.82
CA TRP E 34 33.86 24.88 3.76
C TRP E 34 33.51 24.24 2.41
N PHE E 35 33.16 25.11 1.46
CA PHE E 35 32.79 24.67 0.12
C PHE E 35 33.43 25.58 -0.91
N GLN E 36 33.80 25.00 -2.04
CA GLN E 36 34.28 25.72 -3.20
C GLN E 36 33.30 25.50 -4.35
N GLN E 37 32.96 26.58 -5.05
CA GLN E 37 32.03 26.51 -6.18
C GLN E 37 32.68 27.19 -7.38
N LYS E 38 33.04 26.40 -8.38
CA LYS E 38 33.51 26.97 -9.63
C LYS E 38 32.32 27.34 -10.51
N PRO E 39 32.36 28.49 -11.19
CA PRO E 39 31.22 28.87 -12.04
C PRO E 39 30.84 27.77 -13.00
N GLY E 40 29.54 27.46 -13.04
CA GLY E 40 29.00 26.45 -13.92
C GLY E 40 28.89 25.07 -13.31
N THR E 41 29.32 24.89 -12.06
CA THR E 41 29.27 23.59 -11.39
C THR E 41 28.65 23.76 -10.02
N SER E 42 28.17 22.64 -9.47
CA SER E 42 27.62 22.64 -8.13
C SER E 42 28.76 22.69 -7.10
N PRO E 43 28.50 23.22 -5.91
CA PRO E 43 29.59 23.38 -4.93
C PRO E 43 30.06 22.04 -4.39
N LYS E 44 31.38 21.91 -4.27
CA LYS E 44 32.02 20.73 -3.71
C LYS E 44 32.70 21.10 -2.41
N LEU E 45 32.50 20.28 -1.38
CA LEU E 45 33.08 20.58 -0.07
C LEU E 45 34.59 20.45 -0.13
N TRP E 46 35.29 21.44 0.45
CA TRP E 46 36.75 21.45 0.47
C TRP E 46 37.33 21.08 1.83
N ILE E 47 36.65 21.42 2.92
CA ILE E 47 37.11 21.14 4.28
C ILE E 47 35.89 20.71 5.07
N TYR E 48 35.77 19.41 5.33
CA TYR E 48 34.59 18.88 6.00
C TYR E 48 34.59 19.20 7.48
N SER E 49 35.75 19.11 8.15
CA SER E 49 35.90 19.56 9.52
C SER E 49 37.14 20.44 9.62
N THR E 50 37.15 21.28 10.65
CA THR E 50 38.27 22.19 10.85
C THR E 50 39.58 21.42 10.87
N SER E 51 40.51 21.80 9.99
CA SER E 51 41.86 21.26 9.87
C SER E 51 41.90 19.98 9.06
N ASN E 52 40.78 19.49 8.52
CA ASN E 52 40.74 18.24 7.78
C ASN E 52 40.25 18.50 6.37
N LEU E 53 41.07 18.12 5.39
CA LEU E 53 40.76 18.34 3.98
C LEU E 53 39.91 17.20 3.43
N ALA E 54 39.11 17.52 2.40
CA ALA E 54 38.32 16.51 1.71
C ALA E 54 39.20 15.75 0.72
N SER E 55 38.62 14.77 0.05
CA SER E 55 39.37 13.97 -0.90
C SER E 55 39.68 14.78 -2.15
N GLY E 56 40.91 14.63 -2.65
CA GLY E 56 41.32 15.34 -3.84
C GLY E 56 41.56 16.81 -3.66
N VAL E 57 41.87 17.24 -2.44
CA VAL E 57 42.13 18.64 -2.13
C VAL E 57 43.63 18.80 -1.90
N PRO E 58 44.29 19.77 -2.52
CA PRO E 58 45.73 19.91 -2.33
C PRO E 58 46.10 20.18 -0.87
N ALA E 59 47.36 19.91 -0.54
CA ALA E 59 47.84 20.10 0.82
C ALA E 59 48.11 21.56 1.15
N ARG E 60 48.23 22.44 0.16
CA ARG E 60 48.45 23.85 0.42
C ARG E 60 47.27 24.50 1.15
N PHE E 61 46.11 23.83 1.19
CA PHE E 61 44.99 24.33 1.96
C PHE E 61 45.12 23.94 3.42
N SER E 62 44.64 24.82 4.30
CA SER E 62 44.73 24.58 5.74
C SER E 62 43.64 25.39 6.43
N GLY E 63 42.65 24.69 6.96
CA GLY E 63 41.53 25.34 7.64
C GLY E 63 41.74 25.39 9.14
N SER E 64 41.67 26.60 9.69
CA SER E 64 41.82 26.83 11.11
C SER E 64 40.54 27.46 11.65
N GLY E 65 40.46 27.56 12.97
CA GLY E 65 39.29 28.16 13.59
C GLY E 65 39.22 28.04 15.09
N SER E 66 38.52 28.98 15.73
CA SER E 66 38.29 28.93 17.17
C SER E 66 36.85 28.50 17.44
N GLY E 67 36.06 29.36 18.09
CA GLY E 67 34.67 29.05 18.36
C GLY E 67 33.71 30.01 17.66
N THR E 68 34.06 31.30 17.66
CA THR E 68 33.28 32.30 16.96
C THR E 68 33.77 32.52 15.53
N SER E 69 35.07 32.72 15.36
CA SER E 69 35.67 33.02 14.07
C SER E 69 36.44 31.82 13.55
N TYR E 70 36.23 31.49 12.28
CA TYR E 70 36.94 30.43 11.59
C TYR E 70 37.67 31.02 10.38
N SER E 71 38.54 30.21 9.78
CA SER E 71 39.42 30.72 8.74
C SER E 71 39.75 29.61 7.75
N LEU E 72 40.20 30.03 6.57
CA LEU E 72 40.71 29.14 5.53
C LEU E 72 41.93 29.78 4.93
N THR E 73 43.03 29.03 4.80
CA THR E 73 44.30 29.57 4.37
C THR E 73 44.87 28.74 3.22
N ILE E 74 45.57 29.42 2.31
CA ILE E 74 46.31 28.79 1.23
C ILE E 74 47.76 29.26 1.32
N SER E 75 48.69 28.31 1.31
CA SER E 75 50.10 28.66 1.46
C SER E 75 50.63 29.35 0.21
N ARG E 76 50.35 28.80 -0.96
CA ARG E 76 50.77 29.37 -2.23
C ARG E 76 49.57 29.44 -3.16
N MET E 77 49.29 30.65 -3.66
CA MET E 77 48.13 30.88 -4.51
C MET E 77 48.40 30.34 -5.91
N GLU E 78 47.49 29.50 -6.40
CA GLU E 78 47.58 28.93 -7.74
C GLU E 78 46.38 29.36 -8.57
N ALA E 79 46.54 29.28 -9.89
CA ALA E 79 45.47 29.70 -10.78
C ALA E 79 44.24 28.80 -10.65
N GLU E 80 44.44 27.51 -10.38
CA GLU E 80 43.32 26.60 -10.22
C GLU E 80 42.54 26.83 -8.92
N ASP E 81 43.01 27.73 -8.07
CA ASP E 81 42.37 28.02 -6.78
C ASP E 81 41.56 29.31 -6.82
N ALA E 82 41.14 29.75 -8.00
CA ALA E 82 40.38 30.99 -8.17
C ALA E 82 38.89 30.63 -8.28
N ALA E 83 38.17 30.79 -7.17
CA ALA E 83 36.75 30.43 -7.13
C ALA E 83 36.12 31.13 -5.93
N THR E 84 34.83 30.88 -5.75
CA THR E 84 34.09 31.41 -4.60
C THR E 84 34.06 30.36 -3.50
N TYR E 85 34.17 30.82 -2.25
CA TYR E 85 34.28 29.93 -1.11
C TYR E 85 33.21 30.26 -0.09
N TYR E 86 32.42 29.26 0.30
CA TYR E 86 31.37 29.40 1.28
C TYR E 86 31.71 28.58 2.53
N CYS E 87 31.20 29.04 3.67
CA CYS E 87 31.33 28.33 4.94
C CYS E 87 29.93 28.01 5.46
N GLN E 88 29.70 26.75 5.84
CA GLN E 88 28.45 26.35 6.45
C GLN E 88 28.72 25.79 7.83
N GLN E 89 27.68 25.83 8.67
CA GLN E 89 27.72 25.28 10.02
C GLN E 89 26.74 24.11 10.09
N ARG E 90 27.24 22.94 10.49
CA ARG E 90 26.43 21.76 10.68
C ARG E 90 26.14 21.49 12.14
N SER E 91 26.50 22.41 13.03
CA SER E 91 26.29 22.21 14.46
C SER E 91 24.82 22.03 14.80
N SER E 92 23.98 22.97 14.38
CA SER E 92 22.56 22.95 14.73
C SER E 92 21.74 23.43 13.54
N TYR E 93 20.39 23.43 13.71
CA TYR E 93 19.46 23.82 12.67
C TYR E 93 18.96 25.24 12.88
N PRO E 94 18.61 25.97 11.81
CA PRO E 94 18.77 25.52 10.42
C PRO E 94 20.20 25.70 9.92
N LEU E 95 20.62 24.88 8.97
CA LEU E 95 21.96 25.01 8.43
C LEU E 95 22.12 26.35 7.73
N THR E 96 23.18 27.07 8.07
CA THR E 96 23.44 28.40 7.55
C THR E 96 24.73 28.41 6.73
N PHE E 97 24.74 29.21 5.68
CA PHE E 97 25.89 29.34 4.79
C PHE E 97 26.45 30.75 4.86
N GLY E 98 27.74 30.88 4.56
CA GLY E 98 28.34 32.19 4.42
C GLY E 98 27.98 32.86 3.11
N ALA E 99 28.14 34.18 3.08
CA ALA E 99 27.80 34.93 1.88
C ALA E 99 28.65 34.50 0.70
N GLY E 100 29.94 34.30 0.91
CA GLY E 100 30.85 33.90 -0.15
C GLY E 100 32.03 34.85 -0.30
N THR E 101 33.13 34.34 -0.84
CA THR E 101 34.32 35.15 -1.07
C THR E 101 34.94 34.73 -2.40
N LYS E 102 34.84 35.61 -3.40
CA LYS E 102 35.41 35.33 -4.71
C LYS E 102 36.90 35.66 -4.72
N LEU E 103 37.71 34.73 -5.23
CA LEU E 103 39.14 34.92 -5.36
C LEU E 103 39.49 35.15 -6.83
N GLU E 104 40.23 36.21 -7.10
CA GLU E 104 40.68 36.56 -8.43
C GLU E 104 42.21 36.57 -8.46
N ILE E 105 42.80 35.79 -9.37
CA ILE E 105 44.24 35.74 -9.46
C ILE E 105 44.75 37.02 -10.13
N LYS E 106 45.94 37.47 -9.69
CA LYS E 106 46.58 38.65 -10.24
C LYS E 106 47.72 38.21 -11.15
N ARG E 107 47.55 38.43 -12.45
CA ARG E 107 48.54 38.05 -13.46
C ARG E 107 49.10 39.31 -14.12
N THR E 108 50.07 39.09 -15.00
CA THR E 108 50.67 40.19 -15.73
C THR E 108 49.64 40.85 -16.65
N VAL E 109 49.79 42.16 -16.85
CA VAL E 109 48.88 42.89 -17.71
C VAL E 109 48.96 42.33 -19.12
N ALA E 110 47.81 42.01 -19.69
CA ALA E 110 47.71 41.43 -21.03
C ALA E 110 46.96 42.38 -21.95
N ALA E 111 47.41 42.46 -23.20
CA ALA E 111 46.79 43.33 -24.19
C ALA E 111 45.59 42.63 -24.83
N PRO E 112 44.43 43.28 -24.94
CA PRO E 112 43.30 42.61 -25.60
C PRO E 112 43.49 42.50 -27.10
N SER E 113 42.96 41.42 -27.66
CA SER E 113 42.92 41.21 -29.10
C SER E 113 41.51 41.55 -29.58
N VAL E 114 41.38 42.66 -30.29
CA VAL E 114 40.07 43.20 -30.64
C VAL E 114 39.61 42.59 -31.95
N PHE E 115 38.37 42.10 -31.95
CA PHE E 115 37.69 41.62 -33.15
C PHE E 115 36.35 42.32 -33.25
N ILE E 116 35.83 42.43 -34.47
CA ILE E 116 34.54 43.07 -34.72
C ILE E 116 33.79 42.26 -35.75
N PHE E 117 32.50 42.03 -35.49
CA PHE E 117 31.66 41.20 -36.35
C PHE E 117 30.49 42.02 -36.88
N PRO E 118 30.32 42.16 -38.19
CA PRO E 118 29.14 42.86 -38.71
C PRO E 118 27.90 42.00 -38.60
N PRO E 119 26.71 42.57 -38.73
CA PRO E 119 25.48 41.78 -38.64
C PRO E 119 25.25 40.94 -39.89
N SER E 120 24.82 39.70 -39.68
CA SER E 120 24.54 38.81 -40.80
C SER E 120 23.33 39.29 -41.58
N ASP E 121 23.35 39.01 -42.88
CA ASP E 121 22.23 39.38 -43.74
C ASP E 121 20.94 38.68 -43.32
N GLU E 122 21.04 37.58 -42.57
CA GLU E 122 19.84 36.89 -42.09
C GLU E 122 19.15 37.70 -41.00
N GLN E 123 19.92 38.32 -40.12
CA GLN E 123 19.33 39.13 -39.05
C GLN E 123 18.68 40.38 -39.61
N LEU E 124 19.30 41.01 -40.61
CA LEU E 124 18.74 42.21 -41.20
C LEU E 124 17.42 41.92 -41.90
N LYS E 125 17.23 40.67 -42.36
CA LYS E 125 15.96 40.29 -42.98
C LYS E 125 14.80 40.38 -41.98
N SER E 126 15.10 40.35 -40.69
CA SER E 126 14.08 40.49 -39.65
C SER E 126 13.83 41.93 -39.23
N GLY E 127 14.67 42.87 -39.68
CA GLY E 127 14.51 44.27 -39.36
C GLY E 127 15.33 44.76 -38.17
N THR E 128 16.31 43.98 -37.71
CA THR E 128 17.15 44.37 -36.59
C THR E 128 18.61 44.13 -36.96
N ALA E 129 19.50 44.86 -36.28
CA ALA E 129 20.93 44.75 -36.51
C ALA E 129 21.66 44.72 -35.17
N SER E 130 22.73 43.92 -35.11
CA SER E 130 23.52 43.76 -33.88
C SER E 130 24.98 43.68 -34.26
N VAL E 131 25.71 44.77 -34.05
CA VAL E 131 27.14 44.81 -34.29
C VAL E 131 27.86 44.38 -33.01
N VAL E 132 28.74 43.39 -33.13
CA VAL E 132 29.46 42.84 -31.99
C VAL E 132 30.89 43.34 -32.03
N CYS E 133 31.39 43.79 -30.88
CA CYS E 133 32.80 44.11 -30.69
C CYS E 133 33.36 43.20 -29.62
N LEU E 134 34.46 42.52 -29.93
CA LEU E 134 34.97 41.45 -29.10
C LEU E 134 36.33 41.82 -28.53
N LEU E 135 36.51 41.51 -27.24
CA LEU E 135 37.80 41.62 -26.56
C LEU E 135 38.11 40.26 -25.96
N ASN E 136 39.23 39.66 -26.38
CA ASN E 136 39.58 38.30 -26.00
C ASN E 136 40.89 38.29 -25.24
N ASN E 137 40.91 37.61 -24.09
CA ASN E 137 42.12 37.33 -23.33
C ASN E 137 42.86 38.61 -22.97
N PHE E 138 42.45 39.25 -21.87
CA PHE E 138 43.14 40.44 -21.38
C PHE E 138 43.01 40.49 -19.87
N TYR E 139 43.88 41.30 -19.25
CA TYR E 139 43.88 41.48 -17.80
C TYR E 139 44.44 42.87 -17.51
N PRO E 140 43.83 43.63 -16.58
CA PRO E 140 42.68 43.27 -15.74
C PRO E 140 41.33 43.32 -16.46
N ARG E 141 40.28 42.97 -15.71
CA ARG E 141 38.93 42.98 -16.25
C ARG E 141 38.50 44.36 -16.72
N GLU E 142 39.00 45.41 -16.07
CA GLU E 142 38.55 46.76 -16.36
C GLU E 142 39.04 47.20 -17.74
N ALA E 143 38.12 47.25 -18.70
CA ALA E 143 38.42 47.70 -20.05
C ALA E 143 37.28 48.59 -20.53
N LYS E 144 37.62 49.74 -21.10
CA LYS E 144 36.64 50.72 -21.54
C LYS E 144 36.39 50.56 -23.04
N VAL E 145 35.15 50.28 -23.41
CA VAL E 145 34.75 50.18 -24.80
C VAL E 145 33.74 51.27 -25.09
N GLN E 146 33.78 51.80 -26.31
CA GLN E 146 32.84 52.83 -26.72
C GLN E 146 32.64 52.74 -28.22
N TRP E 147 31.39 52.95 -28.65
CA TRP E 147 31.01 52.83 -30.05
C TRP E 147 30.96 54.21 -30.69
N LYS E 148 31.62 54.35 -31.84
CA LYS E 148 31.65 55.61 -32.58
C LYS E 148 31.10 55.34 -33.99
N VAL E 149 29.89 55.81 -34.24
CA VAL E 149 29.25 55.69 -35.54
C VAL E 149 29.40 57.02 -36.25
N ASP E 150 30.31 57.08 -37.24
CA ASP E 150 30.61 58.31 -37.97
C ASP E 150 31.17 59.37 -37.02
N ASN E 151 32.21 58.98 -36.27
CA ASN E 151 32.92 59.88 -35.37
C ASN E 151 32.11 60.24 -34.13
N ALA E 152 30.78 60.29 -34.25
CA ALA E 152 29.94 60.60 -33.10
C ALA E 152 29.83 59.41 -32.16
N LEU E 153 29.80 59.70 -30.87
CA LEU E 153 29.74 58.66 -29.86
C LEU E 153 28.31 58.19 -29.63
N GLN E 154 28.12 56.87 -29.60
CA GLN E 154 26.81 56.28 -29.33
C GLN E 154 26.67 56.00 -27.84
N SER E 155 25.44 56.14 -27.36
CA SER E 155 25.14 55.95 -25.94
C SER E 155 23.80 55.25 -25.79
N GLY E 156 23.77 54.26 -24.88
CA GLY E 156 22.56 53.54 -24.57
C GLY E 156 22.34 52.27 -25.38
N ASN E 157 22.97 52.16 -26.55
CA ASN E 157 22.76 51.00 -27.42
C ASN E 157 23.69 49.84 -27.09
N SER E 158 24.79 50.10 -26.38
CA SER E 158 25.75 49.05 -26.08
C SER E 158 25.33 48.27 -24.84
N GLN E 159 25.70 46.98 -24.82
CA GLN E 159 25.46 46.11 -23.68
C GLN E 159 26.69 45.22 -23.50
N GLU E 160 27.52 45.57 -22.52
CA GLU E 160 28.75 44.84 -22.28
C GLU E 160 28.49 43.58 -21.47
N SER E 161 29.17 42.50 -21.82
CA SER E 161 29.02 41.21 -21.14
C SER E 161 30.41 40.61 -20.98
N VAL E 162 30.86 40.47 -19.73
CA VAL E 162 32.19 39.96 -19.42
C VAL E 162 32.07 38.51 -18.97
N THR E 163 32.86 37.63 -19.58
CA THR E 163 32.89 36.24 -19.18
C THR E 163 33.68 36.09 -17.88
N GLU E 164 33.55 34.93 -17.25
CA GLU E 164 34.27 34.65 -16.03
C GLU E 164 35.77 34.51 -16.32
N GLN E 165 36.56 34.60 -15.25
CA GLN E 165 38.01 34.51 -15.38
C GLN E 165 38.40 33.12 -15.86
N ASP E 166 39.12 33.06 -16.98
CA ASP E 166 39.55 31.77 -17.52
C ASP E 166 40.45 31.06 -16.52
N SER E 167 40.38 29.73 -16.53
CA SER E 167 41.16 28.94 -15.58
C SER E 167 42.61 28.76 -16.06
N LYS E 168 42.83 28.67 -17.37
CA LYS E 168 44.17 28.44 -17.88
C LYS E 168 44.98 29.74 -17.87
N ASP E 169 44.67 30.66 -18.79
CA ASP E 169 45.45 31.89 -18.93
C ASP E 169 45.05 32.97 -17.94
N SER E 170 43.99 32.78 -17.17
CA SER E 170 43.60 33.71 -16.10
C SER E 170 43.25 35.09 -16.67
N THR E 171 42.70 35.14 -17.87
CA THR E 171 42.31 36.39 -18.51
C THR E 171 40.81 36.40 -18.78
N TYR E 172 40.28 37.60 -19.01
CA TYR E 172 38.86 37.79 -19.25
C TYR E 172 38.60 37.98 -20.75
N SER E 173 37.32 38.06 -21.09
CA SER E 173 36.87 38.40 -22.43
C SER E 173 35.60 39.23 -22.30
N LEU E 174 35.42 40.19 -23.19
CA LEU E 174 34.31 41.11 -23.12
C LEU E 174 33.52 41.10 -24.43
N SER E 175 32.20 41.09 -24.31
CA SER E 175 31.29 41.08 -25.45
C SER E 175 30.41 42.31 -25.39
N SER E 176 30.73 43.31 -26.19
CA SER E 176 29.94 44.54 -26.30
C SER E 176 29.18 44.50 -27.62
N THR E 177 27.86 44.51 -27.54
CA THR E 177 26.99 44.41 -28.71
C THR E 177 26.23 45.71 -28.89
N LEU E 178 26.26 46.25 -30.11
CA LEU E 178 25.55 47.48 -30.46
C LEU E 178 24.28 47.09 -31.20
N THR E 179 23.13 47.22 -30.54
CA THR E 179 21.84 46.85 -31.12
C THR E 179 21.19 48.06 -31.76
N LEU E 180 20.90 47.96 -33.06
CA LEU E 180 20.25 49.01 -33.81
C LEU E 180 19.14 48.40 -34.67
N SER E 181 18.33 49.27 -35.27
CA SER E 181 17.27 48.86 -36.17
C SER E 181 17.75 48.92 -37.61
N LYS E 182 17.16 48.06 -38.45
CA LYS E 182 17.49 48.09 -39.87
C LYS E 182 17.18 49.43 -40.49
N ALA E 183 16.16 50.13 -39.97
CA ALA E 183 15.83 51.45 -40.47
C ALA E 183 16.98 52.43 -40.22
N ASP E 184 17.53 52.43 -39.01
CA ASP E 184 18.64 53.29 -38.66
C ASP E 184 20.00 52.69 -39.01
N TYR E 185 20.06 51.41 -39.35
CA TYR E 185 21.32 50.79 -39.76
C TYR E 185 21.71 51.23 -41.16
N GLU E 186 20.74 51.47 -42.03
CA GLU E 186 21.03 51.93 -43.39
C GLU E 186 21.35 53.41 -43.44
N LYS E 187 21.02 54.17 -42.38
CA LYS E 187 21.19 55.61 -42.39
C LYS E 187 22.63 56.05 -42.18
N HIS E 188 23.52 55.16 -41.76
CA HIS E 188 24.92 55.49 -41.51
C HIS E 188 25.82 54.51 -42.24
N LYS E 189 27.09 54.88 -42.36
CA LYS E 189 28.05 54.11 -43.15
C LYS E 189 28.97 53.28 -42.25
N VAL E 190 29.91 53.93 -41.59
CA VAL E 190 30.98 53.24 -40.88
C VAL E 190 30.56 53.03 -39.43
N TYR E 191 30.90 51.86 -38.88
CA TYR E 191 30.69 51.53 -37.49
C TYR E 191 32.03 51.13 -36.88
N ALA E 192 32.44 51.84 -35.83
CA ALA E 192 33.74 51.63 -35.21
C ALA E 192 33.58 51.17 -33.78
N CYS E 193 34.68 50.67 -33.22
CA CYS E 193 34.73 50.25 -31.82
C CYS E 193 36.07 50.66 -31.25
N GLU E 194 36.08 51.72 -30.46
CA GLU E 194 37.29 52.23 -29.83
C GLU E 194 37.38 51.68 -28.41
N VAL E 195 38.40 50.88 -28.15
CA VAL E 195 38.62 50.28 -26.83
C VAL E 195 39.95 50.78 -26.29
N THR E 196 40.01 50.99 -24.97
CA THR E 196 41.23 51.41 -24.30
C THR E 196 41.41 50.58 -23.04
N HIS E 197 42.59 50.02 -22.87
CA HIS E 197 42.88 49.11 -21.78
C HIS E 197 44.25 49.43 -21.21
N GLN E 198 44.52 48.94 -19.99
CA GLN E 198 45.76 49.27 -19.31
C GLN E 198 46.98 48.78 -20.07
N GLY E 199 46.81 47.81 -20.97
CA GLY E 199 47.93 47.27 -21.72
C GLY E 199 48.00 47.79 -23.15
N LEU E 200 47.51 49.00 -23.37
CA LEU E 200 47.52 49.62 -24.68
C LEU E 200 48.12 51.03 -24.56
N SER E 201 49.16 51.28 -25.35
CA SER E 201 49.76 52.62 -25.37
C SER E 201 48.80 53.63 -26.01
N LEU E 202 48.22 53.28 -27.15
CA LEU E 202 47.24 54.11 -27.81
C LEU E 202 45.95 53.31 -28.01
N PRO E 203 44.78 53.86 -27.71
CA PRO E 203 43.54 53.08 -27.88
C PRO E 203 43.39 52.57 -29.30
N VAL E 204 43.22 51.26 -29.42
CA VAL E 204 43.04 50.63 -30.72
C VAL E 204 41.57 50.73 -31.13
N THR E 205 41.33 50.87 -32.43
CA THR E 205 39.99 50.98 -32.98
C THR E 205 39.85 50.02 -34.16
N LYS E 206 38.80 49.22 -34.14
CA LYS E 206 38.48 48.29 -35.21
C LYS E 206 37.12 48.68 -35.79
N SER E 207 37.09 49.01 -37.07
CA SER E 207 35.89 49.52 -37.72
C SER E 207 35.68 48.80 -39.05
N PHE E 208 34.56 49.11 -39.71
CA PHE E 208 34.22 48.52 -40.99
C PHE E 208 33.15 49.39 -41.64
N ASN E 209 33.15 49.40 -42.97
CA ASN E 209 32.14 50.09 -43.77
C ASN E 209 31.19 49.08 -44.36
N ARG E 210 29.89 49.42 -44.37
CA ARG E 210 28.88 48.54 -44.94
C ARG E 210 29.12 48.44 -46.45
N GLY E 211 29.51 47.26 -46.91
CA GLY E 211 29.80 47.03 -48.32
C GLY E 211 31.25 47.26 -48.67
N GLU F 1 29.99 5.52 -7.69
CA GLU F 1 29.38 6.45 -8.67
C GLU F 1 28.08 7.05 -8.13
N VAL F 2 28.22 7.95 -7.15
CA VAL F 2 27.07 8.67 -6.61
C VAL F 2 26.65 9.73 -7.61
N GLN F 3 25.44 9.61 -8.14
CA GLN F 3 24.93 10.55 -9.14
C GLN F 3 23.50 10.95 -8.75
N LEU F 4 23.28 12.26 -8.61
CA LEU F 4 21.99 12.81 -8.24
C LEU F 4 21.48 13.62 -9.43
N GLN F 5 20.64 13.01 -10.26
CA GLN F 5 20.12 13.66 -11.46
C GLN F 5 18.82 14.39 -11.11
N GLN F 6 18.80 15.69 -11.36
CA GLN F 6 17.69 16.56 -11.00
C GLN F 6 16.89 16.93 -12.24
N SER F 7 15.67 17.41 -12.00
CA SER F 7 14.77 17.76 -13.10
C SER F 7 15.37 18.88 -13.94
N GLY F 8 14.70 19.19 -15.05
CA GLY F 8 15.15 20.21 -15.95
C GLY F 8 14.60 21.58 -15.59
N PRO F 9 15.16 22.63 -16.22
CA PRO F 9 14.68 23.98 -15.93
C PRO F 9 13.24 24.16 -16.38
N GLU F 10 12.52 25.04 -15.66
CA GLU F 10 11.09 25.21 -15.87
C GLU F 10 10.72 26.68 -15.75
N LEU F 11 9.73 27.08 -16.55
CA LEU F 11 9.04 28.34 -16.37
C LEU F 11 7.65 28.06 -15.82
N VAL F 12 7.24 28.84 -14.83
CA VAL F 12 5.98 28.63 -14.14
C VAL F 12 5.40 29.98 -13.76
N LYS F 13 4.10 30.14 -13.98
CA LYS F 13 3.44 31.40 -13.67
C LYS F 13 3.41 31.63 -12.16
N PRO F 14 3.39 32.89 -11.72
CA PRO F 14 3.36 33.15 -10.27
C PRO F 14 2.04 32.72 -9.66
N GLY F 15 2.12 31.99 -8.55
CA GLY F 15 0.97 31.45 -7.88
C GLY F 15 0.74 29.98 -8.12
N ALA F 16 1.35 29.41 -9.15
CA ALA F 16 1.19 27.99 -9.45
C ALA F 16 2.15 27.15 -8.60
N SER F 17 1.94 25.84 -8.65
CA SER F 17 2.76 24.90 -7.90
C SER F 17 3.87 24.34 -8.78
N VAL F 18 5.02 24.07 -8.15
CA VAL F 18 6.16 23.48 -8.82
C VAL F 18 6.46 22.15 -8.16
N LYS F 19 6.93 21.19 -8.96
CA LYS F 19 7.22 19.83 -8.48
C LYS F 19 8.59 19.42 -9.00
N LEU F 20 9.63 19.78 -8.24
CA LEU F 20 11.00 19.43 -8.60
C LEU F 20 11.33 18.04 -8.09
N SER F 21 11.99 17.24 -8.94
CA SER F 21 12.38 15.89 -8.59
C SER F 21 13.90 15.82 -8.44
N CYS F 22 14.35 14.73 -7.81
CA CYS F 22 15.78 14.54 -7.55
C CYS F 22 16.02 13.04 -7.35
N LYS F 23 16.33 12.35 -8.45
CA LYS F 23 16.56 10.92 -8.40
C LYS F 23 17.99 10.63 -7.93
N ALA F 24 18.13 9.53 -7.19
CA ALA F 24 19.41 9.12 -6.64
C ALA F 24 19.86 7.81 -7.27
N SER F 25 21.17 7.60 -7.25
CA SER F 25 21.76 6.39 -7.84
C SER F 25 23.15 6.21 -7.26
N GLY F 26 23.65 4.98 -7.38
CA GLY F 26 24.98 4.65 -6.91
C GLY F 26 25.08 4.27 -5.45
N TYR F 27 24.01 4.49 -4.67
CA TYR F 27 24.01 4.11 -3.27
C TYR F 27 22.58 3.75 -2.87
N THR F 28 22.40 3.41 -1.59
CA THR F 28 21.15 2.86 -1.11
C THR F 28 20.04 3.90 -0.97
N PHE F 29 20.34 5.18 -1.18
CA PHE F 29 19.35 6.25 -1.08
C PHE F 29 18.88 6.48 0.35
N THR F 30 18.55 5.40 1.07
CA THR F 30 17.98 5.50 2.41
C THR F 30 19.02 5.70 3.50
N SER F 31 20.30 5.52 3.19
CA SER F 31 21.33 5.59 4.23
C SER F 31 21.49 7.01 4.77
N SER F 32 21.39 8.01 3.89
CA SER F 32 21.70 9.39 4.23
C SER F 32 20.45 10.27 4.13
N TRP F 33 20.51 11.40 4.82
CA TRP F 33 19.48 12.42 4.69
C TRP F 33 19.60 13.14 3.36
N MET F 34 18.47 13.61 2.85
CA MET F 34 18.42 14.34 1.58
C MET F 34 18.09 15.80 1.89
N HIS F 35 19.07 16.67 1.67
CA HIS F 35 18.91 18.10 1.92
C HIS F 35 18.59 18.84 0.63
N TRP F 36 18.06 20.06 0.78
CA TRP F 36 17.74 20.93 -0.33
C TRP F 36 18.28 22.32 -0.04
N VAL F 37 18.91 22.94 -1.04
CA VAL F 37 19.50 24.26 -0.91
C VAL F 37 19.06 25.11 -2.09
N LYS F 38 18.77 26.39 -1.81
CA LYS F 38 18.35 27.36 -2.81
C LYS F 38 19.43 28.42 -2.94
N GLN F 39 19.95 28.60 -4.16
CA GLN F 39 21.00 29.58 -4.43
C GLN F 39 20.42 30.68 -5.30
N ARG F 40 20.34 31.89 -4.75
CA ARG F 40 19.94 33.07 -5.51
C ARG F 40 21.18 33.90 -5.79
N PRO F 41 21.50 34.21 -7.05
CA PRO F 41 22.74 34.95 -7.31
C PRO F 41 22.79 36.26 -6.54
N GLY F 42 23.93 36.50 -5.88
CA GLY F 42 24.13 37.69 -5.07
C GLY F 42 23.72 37.53 -3.62
N GLN F 43 22.91 36.53 -3.30
CA GLN F 43 22.43 36.31 -1.94
C GLN F 43 23.03 35.08 -1.28
N GLY F 44 23.94 34.38 -1.95
CA GLY F 44 24.57 33.21 -1.37
C GLY F 44 23.65 32.01 -1.35
N LEU F 45 23.93 31.10 -0.42
CA LEU F 45 23.22 29.85 -0.29
C LEU F 45 22.28 29.89 0.91
N GLU F 46 21.10 29.27 0.75
CA GLU F 46 20.09 29.22 1.79
C GLU F 46 19.55 27.80 1.92
N TRP F 47 19.39 27.35 3.16
CA TRP F 47 18.98 25.98 3.43
C TRP F 47 17.47 25.88 3.47
N ILE F 48 16.92 24.99 2.63
CA ILE F 48 15.47 24.76 2.61
C ILE F 48 15.07 23.80 3.72
N GLY F 49 15.62 22.60 3.68
CA GLY F 49 15.27 21.56 4.63
C GLY F 49 15.83 20.24 4.18
N ASN F 50 15.53 19.20 4.95
CA ASN F 50 15.98 17.85 4.63
C ASN F 50 14.86 16.87 4.92
N ILE F 51 15.09 15.62 4.50
CA ILE F 51 14.10 14.55 4.65
C ILE F 51 14.84 13.23 4.80
N TYR F 52 14.22 12.31 5.53
CA TYR F 52 14.75 10.97 5.70
C TYR F 52 13.91 10.00 4.86
N PRO F 53 14.47 9.40 3.80
CA PRO F 53 13.63 8.60 2.89
C PRO F 53 12.75 7.56 3.57
N SER F 54 13.31 6.71 4.42
CA SER F 54 12.55 5.61 5.01
C SER F 54 11.35 6.13 5.79
N ASN F 55 11.61 6.79 6.92
CA ASN F 55 10.53 7.30 7.76
C ASN F 55 9.73 8.38 7.06
N GLY F 56 10.31 9.06 6.07
CA GLY F 56 9.70 10.24 5.53
C GLY F 56 9.77 11.45 6.43
N GLY F 57 10.49 11.35 7.55
CA GLY F 57 10.62 12.45 8.48
C GLY F 57 11.22 13.67 7.83
N THR F 58 10.57 14.82 7.98
CA THR F 58 10.94 16.05 7.28
C THR F 58 11.17 17.17 8.28
N ASN F 59 12.20 17.98 8.00
CA ASN F 59 12.48 19.19 8.74
C ASN F 59 12.59 20.34 7.75
N TYR F 60 12.01 21.49 8.12
CA TYR F 60 11.99 22.65 7.26
C TYR F 60 12.73 23.82 7.90
N ASN F 61 13.20 24.73 7.06
CA ASN F 61 13.69 26.01 7.54
C ASN F 61 12.51 26.88 7.97
N GLU F 62 12.76 27.75 8.94
CA GLU F 62 11.67 28.55 9.49
C GLU F 62 11.02 29.40 8.41
N ARG F 63 11.81 29.92 7.47
CA ARG F 63 11.27 30.83 6.45
C ARG F 63 10.70 30.09 5.25
N PHE F 64 11.26 28.92 4.91
CA PHE F 64 10.75 28.10 3.83
C PHE F 64 9.73 27.07 4.31
N LYS F 65 9.11 27.30 5.48
CA LYS F 65 8.25 26.29 6.07
C LYS F 65 6.91 26.21 5.34
N SER F 66 6.28 27.35 5.10
CA SER F 66 4.97 27.36 4.44
C SER F 66 5.10 27.14 2.93
N LYS F 67 6.23 27.52 2.34
CA LYS F 67 6.41 27.41 0.90
C LYS F 67 6.62 25.97 0.44
N ALA F 68 7.78 25.40 0.78
CA ALA F 68 8.18 24.11 0.25
C ALA F 68 7.62 22.96 1.07
N THR F 69 7.37 21.84 0.38
CA THR F 69 6.91 20.61 1.02
C THR F 69 7.72 19.45 0.46
N LEU F 70 8.52 18.81 1.30
CA LEU F 70 9.43 17.76 0.87
C LEU F 70 8.76 16.40 0.97
N THR F 71 8.91 15.59 -0.09
CA THR F 71 8.40 14.24 -0.13
C THR F 71 9.42 13.35 -0.81
N VAL F 72 9.22 12.03 -0.69
CA VAL F 72 10.11 11.05 -1.29
C VAL F 72 9.27 9.92 -1.89
N ASP F 73 9.94 9.04 -2.63
CA ASP F 73 9.28 7.88 -3.24
C ASP F 73 10.31 6.75 -3.28
N ARG F 74 10.19 5.82 -2.34
CA ARG F 74 11.15 4.71 -2.28
C ARG F 74 11.07 3.84 -3.52
N SER F 75 9.91 3.80 -4.18
CA SER F 75 9.77 3.00 -5.39
C SER F 75 10.66 3.52 -6.51
N SER F 76 10.57 4.82 -6.79
CA SER F 76 11.35 5.44 -7.86
C SER F 76 12.70 5.96 -7.38
N ASN F 77 12.99 5.90 -6.08
CA ASN F 77 14.26 6.37 -5.53
C ASN F 77 14.48 7.85 -5.84
N THR F 78 13.43 8.64 -5.71
CA THR F 78 13.48 10.06 -6.00
C THR F 78 13.12 10.86 -4.76
N ALA F 79 13.54 12.13 -4.76
CA ALA F 79 13.24 13.08 -3.69
C ALA F 79 12.56 14.28 -4.31
N TYR F 80 11.29 14.49 -3.98
CA TYR F 80 10.52 15.58 -4.53
C TYR F 80 10.58 16.81 -3.61
N MET F 81 10.05 17.92 -4.11
CA MET F 81 9.94 19.16 -3.35
C MET F 81 8.94 20.05 -4.06
N GLN F 82 7.83 20.35 -3.40
CA GLN F 82 6.74 21.12 -4.00
C GLN F 82 6.75 22.54 -3.43
N LEU F 83 6.87 23.52 -4.32
CA LEU F 83 6.81 24.93 -3.95
C LEU F 83 5.43 25.47 -4.32
N SER F 84 4.72 25.99 -3.32
CA SER F 84 3.35 26.44 -3.50
C SER F 84 3.28 27.97 -3.43
N SER F 85 2.22 28.52 -4.00
CA SER F 85 1.98 29.96 -4.03
C SER F 85 3.25 30.70 -4.46
N LEU F 86 3.66 30.44 -5.69
CA LEU F 86 4.94 30.92 -6.17
C LEU F 86 4.92 32.42 -6.38
N THR F 87 5.93 33.10 -5.84
CA THR F 87 6.09 34.54 -6.01
C THR F 87 7.19 34.81 -7.03
N SER F 88 7.58 36.08 -7.15
CA SER F 88 8.66 36.44 -8.07
C SER F 88 10.03 36.26 -7.44
N GLU F 89 10.13 36.36 -6.12
CA GLU F 89 11.40 36.21 -5.43
C GLU F 89 11.78 34.76 -5.20
N ASP F 90 10.92 33.81 -5.55
CA ASP F 90 11.23 32.39 -5.50
C ASP F 90 11.92 31.91 -6.77
N SER F 91 12.43 32.83 -7.59
CA SER F 91 13.18 32.47 -8.78
C SER F 91 14.65 32.34 -8.41
N ALA F 92 15.19 31.13 -8.55
CA ALA F 92 16.56 30.85 -8.16
C ALA F 92 16.92 29.45 -8.68
N VAL F 93 18.13 29.02 -8.36
CA VAL F 93 18.61 27.68 -8.68
C VAL F 93 18.51 26.83 -7.41
N TYR F 94 17.93 25.65 -7.54
CA TYR F 94 17.69 24.76 -6.41
C TYR F 94 18.56 23.51 -6.55
N PHE F 95 19.26 23.16 -5.48
CA PHE F 95 20.08 21.96 -5.43
C PHE F 95 19.50 20.97 -4.43
N CYS F 96 19.65 19.69 -4.74
CA CYS F 96 19.45 18.62 -3.77
C CYS F 96 20.79 17.96 -3.52
N ALA F 97 21.05 17.58 -2.27
CA ALA F 97 22.36 17.06 -1.91
C ALA F 97 22.26 16.26 -0.62
N ARG F 98 23.03 15.18 -0.56
CA ARG F 98 23.23 14.45 0.68
C ARG F 98 24.46 15.01 1.39
N PHE F 99 24.41 15.03 2.72
CA PHE F 99 25.50 15.54 3.53
C PHE F 99 26.04 14.45 4.43
N GLY F 100 27.24 14.70 4.95
CA GLY F 100 27.91 13.69 5.75
C GLY F 100 27.12 13.33 6.99
N SER F 101 27.09 12.04 7.31
CA SER F 101 26.48 11.58 8.54
C SER F 101 27.43 11.82 9.71
N PHE F 102 26.85 11.96 10.90
CA PHE F 102 27.61 12.12 12.13
C PHE F 102 27.54 10.82 12.92
N ILE F 103 28.69 10.19 13.13
CA ILE F 103 28.80 8.96 13.91
C ILE F 103 29.17 9.34 15.34
N THR F 104 28.39 8.87 16.31
CA THR F 104 28.61 9.22 17.71
C THR F 104 28.74 7.93 18.53
N THR F 105 29.92 7.70 19.07
CA THR F 105 30.18 6.59 19.97
C THR F 105 30.49 7.13 21.36
N ILE F 106 30.46 6.22 22.35
CA ILE F 106 30.76 6.61 23.72
C ILE F 106 32.17 7.18 23.82
N LEU F 107 33.07 6.78 22.91
CA LEU F 107 34.42 7.32 22.91
C LEU F 107 34.44 8.74 22.35
N THR F 108 34.08 8.89 21.07
CA THR F 108 34.10 10.19 20.41
C THR F 108 32.95 10.24 19.41
N THR F 109 32.90 11.34 18.66
CA THR F 109 31.96 11.50 17.55
C THR F 109 32.75 11.63 16.26
N TYR F 110 32.45 10.79 15.28
CA TYR F 110 33.11 10.81 13.99
C TYR F 110 32.21 11.44 12.94
N TYR F 111 32.85 12.10 11.97
CA TYR F 111 32.16 12.65 10.82
C TYR F 111 32.87 12.20 9.56
N ASN F 112 32.10 11.62 8.62
CA ASN F 112 32.65 11.15 7.36
C ASN F 112 32.14 12.01 6.22
N PRO F 113 33.00 12.52 5.34
CA PRO F 113 32.53 13.39 4.26
C PRO F 113 32.01 12.63 3.05
N VAL F 114 30.70 12.56 2.89
CA VAL F 114 30.10 11.93 1.72
C VAL F 114 29.20 12.95 1.02
N ASP F 115 29.52 14.23 1.17
CA ASP F 115 28.70 15.29 0.59
C ASP F 115 28.85 15.31 -0.92
N TYR F 116 27.76 15.02 -1.63
CA TYR F 116 27.72 15.08 -3.08
C TYR F 116 26.51 15.90 -3.50
N TRP F 117 26.75 16.95 -4.27
CA TRP F 117 25.70 17.84 -4.74
C TRP F 117 25.26 17.45 -6.15
N GLY F 118 23.96 17.62 -6.41
CA GLY F 118 23.42 17.31 -7.72
C GLY F 118 23.37 18.54 -8.62
N GLN F 119 23.13 18.29 -9.90
CA GLN F 119 22.98 19.37 -10.86
C GLN F 119 21.89 20.32 -10.40
N GLY F 120 22.12 21.61 -10.59
CA GLY F 120 21.14 22.61 -10.22
C GLY F 120 19.88 22.51 -11.07
N THR F 121 18.88 23.30 -10.68
CA THR F 121 17.64 23.43 -11.42
C THR F 121 17.26 24.90 -11.43
N THR F 122 17.34 25.53 -12.60
CA THR F 122 17.06 26.96 -12.72
C THR F 122 15.56 27.16 -12.86
N LEU F 123 14.94 27.73 -11.84
CA LEU F 123 13.50 28.00 -11.84
C LEU F 123 13.27 29.48 -12.12
N THR F 124 12.36 29.76 -13.05
CA THR F 124 12.01 31.12 -13.42
C THR F 124 10.51 31.31 -13.22
N VAL F 125 10.12 32.48 -12.73
CA VAL F 125 8.73 32.82 -12.48
C VAL F 125 8.41 34.10 -13.24
N SER F 126 7.47 34.00 -14.18
CA SER F 126 7.08 35.15 -14.99
C SER F 126 5.84 34.76 -15.79
N SER F 127 5.10 35.78 -16.22
CA SER F 127 3.89 35.58 -17.00
C SER F 127 4.14 35.52 -18.50
N ALA F 128 5.32 35.95 -18.96
CA ALA F 128 5.62 36.00 -20.39
C ALA F 128 5.87 34.60 -20.92
N SER F 129 5.21 34.26 -22.02
CA SER F 129 5.41 32.97 -22.66
C SER F 129 6.86 32.81 -23.11
N THR F 130 7.30 31.57 -23.20
CA THR F 130 8.66 31.29 -23.63
C THR F 130 8.84 31.63 -25.10
N LYS F 131 10.04 32.12 -25.44
CA LYS F 131 10.37 32.50 -26.81
C LYS F 131 11.62 31.75 -27.24
N GLY F 132 11.53 31.05 -28.36
CA GLY F 132 12.65 30.29 -28.88
C GLY F 132 13.84 31.18 -29.18
N PRO F 133 15.04 30.62 -29.11
CA PRO F 133 16.24 31.41 -29.42
C PRO F 133 16.46 31.54 -30.92
N SER F 134 16.90 32.73 -31.33
CA SER F 134 17.24 33.02 -32.72
C SER F 134 18.77 33.09 -32.80
N VAL F 135 19.37 32.03 -33.33
CA VAL F 135 20.82 31.93 -33.42
C VAL F 135 21.28 32.55 -34.73
N PHE F 136 22.21 33.50 -34.64
CA PHE F 136 22.73 34.20 -35.81
C PHE F 136 24.22 33.96 -35.95
N PRO F 137 24.73 33.70 -37.16
CA PRO F 137 26.17 33.50 -37.31
C PRO F 137 26.95 34.79 -37.16
N LEU F 138 28.20 34.65 -36.76
CA LEU F 138 29.15 35.77 -36.71
C LEU F 138 30.34 35.37 -37.59
N ALA F 139 30.18 35.59 -38.89
CA ALA F 139 31.16 35.10 -39.84
C ALA F 139 32.46 35.88 -39.71
N PRO F 140 33.61 35.22 -39.84
CA PRO F 140 34.88 35.95 -39.84
C PRO F 140 35.18 36.54 -41.21
N SER F 141 35.68 37.78 -41.19
CA SER F 141 36.08 38.47 -42.40
C SER F 141 37.42 39.16 -42.12
N SER F 142 37.79 40.10 -42.98
CA SER F 142 39.03 40.85 -42.78
C SER F 142 39.07 41.47 -41.39
N LYS F 143 37.94 41.97 -40.91
CA LYS F 143 37.87 42.61 -39.60
C LYS F 143 37.83 41.62 -38.45
N SER F 144 37.77 40.33 -38.72
CA SER F 144 37.72 39.30 -37.68
C SER F 144 39.04 38.54 -37.55
N THR F 145 40.03 38.83 -38.40
CA THR F 145 41.33 38.20 -38.32
C THR F 145 42.29 39.14 -37.61
N SER F 146 43.03 38.62 -36.63
CA SER F 146 43.95 39.45 -35.85
C SER F 146 45.10 38.54 -35.39
N GLY F 147 46.17 38.52 -36.19
CA GLY F 147 47.36 37.77 -35.84
C GLY F 147 47.39 36.37 -36.42
N GLY F 148 47.04 36.25 -37.70
CA GLY F 148 47.01 34.98 -38.39
C GLY F 148 45.96 34.04 -37.83
N THR F 149 45.06 34.56 -36.99
CA THR F 149 44.01 33.78 -36.37
C THR F 149 42.67 34.48 -36.51
N ALA F 150 41.67 33.75 -37.00
CA ALA F 150 40.34 34.31 -37.17
C ALA F 150 39.48 34.00 -35.95
N ALA F 151 38.30 34.61 -35.91
CA ALA F 151 37.37 34.46 -34.79
C ALA F 151 35.96 34.19 -35.33
N LEU F 152 35.33 33.15 -34.84
CA LEU F 152 33.96 32.79 -35.20
C LEU F 152 33.04 33.08 -34.01
N GLY F 153 31.77 32.75 -34.18
CA GLY F 153 30.81 32.92 -33.10
C GLY F 153 29.37 32.78 -33.53
N CYS F 154 28.49 32.52 -32.56
CA CYS F 154 27.05 32.48 -32.78
C CYS F 154 26.37 33.41 -31.81
N LEU F 155 25.32 34.07 -32.26
CA LEU F 155 24.57 35.03 -31.45
C LEU F 155 23.16 34.49 -31.23
N VAL F 156 22.88 34.03 -30.02
CA VAL F 156 21.53 33.64 -29.63
C VAL F 156 20.81 34.88 -29.12
N LYS F 157 19.76 35.29 -29.83
CA LYS F 157 19.07 36.54 -29.53
C LYS F 157 17.61 36.28 -29.21
N ASP F 158 17.05 37.14 -28.36
CA ASP F 158 15.63 37.13 -28.01
C ASP F 158 15.15 35.73 -27.62
N TYR F 159 15.74 35.22 -26.55
CA TYR F 159 15.30 33.97 -25.95
C TYR F 159 14.95 34.19 -24.49
N PHE F 160 14.05 33.34 -23.99
CA PHE F 160 13.54 33.40 -22.64
C PHE F 160 12.74 32.13 -22.38
N PRO F 161 12.89 31.47 -21.22
CA PRO F 161 13.77 31.72 -20.06
C PRO F 161 15.25 31.49 -20.36
N GLU F 162 16.09 31.61 -19.33
CA GLU F 162 17.53 31.76 -19.52
C GLU F 162 18.27 30.47 -19.89
N PRO F 163 18.08 29.37 -19.17
CA PRO F 163 19.03 28.26 -19.28
C PRO F 163 19.18 27.70 -20.69
N VAL F 164 20.26 28.09 -21.37
CA VAL F 164 20.66 27.52 -22.65
C VAL F 164 22.12 27.11 -22.55
N THR F 165 22.49 26.10 -23.33
CA THR F 165 23.87 25.64 -23.42
C THR F 165 24.24 25.48 -24.89
N VAL F 166 25.46 25.89 -25.23
CA VAL F 166 25.96 25.80 -26.59
C VAL F 166 27.19 24.91 -26.61
N SER F 167 27.43 24.30 -27.76
CA SER F 167 28.60 23.46 -27.97
C SER F 167 29.00 23.53 -29.43
N TRP F 168 30.30 23.52 -29.68
CA TRP F 168 30.83 23.66 -31.03
C TRP F 168 31.26 22.29 -31.55
N ASN F 169 30.69 21.89 -32.69
CA ASN F 169 30.93 20.56 -33.25
C ASN F 169 30.57 19.47 -32.23
N SER F 170 29.44 19.65 -31.55
CA SER F 170 28.96 18.69 -30.57
C SER F 170 30.01 18.43 -29.49
N GLY F 171 30.53 19.52 -28.93
CA GLY F 171 31.54 19.41 -27.89
C GLY F 171 32.89 18.91 -28.36
N ALA F 172 33.08 18.72 -29.67
CA ALA F 172 34.35 18.23 -30.18
C ALA F 172 35.48 19.21 -29.87
N LEU F 173 35.33 20.45 -30.31
CA LEU F 173 36.32 21.48 -30.07
C LEU F 173 35.95 22.29 -28.83
N THR F 174 36.96 22.61 -28.03
CA THR F 174 36.75 23.41 -26.81
C THR F 174 37.79 24.50 -26.60
N SER F 175 38.95 24.44 -27.26
CA SER F 175 40.00 25.41 -27.04
C SER F 175 39.62 26.76 -27.65
N GLY F 176 40.00 27.83 -26.95
CA GLY F 176 39.73 29.17 -27.42
C GLY F 176 38.27 29.58 -27.42
N VAL F 177 37.40 28.80 -26.79
CA VAL F 177 35.97 29.09 -26.77
C VAL F 177 35.64 29.91 -25.54
N HIS F 178 34.78 30.90 -25.73
CA HIS F 178 34.31 31.74 -24.62
C HIS F 178 32.82 31.99 -24.84
N THR F 179 31.98 31.42 -23.98
CA THR F 179 30.55 31.67 -23.99
C THR F 179 30.26 32.74 -22.94
N PHE F 180 29.85 33.91 -23.38
CA PHE F 180 29.60 35.00 -22.46
C PHE F 180 28.28 34.80 -21.73
N PRO F 181 28.14 35.33 -20.51
CA PRO F 181 26.87 35.24 -19.81
C PRO F 181 25.80 36.09 -20.48
N ALA F 182 24.55 35.72 -20.23
CA ALA F 182 23.43 36.41 -20.85
C ALA F 182 23.14 37.72 -20.14
N VAL F 183 22.88 38.76 -20.91
CA VAL F 183 22.50 40.07 -20.39
C VAL F 183 21.05 40.31 -20.74
N LEU F 184 20.31 40.88 -19.80
CA LEU F 184 18.88 41.13 -19.98
C LEU F 184 18.69 42.37 -20.86
N GLN F 185 18.02 42.19 -22.00
CA GLN F 185 17.71 43.30 -22.88
C GLN F 185 16.57 44.13 -22.31
N SER F 186 16.35 45.30 -22.91
CA SER F 186 15.23 46.13 -22.52
C SER F 186 13.91 45.49 -22.91
N SER F 187 13.90 44.63 -23.93
CA SER F 187 12.70 43.92 -24.34
C SER F 187 12.28 42.85 -23.34
N GLY F 188 13.09 42.56 -22.33
CA GLY F 188 12.79 41.53 -21.37
C GLY F 188 13.28 40.15 -21.72
N LEU F 189 13.94 39.98 -22.86
CA LEU F 189 14.46 38.70 -23.29
C LEU F 189 15.99 38.71 -23.20
N TYR F 190 16.55 37.56 -22.83
CA TYR F 190 18.00 37.45 -22.67
C TYR F 190 18.68 37.35 -24.03
N SER F 191 20.01 37.42 -24.00
CA SER F 191 20.81 37.30 -25.22
C SER F 191 22.29 37.19 -24.88
N LEU F 192 22.86 35.99 -25.00
CA LEU F 192 24.28 35.77 -24.81
C LEU F 192 24.94 35.55 -26.17
N SER F 193 26.21 35.16 -26.15
CA SER F 193 26.95 34.89 -27.37
C SER F 193 28.21 34.13 -27.01
N SER F 194 28.55 33.13 -27.83
CA SER F 194 29.76 32.35 -27.66
C SER F 194 30.61 32.47 -28.92
N VAL F 195 31.92 32.37 -28.74
CA VAL F 195 32.88 32.58 -29.80
C VAL F 195 33.96 31.50 -29.71
N VAL F 196 34.87 31.52 -30.69
CA VAL F 196 35.96 30.57 -30.76
C VAL F 196 37.00 31.14 -31.71
N THR F 197 38.27 30.99 -31.35
CA THR F 197 39.38 31.46 -32.17
C THR F 197 40.03 30.27 -32.85
N VAL F 198 40.13 30.32 -34.18
CA VAL F 198 40.66 29.22 -34.98
C VAL F 198 41.68 29.80 -35.96
N PRO F 199 42.52 28.95 -36.54
CA PRO F 199 43.47 29.45 -37.54
C PRO F 199 42.78 29.83 -38.84
N SER F 200 43.49 30.62 -39.64
CA SER F 200 42.98 31.03 -40.94
C SER F 200 43.14 29.95 -42.00
N SER F 201 43.98 28.94 -41.75
CA SER F 201 44.11 27.83 -42.68
C SER F 201 42.94 26.86 -42.55
N SER F 202 42.47 26.64 -41.32
CA SER F 202 41.29 25.81 -41.09
C SER F 202 39.99 26.54 -41.36
N LEU F 203 40.05 27.68 -42.05
CA LEU F 203 38.85 28.49 -42.28
C LEU F 203 38.00 27.94 -43.42
N GLY F 204 38.63 27.36 -44.44
CA GLY F 204 37.90 26.81 -45.57
C GLY F 204 37.91 25.29 -45.59
N THR F 205 38.92 24.69 -44.96
CA THR F 205 39.09 23.24 -45.00
C THR F 205 38.34 22.52 -43.87
N GLN F 206 37.81 23.25 -42.89
CA GLN F 206 37.16 22.63 -41.74
C GLN F 206 35.89 23.38 -41.39
N THR F 207 34.89 22.64 -40.92
CA THR F 207 33.60 23.20 -40.59
C THR F 207 33.52 23.56 -39.11
N TYR F 208 32.65 24.53 -38.80
CA TYR F 208 32.42 24.96 -37.43
C TYR F 208 30.92 25.16 -37.25
N ILE F 209 30.31 24.35 -36.40
CA ILE F 209 28.87 24.36 -36.18
C ILE F 209 28.60 24.53 -34.69
N CYS F 210 27.81 25.54 -34.34
CA CYS F 210 27.41 25.78 -32.95
C CYS F 210 26.06 25.14 -32.71
N ASN F 211 25.94 24.41 -31.60
CA ASN F 211 24.73 23.65 -31.27
C ASN F 211 24.03 24.34 -30.11
N VAL F 212 22.96 25.08 -30.42
CA VAL F 212 22.17 25.78 -29.42
C VAL F 212 21.06 24.85 -28.95
N ASN F 213 20.76 24.89 -27.65
CA ASN F 213 19.75 24.02 -27.07
C ASN F 213 19.05 24.77 -25.94
N HIS F 214 17.75 25.01 -26.12
CA HIS F 214 16.91 25.65 -25.12
C HIS F 214 15.87 24.66 -24.64
N LYS F 215 15.76 24.49 -23.33
CA LYS F 215 14.91 23.44 -22.77
C LYS F 215 13.45 23.90 -22.69
N PRO F 216 13.16 25.02 -22.03
CA PRO F 216 11.76 25.48 -21.96
C PRO F 216 11.11 25.63 -23.33
N SER F 217 11.78 26.31 -24.27
CA SER F 217 11.26 26.46 -25.61
C SER F 217 11.17 25.12 -26.34
N ASN F 218 11.88 24.09 -25.86
CA ASN F 218 11.83 22.77 -26.46
C ASN F 218 12.30 22.81 -27.92
N THR F 219 13.37 23.56 -28.15
CA THR F 219 13.95 23.68 -29.48
C THR F 219 15.47 23.69 -29.39
N LYS F 220 16.11 22.92 -30.26
CA LYS F 220 17.57 22.87 -30.35
C LYS F 220 17.95 23.00 -31.81
N VAL F 221 18.72 24.04 -32.13
CA VAL F 221 19.05 24.38 -33.51
C VAL F 221 20.57 24.43 -33.65
N ASP F 222 21.08 23.79 -34.69
CA ASP F 222 22.49 23.85 -35.05
C ASP F 222 22.66 24.71 -36.30
N LYS F 223 23.79 25.42 -36.38
CA LYS F 223 24.00 26.34 -37.47
C LYS F 223 25.48 26.38 -37.84
N LYS F 224 25.75 26.31 -39.14
CA LYS F 224 27.11 26.30 -39.66
C LYS F 224 27.57 27.73 -39.91
N VAL F 225 28.73 28.08 -39.36
CA VAL F 225 29.33 29.40 -39.56
C VAL F 225 30.19 29.34 -40.81
N GLU F 226 29.86 30.17 -41.79
CA GLU F 226 30.62 30.27 -43.01
C GLU F 226 31.22 31.68 -43.15
N PRO F 227 32.45 31.81 -43.63
CA PRO F 227 33.06 33.14 -43.72
C PRO F 227 32.23 34.09 -44.58
N LYS F 228 32.33 35.37 -44.27
CA LYS F 228 31.55 36.37 -44.97
C LYS F 228 32.06 36.56 -46.39
N SER F 229 31.13 36.84 -47.30
CA SER F 229 31.45 37.07 -48.71
C SER F 229 30.99 38.47 -49.11
N CYS F 230 31.74 39.08 -50.03
CA CYS F 230 31.42 40.41 -50.52
C CYS F 230 30.31 40.29 -51.56
N HIS F 231 29.09 40.63 -51.15
CA HIS F 231 27.91 40.45 -52.00
C HIS F 231 27.81 41.62 -52.99
N HIS F 232 26.63 41.76 -53.61
CA HIS F 232 26.41 42.78 -54.63
C HIS F 232 26.70 44.18 -54.11
N HIS F 233 27.72 44.84 -54.66
CA HIS F 233 28.08 46.19 -54.24
C HIS F 233 29.13 46.78 -55.19
#